data_6DWD
#
_entry.id   6DWD
#
_cell.length_a   80.477
_cell.length_b   142.233
_cell.length_c   98.790
_cell.angle_alpha   90.00
_cell.angle_beta   114.10
_cell.angle_gamma   90.00
#
_symmetry.space_group_name_H-M   'P 1 21 1'
#
loop_
_entity.id
_entity.type
_entity.pdbx_description
1 polymer 'Deoxynucleoside triphosphate triphosphohydrolase SAMHD1'
2 non-polymer '9-{2-deoxy-2-fluoro-5-O-[(R)-hydroxy{[(S)-hydroxy(phosphonooxy)phosphoryl]oxy}phosphoryl]-beta-D-arabinofuranosyl}-2-me thyl-9H-purin-6-amine'
3 non-polymer "GUANOSINE-5'-TRIPHOSPHATE"
4 non-polymer 'MAGNESIUM ION'
5 non-polymer 'SODIUM ION'
6 non-polymer GLYCINE
7 non-polymer 'SUCCINIC ACID'
8 non-polymer 'PHOSPHATE ION'
9 non-polymer "3,3',3''-phosphanetriyltripropanoic acid"
10 water water
#
_entity_poly.entity_id   1
_entity_poly.type   'polypeptide(L)'
_entity_poly.pdbx_seq_one_letter_code
;MGSSHHHHHHSSGLVPRGSHMASMTGGQQMGRDPNSDTMKVINDPIHGHIELHPLLVRIIDTPQFQRLRYIKQLGGGYYV
FPGASHNRFEHSLGVGYLAGCLVHALGEKQPELQISERDVLCVQIAGLCRNLGHGPFSHMFDGRFIPLARPEVKWTHEQG
SVMMFEHLINSNGIKPVMEQYGLIPEEDICFIKEQIVGPLESPVEDSLWPYKGRPENKSFLYEIVSNKRNGIDVDKWDYF
ARDCHHLGIQNNFDYKRFIKFARVCEVDNELRICARDKEVGNLYDMFHTRNSLHRRAYQHKVGNIIDTMITDAFLKADDY
IEITGAGGKKYRISTAIDDMEAYTKLTDNIFLEILYSTDPKLKDAREILKQIEYRNLFKYVGETQPTGQIKIKREDYESL
PKEVASAKPKVLLDVKLKAEDFIVDVINMDYGMQEKNPIDHVSFYCKTAPNRAIRITKNQVSQLLPEKFAEQLIRVYCKK
VDRKSLYAARQYFVQWCADRNFTKPQDGDVIAPLITPQKKEWNDSTSVQNPTRLREASKSRVQLFKDDPM
;
_entity_poly.pdbx_strand_id   D,C,B,A
#
loop_
_chem_comp.id
_chem_comp.type
_chem_comp.name
_chem_comp.formula
GTP non-polymer GUANOSINE-5'-TRIPHOSPHATE 'C10 H16 N5 O14 P3'
HDV non-polymer '9-{2-deoxy-2-fluoro-5-O-[(R)-hydroxy{[(S)-hydroxy(phosphonooxy)phosphoryl]oxy}phosphoryl]-beta-D-arabinofuranosyl}-2-me thyl-9H-purin-6-amine' 'C11 H17 F N5 O12 P3'
MG non-polymer 'MAGNESIUM ION' 'Mg 2'
NA non-polymer 'SODIUM ION' 'Na 1'
PO4 non-polymer 'PHOSPHATE ION' 'O4 P -3'
SIN non-polymer 'SUCCINIC ACID' 'C4 H6 O4'
TCE non-polymer '3,3',3''-phosphanetriyltripropanoic acid' 'C9 H15 O6 P'
#
# COMPACT_ATOMS: atom_id res chain seq x y z
N ASP A 37 20.04 18.14 23.55
CA ASP A 37 18.57 18.27 23.28
C ASP A 37 18.27 19.01 21.95
N THR A 38 18.58 18.44 20.78
CA THR A 38 17.90 18.93 19.58
C THR A 38 16.68 17.99 19.37
N MET A 39 15.92 18.37 18.34
CA MET A 39 14.78 17.63 17.79
C MET A 39 15.18 16.16 17.43
N LYS A 40 14.28 15.21 17.58
CA LYS A 40 14.56 13.90 17.10
C LYS A 40 13.65 13.68 15.91
N VAL A 41 14.09 12.86 14.93
CA VAL A 41 13.27 12.39 13.83
C VAL A 41 13.01 10.93 14.12
N ILE A 42 11.76 10.51 14.03
CA ILE A 42 11.38 9.10 14.27
C ILE A 42 10.66 8.56 13.03
N ASN A 43 11.01 7.36 12.62
CA ASN A 43 10.35 6.75 11.43
C ASN A 43 9.21 5.89 11.95
N ASP A 44 7.98 6.30 11.56
CA ASP A 44 6.74 5.61 11.87
C ASP A 44 6.16 4.99 10.58
N PRO A 45 5.71 3.72 10.61
CA PRO A 45 5.24 3.10 9.40
C PRO A 45 4.00 3.76 8.82
N ILE A 46 3.19 4.45 9.65
CA ILE A 46 2.01 5.14 9.17
C ILE A 46 2.32 6.52 8.62
N HIS A 47 3.02 7.34 9.43
CA HIS A 47 3.26 8.73 9.05
C HIS A 47 4.61 9.02 8.43
N GLY A 48 5.47 8.05 8.41
CA GLY A 48 6.80 8.30 7.91
C GLY A 48 7.71 8.94 8.91
N HIS A 49 8.56 9.84 8.41
CA HIS A 49 9.58 10.55 9.29
C HIS A 49 8.94 11.77 10.03
N ILE A 50 8.80 11.66 11.32
CA ILE A 50 8.06 12.61 12.09
C ILE A 50 9.09 13.28 13.04
N GLU A 51 8.91 14.58 13.22
CA GLU A 51 9.82 15.38 14.09
C GLU A 51 9.24 15.47 15.46
N LEU A 52 10.09 15.27 16.45
CA LEU A 52 9.72 15.45 17.87
C LEU A 52 10.56 16.55 18.47
N HIS A 53 9.91 17.65 18.83
CA HIS A 53 10.54 18.76 19.55
C HIS A 53 11.22 18.24 20.79
N PRO A 54 12.30 18.85 21.22
CA PRO A 54 13.00 18.30 22.41
C PRO A 54 12.20 18.22 23.73
N LEU A 55 11.20 19.07 23.90
CA LEU A 55 10.38 18.96 25.08
C LEU A 55 9.56 17.67 25.00
N LEU A 56 9.14 17.31 23.79
CA LEU A 56 8.35 16.09 23.59
C LEU A 56 9.23 14.88 23.87
N VAL A 57 10.50 14.94 23.43
CA VAL A 57 11.46 13.85 23.67
C VAL A 57 11.65 13.67 25.19
N ARG A 58 11.70 14.78 25.94
CA ARG A 58 11.88 14.67 27.39
C ARG A 58 10.73 13.97 28.05
N ILE A 59 9.56 14.24 27.56
CA ILE A 59 8.32 13.60 28.08
C ILE A 59 8.26 12.12 27.72
N ILE A 60 8.64 11.79 26.50
CA ILE A 60 8.64 10.42 26.01
C ILE A 60 9.62 9.55 26.74
N ASP A 61 10.80 10.09 27.04
CA ASP A 61 11.86 9.30 27.65
C ASP A 61 11.73 9.25 29.18
N THR A 62 10.60 8.77 29.64
CA THR A 62 10.27 8.56 31.02
C THR A 62 9.61 7.21 31.18
N PRO A 63 9.69 6.64 32.42
CA PRO A 63 9.02 5.32 32.69
C PRO A 63 7.52 5.42 32.50
N GLN A 64 6.92 6.61 32.74
CA GLN A 64 5.51 6.77 32.66
C GLN A 64 4.99 6.74 31.22
N PHE A 65 5.82 7.21 30.29
CA PHE A 65 5.48 7.19 28.88
C PHE A 65 5.88 5.88 28.22
N GLN A 66 7.11 5.44 28.49
CA GLN A 66 7.58 4.18 27.95
C GLN A 66 6.75 2.94 28.30
N ARG A 67 6.05 3.03 29.41
CA ARG A 67 5.09 2.05 29.85
C ARG A 67 4.12 1.63 28.69
N LEU A 68 3.78 2.58 27.84
CA LEU A 68 2.83 2.36 26.74
C LEU A 68 3.35 1.41 25.67
N ARG A 69 4.66 1.11 25.72
CA ARG A 69 5.18 0.06 24.89
C ARG A 69 4.69 -1.31 25.28
N TYR A 70 4.07 -1.43 26.45
CA TYR A 70 3.73 -2.77 26.97
C TYR A 70 2.25 -2.97 27.13
N ILE A 71 1.48 -2.17 26.40
CA ILE A 71 0.04 -2.18 26.40
C ILE A 71 -0.46 -2.19 24.92
N LYS A 72 -1.06 -3.33 24.55
CA LYS A 72 -1.55 -3.51 23.18
C LYS A 72 -2.71 -2.57 22.95
N GLN A 73 -2.70 -1.93 21.80
CA GLN A 73 -3.74 -1.04 21.38
C GLN A 73 -5.09 -1.74 21.40
N LEU A 74 -5.14 -2.94 20.80
CA LEU A 74 -6.38 -3.64 20.59
C LEU A 74 -6.61 -4.82 21.52
N GLY A 75 -5.77 -4.96 22.54
CA GLY A 75 -5.96 -5.97 23.57
C GLY A 75 -6.09 -7.36 23.03
N GLY A 76 -7.22 -8.00 23.35
CA GLY A 76 -7.51 -9.35 22.92
C GLY A 76 -7.68 -9.51 21.43
N GLY A 77 -7.83 -8.40 20.68
CA GLY A 77 -7.85 -8.42 19.25
C GLY A 77 -6.64 -9.06 18.58
N TYR A 78 -5.46 -8.99 19.21
CA TYR A 78 -4.29 -9.65 18.68
C TYR A 78 -4.47 -11.19 18.58
N TYR A 79 -5.30 -11.73 19.46
CA TYR A 79 -5.58 -13.17 19.49
C TYR A 79 -6.56 -13.60 18.37
N VAL A 80 -7.04 -12.66 17.56
CA VAL A 80 -7.87 -12.89 16.36
C VAL A 80 -7.24 -12.42 15.05
N PHE A 81 -6.58 -11.25 15.12
CA PHE A 81 -5.88 -10.57 14.03
C PHE A 81 -4.38 -10.50 14.40
N PRO A 82 -3.62 -11.45 13.92
CA PRO A 82 -2.22 -11.57 14.36
C PRO A 82 -1.34 -10.39 13.93
N GLY A 83 -1.78 -9.53 13.02
CA GLY A 83 -1.03 -8.33 12.71
C GLY A 83 -1.19 -7.28 13.78
N ALA A 84 -2.14 -7.44 14.71
CA ALA A 84 -2.50 -6.36 15.65
C ALA A 84 -1.71 -6.45 16.96
N SER A 85 -0.38 -6.42 16.79
CA SER A 85 0.63 -6.50 17.80
C SER A 85 1.00 -5.07 18.28
N HIS A 86 0.45 -4.05 17.65
CA HIS A 86 0.86 -2.65 17.90
C HIS A 86 0.36 -2.23 19.34
N ASN A 87 1.17 -1.38 19.93
CA ASN A 87 0.99 -0.88 21.30
C ASN A 87 0.58 0.60 21.36
N ARG A 88 0.18 1.01 22.55
CA ARG A 88 -0.31 2.35 22.76
C ARG A 88 0.80 3.40 22.56
N PHE A 89 2.04 3.01 22.70
CA PHE A 89 3.17 3.92 22.54
C PHE A 89 3.22 4.55 21.15
N GLU A 90 3.32 3.71 20.14
CA GLU A 90 3.44 4.20 18.76
C GLU A 90 2.16 4.94 18.34
N HIS A 91 0.99 4.51 18.79
CA HIS A 91 -0.25 5.27 18.54
C HIS A 91 -0.14 6.66 19.15
N SER A 92 0.39 6.77 20.37
CA SER A 92 0.54 8.08 21.02
C SER A 92 1.46 9.01 20.22
N LEU A 93 2.57 8.49 19.72
CA LEU A 93 3.46 9.30 18.89
C LEU A 93 2.65 9.84 17.66
N GLY A 94 1.88 8.98 17.04
CA GLY A 94 1.09 9.39 15.84
C GLY A 94 0.04 10.45 16.15
N VAL A 95 -0.62 10.33 17.32
CA VAL A 95 -1.62 11.31 17.74
C VAL A 95 -0.94 12.65 17.99
N GLY A 96 0.21 12.66 18.65
CA GLY A 96 0.94 13.93 18.87
C GLY A 96 1.37 14.54 17.54
N TYR A 97 1.85 13.67 16.65
CA TYR A 97 2.15 14.10 15.30
C TYR A 97 1.02 14.78 14.58
N LEU A 98 -0.11 14.09 14.50
CA LEU A 98 -1.24 14.62 13.78
C LEU A 98 -1.82 15.88 14.44
N ALA A 99 -1.81 15.93 15.76
CA ALA A 99 -2.25 17.15 16.50
C ALA A 99 -1.41 18.33 16.07
N GLY A 100 -0.10 18.16 15.99
CA GLY A 100 0.80 19.18 15.41
C GLY A 100 0.53 19.53 13.94
N CYS A 101 0.26 18.55 13.10
CA CYS A 101 -0.13 18.78 11.71
C CYS A 101 -1.38 19.68 11.61
N LEU A 102 -2.40 19.39 12.38
CA LEU A 102 -3.66 20.13 12.25
C LEU A 102 -3.45 21.55 12.76
N VAL A 103 -2.88 21.71 13.95
CA VAL A 103 -2.70 23.06 14.49
C VAL A 103 -1.76 23.90 13.62
N HIS A 104 -0.69 23.31 13.08
CA HIS A 104 0.18 24.01 12.12
C HIS A 104 -0.55 24.41 10.84
N ALA A 105 -1.33 23.52 10.25
CA ALA A 105 -2.08 23.84 9.02
C ALA A 105 -3.07 25.00 9.25
N LEU A 106 -3.77 24.98 10.36
CA LEU A 106 -4.74 26.07 10.69
C LEU A 106 -4.03 27.38 10.83
N GLY A 107 -2.87 27.36 11.45
CA GLY A 107 -2.06 28.57 11.68
C GLY A 107 -1.49 29.08 10.38
N GLU A 108 -1.02 28.22 9.53
CA GLU A 108 -0.50 28.62 8.23
C GLU A 108 -1.53 29.25 7.31
N LYS A 109 -2.72 28.67 7.24
CA LYS A 109 -3.77 29.22 6.40
C LYS A 109 -4.42 30.47 7.02
N GLN A 110 -4.49 30.58 8.34
CA GLN A 110 -5.18 31.70 9.04
C GLN A 110 -4.28 32.31 10.11
N PRO A 111 -3.26 33.07 9.67
CA PRO A 111 -2.41 33.78 10.66
C PRO A 111 -3.18 34.63 11.62
N GLU A 112 -4.37 35.08 11.20
CA GLU A 112 -5.22 35.88 12.08
C GLU A 112 -5.69 35.18 13.35
N LEU A 113 -5.54 33.85 13.43
CA LEU A 113 -5.95 33.15 14.62
C LEU A 113 -4.94 33.34 15.78
N GLN A 114 -3.75 33.82 15.46
CA GLN A 114 -2.71 34.11 16.49
C GLN A 114 -2.27 32.84 17.22
N ILE A 115 -2.24 31.74 16.50
CA ILE A 115 -1.75 30.50 17.09
C ILE A 115 -0.25 30.66 17.32
N SER A 116 0.19 30.46 18.56
CA SER A 116 1.59 30.67 18.93
C SER A 116 2.35 29.33 18.98
N GLU A 117 3.68 29.39 19.03
CA GLU A 117 4.48 28.19 19.16
C GLU A 117 4.18 27.49 20.46
N ARG A 118 3.83 28.27 21.47
CA ARG A 118 3.43 27.72 22.73
C ARG A 118 2.13 26.86 22.62
N ASP A 119 1.15 27.41 21.92
CA ASP A 119 -0.09 26.71 21.62
C ASP A 119 0.22 25.39 20.89
N VAL A 120 1.08 25.45 19.88
CA VAL A 120 1.41 24.27 19.08
C VAL A 120 2.01 23.20 19.97
N LEU A 121 2.96 23.56 20.81
CA LEU A 121 3.55 22.59 21.72
C LEU A 121 2.60 22.00 22.72
N CYS A 122 1.71 22.81 23.27
CA CYS A 122 0.70 22.33 24.20
C CYS A 122 -0.28 21.32 23.56
N VAL A 123 -0.69 21.62 22.34
CA VAL A 123 -1.54 20.72 21.60
C VAL A 123 -0.80 19.39 21.30
N GLN A 124 0.44 19.49 20.86
CA GLN A 124 1.22 18.29 20.59
C GLN A 124 1.39 17.47 21.87
N ILE A 125 1.66 18.13 23.01
CA ILE A 125 1.81 17.39 24.25
C ILE A 125 0.54 16.69 24.65
N ALA A 126 -0.60 17.34 24.51
CA ALA A 126 -1.89 16.69 24.83
C ALA A 126 -2.13 15.49 23.90
N GLY A 127 -1.83 15.65 22.60
CA GLY A 127 -1.97 14.56 21.64
C GLY A 127 -1.10 13.38 22.04
N LEU A 128 0.15 13.69 22.40
CA LEU A 128 1.10 12.65 22.85
C LEU A 128 0.66 11.92 24.09
N CYS A 129 0.02 12.67 25.00
CA CYS A 129 -0.27 12.17 26.34
C CYS A 129 -1.66 11.69 26.64
N ARG A 130 -2.55 11.80 25.67
CA ARG A 130 -3.91 11.39 25.92
C ARG A 130 -4.17 9.89 26.01
N ASN A 131 -3.14 9.05 25.81
CA ASN A 131 -3.29 7.60 26.02
C ASN A 131 -2.53 7.13 27.26
N LEU A 132 -1.98 8.03 28.08
CA LEU A 132 -1.20 7.63 29.25
C LEU A 132 -1.97 6.82 30.29
N GLY A 133 -3.29 6.94 30.31
CA GLY A 133 -4.09 6.31 31.36
C GLY A 133 -4.58 4.94 31.09
N HIS A 134 -4.34 4.45 29.88
CA HIS A 134 -4.80 3.09 29.51
C HIS A 134 -4.08 2.07 30.39
N GLY A 135 -4.81 0.96 30.63
CA GLY A 135 -4.35 -0.12 31.45
C GLY A 135 -4.11 -1.32 30.59
N PRO A 136 -3.74 -2.44 31.22
CA PRO A 136 -3.56 -3.69 30.52
C PRO A 136 -4.64 -3.99 29.49
N PHE A 137 -4.21 -4.31 28.25
CA PHE A 137 -5.12 -4.68 27.18
C PHE A 137 -6.14 -3.57 26.84
N SER A 138 -5.75 -2.33 27.10
CA SER A 138 -6.48 -1.14 26.73
C SER A 138 -7.94 -1.19 27.17
N HIS A 139 -8.88 -1.25 26.21
CA HIS A 139 -10.28 -1.21 26.62
C HIS A 139 -10.81 -2.38 27.47
N MET A 140 -10.13 -3.48 27.48
CA MET A 140 -10.47 -4.50 28.43
C MET A 140 -10.44 -4.02 29.86
N PHE A 141 -9.47 -3.19 30.17
CA PHE A 141 -9.22 -2.74 31.52
C PHE A 141 -10.32 -1.79 32.06
N ASP A 142 -10.54 -0.72 31.31
CA ASP A 142 -11.52 0.31 31.73
C ASP A 142 -12.92 -0.12 31.32
N GLY A 143 -13.07 -0.90 30.25
CA GLY A 143 -14.39 -1.28 29.74
C GLY A 143 -14.97 -2.52 30.46
N ARG A 144 -14.12 -3.46 30.91
CA ARG A 144 -14.63 -4.76 31.45
C ARG A 144 -14.13 -5.04 32.84
N PHE A 145 -12.82 -4.88 33.10
CA PHE A 145 -12.26 -5.33 34.37
C PHE A 145 -12.57 -4.38 35.53
N ILE A 146 -12.27 -3.09 35.38
CA ILE A 146 -12.52 -2.17 36.48
C ILE A 146 -14.04 -2.12 36.87
N PRO A 147 -14.95 -2.03 35.89
CA PRO A 147 -16.38 -2.05 36.24
C PRO A 147 -16.82 -3.25 37.05
N LEU A 148 -16.20 -4.41 36.85
CA LEU A 148 -16.51 -5.62 37.59
C LEU A 148 -15.75 -5.70 38.89
N ALA A 149 -14.47 -5.34 38.91
CA ALA A 149 -13.67 -5.39 40.15
C ALA A 149 -14.03 -4.30 41.12
N ARG A 150 -14.33 -3.10 40.61
CA ARG A 150 -14.58 -1.93 41.45
C ARG A 150 -15.81 -1.22 40.97
N PRO A 151 -16.97 -1.87 41.11
CA PRO A 151 -18.26 -1.30 40.62
C PRO A 151 -18.65 0.03 41.26
N GLU A 152 -18.11 0.32 42.44
CA GLU A 152 -18.34 1.63 43.11
C GLU A 152 -17.54 2.83 42.53
N VAL A 153 -16.45 2.58 41.81
CA VAL A 153 -15.55 3.64 41.40
C VAL A 153 -15.99 4.05 39.98
N LYS A 154 -15.70 5.28 39.58
CA LYS A 154 -16.00 5.78 38.26
C LYS A 154 -14.66 6.13 37.58
N TRP A 155 -14.04 5.12 36.96
CA TRP A 155 -12.74 5.26 36.31
C TRP A 155 -12.87 5.32 34.82
N THR A 156 -12.14 6.24 34.23
CA THR A 156 -12.00 6.31 32.77
C THR A 156 -10.48 6.44 32.46
N HIS A 157 -10.13 6.00 31.25
CA HIS A 157 -8.79 6.16 30.76
C HIS A 157 -8.41 7.65 30.68
N GLU A 158 -9.39 8.52 30.40
CA GLU A 158 -9.16 9.96 30.38
C GLU A 158 -8.69 10.50 31.72
N GLN A 159 -9.39 10.12 32.78
CA GLN A 159 -8.99 10.53 34.12
C GLN A 159 -7.61 9.96 34.47
N GLY A 160 -7.41 8.69 34.11
CA GLY A 160 -6.12 8.04 34.24
C GLY A 160 -5.02 8.80 33.53
N SER A 161 -5.31 9.26 32.32
CA SER A 161 -4.30 10.00 31.53
C SER A 161 -3.90 11.32 32.25
N VAL A 162 -4.88 12.02 32.82
CA VAL A 162 -4.60 13.22 33.61
C VAL A 162 -3.74 12.87 34.82
N MET A 163 -4.08 11.87 35.57
CA MET A 163 -3.32 11.53 36.73
C MET A 163 -1.91 11.07 36.36
N MET A 164 -1.79 10.29 35.29
CA MET A 164 -0.46 9.82 34.89
C MET A 164 0.41 10.95 34.34
N PHE A 165 -0.19 11.92 33.64
CA PHE A 165 0.53 13.03 33.10
C PHE A 165 1.13 13.84 34.28
N GLU A 166 0.29 14.08 35.28
CA GLU A 166 0.73 14.80 36.48
C GLU A 166 1.92 14.09 37.17
N HIS A 167 1.80 12.75 37.28
CA HIS A 167 2.86 11.92 37.84
C HIS A 167 4.13 11.99 36.98
N LEU A 168 3.94 11.99 35.64
CA LEU A 168 5.08 12.06 34.75
C LEU A 168 5.82 13.42 34.93
N ILE A 169 5.06 14.49 34.94
CA ILE A 169 5.61 15.84 35.05
C ILE A 169 6.39 15.96 36.37
N ASN A 170 5.73 15.59 37.47
CA ASN A 170 6.36 15.74 38.82
C ASN A 170 7.50 14.80 39.10
N SER A 171 7.46 13.57 38.59
CA SER A 171 8.51 12.63 38.81
C SER A 171 9.72 12.85 37.94
N ASN A 172 9.62 13.67 36.89
CA ASN A 172 10.73 13.77 35.94
C ASN A 172 11.27 15.19 35.72
N GLY A 173 10.85 16.13 36.55
CA GLY A 173 11.35 17.49 36.46
C GLY A 173 11.01 18.17 35.15
N ILE A 174 9.80 17.97 34.65
CA ILE A 174 9.46 18.48 33.35
C ILE A 174 9.10 19.97 33.40
N LYS A 175 8.63 20.48 34.52
CA LYS A 175 8.22 21.89 34.54
C LYS A 175 9.31 22.91 34.14
N PRO A 176 10.53 22.76 34.64
CA PRO A 176 11.59 23.67 34.21
C PRO A 176 11.94 23.48 32.76
N VAL A 177 11.71 22.30 32.21
CA VAL A 177 11.84 22.12 30.79
C VAL A 177 10.69 22.76 30.08
N MET A 178 9.45 22.70 30.54
CA MET A 178 8.44 23.45 29.83
C MET A 178 8.77 24.96 29.70
N GLU A 179 9.23 25.49 30.78
CA GLU A 179 9.64 26.89 30.94
C GLU A 179 10.75 27.27 30.01
N GLN A 180 11.77 26.45 29.93
CA GLN A 180 12.84 26.64 29.00
C GLN A 180 12.35 26.85 27.58
N TYR A 181 11.24 26.16 27.21
CA TYR A 181 10.72 26.23 25.85
C TYR A 181 9.54 27.14 25.73
N GLY A 182 9.34 28.01 26.71
CA GLY A 182 8.39 29.08 26.55
C GLY A 182 7.02 28.78 27.08
N LEU A 183 6.81 27.58 27.65
CA LEU A 183 5.52 27.31 28.22
C LEU A 183 5.41 27.96 29.62
N ILE A 184 4.19 28.16 30.07
CA ILE A 184 3.92 28.67 31.41
C ILE A 184 3.19 27.52 32.12
N PRO A 185 3.92 26.74 32.95
CA PRO A 185 3.38 25.47 33.43
C PRO A 185 2.06 25.48 34.10
N GLU A 186 1.79 26.43 34.96
CA GLU A 186 0.50 26.48 35.62
C GLU A 186 -0.67 26.48 34.58
N GLU A 187 -0.67 27.47 33.70
CA GLU A 187 -1.74 27.61 32.69
C GLU A 187 -1.69 26.44 31.68
N ASP A 188 -0.50 26.05 31.29
CA ASP A 188 -0.33 25.11 30.15
C ASP A 188 -0.56 23.69 30.57
N ILE A 189 -0.21 23.32 31.81
CA ILE A 189 -0.58 22.01 32.35
C ILE A 189 -2.08 21.86 32.40
N CYS A 190 -2.72 22.90 32.88
CA CYS A 190 -4.19 22.96 32.92
C CYS A 190 -4.79 22.79 31.52
N PHE A 191 -4.24 23.51 30.55
CA PHE A 191 -4.66 23.45 29.15
C PHE A 191 -4.53 22.01 28.60
N ILE A 192 -3.37 21.42 28.83
CA ILE A 192 -3.11 20.04 28.39
C ILE A 192 -4.10 19.07 29.02
N LYS A 193 -4.34 19.18 30.32
CA LYS A 193 -5.26 18.28 30.99
C LYS A 193 -6.68 18.46 30.46
N GLU A 194 -7.07 19.72 30.24
CA GLU A 194 -8.39 20.02 29.72
C GLU A 194 -8.60 19.46 28.31
N GLN A 195 -7.57 19.47 27.49
CA GLN A 195 -7.65 18.83 26.16
C GLN A 195 -7.92 17.34 26.27
N ILE A 196 -7.37 16.70 27.31
CA ILE A 196 -7.50 15.27 27.55
C ILE A 196 -8.83 14.87 28.12
N VAL A 197 -9.29 15.57 29.14
CA VAL A 197 -10.44 15.13 29.94
C VAL A 197 -11.63 16.11 29.83
N GLY A 198 -11.43 17.31 29.29
CA GLY A 198 -12.47 18.33 29.23
C GLY A 198 -12.41 19.24 30.41
N PRO A 199 -13.45 20.12 30.58
CA PRO A 199 -13.36 21.13 31.64
C PRO A 199 -13.07 20.50 33.01
N LEU A 200 -12.05 21.03 33.72
CA LEU A 200 -11.63 20.49 35.05
C LEU A 200 -12.63 20.87 36.19
N GLU A 201 -13.57 21.79 35.93
CA GLU A 201 -14.79 21.95 36.75
C GLU A 201 -16.00 21.32 36.04
N LEU A 208 -21.44 30.17 29.37
CA LEU A 208 -20.22 30.64 30.08
C LEU A 208 -19.05 29.69 29.71
N TRP A 209 -17.95 30.27 29.22
CA TRP A 209 -16.78 29.51 28.74
C TRP A 209 -16.17 28.72 29.90
N PRO A 210 -16.26 27.37 29.85
CA PRO A 210 -15.88 26.54 31.02
C PRO A 210 -14.39 26.19 31.22
N TYR A 211 -13.54 26.60 30.31
CA TYR A 211 -12.13 26.23 30.32
C TYR A 211 -11.31 27.33 30.94
N LYS A 212 -10.26 26.93 31.62
CA LYS A 212 -9.30 27.81 32.24
C LYS A 212 -7.92 27.88 31.51
N GLY A 213 -7.55 26.86 30.75
CA GLY A 213 -6.19 26.84 30.19
C GLY A 213 -5.97 27.78 29.04
N ARG A 214 -7.03 28.05 28.30
CA ARG A 214 -7.03 29.03 27.22
C ARG A 214 -8.38 29.78 27.22
N PRO A 215 -8.36 31.01 26.67
CA PRO A 215 -9.59 31.81 26.46
C PRO A 215 -10.38 31.43 25.17
N GLU A 216 -11.59 31.97 25.11
CA GLU A 216 -12.56 31.62 24.07
C GLU A 216 -12.10 31.86 22.66
N ASN A 217 -11.20 32.84 22.54
CA ASN A 217 -10.65 33.15 21.24
C ASN A 217 -9.72 32.02 20.68
N LYS A 218 -9.39 31.04 21.54
CA LYS A 218 -8.65 29.84 21.14
C LYS A 218 -9.47 28.56 21.38
N SER A 219 -10.80 28.71 21.42
CA SER A 219 -11.71 27.58 21.50
C SER A 219 -11.47 26.44 20.57
N PHE A 220 -11.19 26.77 19.31
CA PHE A 220 -10.90 25.76 18.28
C PHE A 220 -9.74 24.79 18.69
N LEU A 221 -8.85 25.27 19.54
CA LEU A 221 -7.70 24.42 19.93
C LEU A 221 -8.14 23.21 20.72
N TYR A 222 -9.29 23.29 21.42
CA TYR A 222 -9.84 22.19 22.12
C TYR A 222 -10.53 21.17 21.24
N GLU A 223 -10.60 21.41 19.92
CA GLU A 223 -11.26 20.49 19.01
C GLU A 223 -10.27 19.58 18.28
N ILE A 224 -9.00 19.64 18.64
CA ILE A 224 -7.96 18.91 17.89
C ILE A 224 -7.72 17.48 18.46
N VAL A 225 -7.40 17.39 19.76
CA VAL A 225 -6.97 16.16 20.40
C VAL A 225 -8.11 15.25 20.81
N SER A 226 -9.08 15.81 21.50
CA SER A 226 -10.25 15.02 21.85
C SER A 226 -11.43 15.97 21.73
N ASN A 227 -12.21 15.79 20.67
CA ASN A 227 -13.19 16.75 20.27
C ASN A 227 -14.49 16.34 20.91
N LYS A 228 -14.85 17.05 21.98
CA LYS A 228 -16.05 16.69 22.74
C LYS A 228 -17.31 17.28 22.08
N ARG A 229 -17.16 18.13 21.10
CA ARG A 229 -18.33 18.73 20.39
C ARG A 229 -18.96 17.75 19.37
N ASN A 230 -18.11 17.09 18.53
CA ASN A 230 -18.61 16.20 17.51
C ASN A 230 -17.77 14.94 17.27
N GLY A 231 -16.68 14.77 18.02
CA GLY A 231 -15.80 13.62 17.86
C GLY A 231 -14.83 13.62 16.72
N ILE A 232 -14.77 14.70 15.95
CA ILE A 232 -13.86 14.75 14.81
C ILE A 232 -12.49 15.21 15.31
N ASP A 233 -11.60 14.27 15.63
CA ASP A 233 -10.30 14.60 16.22
C ASP A 233 -9.19 13.73 15.62
N VAL A 234 -7.93 14.12 15.90
CA VAL A 234 -6.76 13.51 15.24
C VAL A 234 -6.49 12.17 15.86
N ASP A 235 -7.06 11.90 17.03
CA ASP A 235 -6.88 10.61 17.69
C ASP A 235 -7.52 9.49 16.82
N LYS A 236 -8.74 9.71 16.32
CA LYS A 236 -9.42 8.82 15.41
C LYS A 236 -8.60 8.69 14.14
N TRP A 237 -8.07 9.77 13.62
CA TRP A 237 -7.33 9.67 12.33
C TRP A 237 -6.11 8.76 12.43
N ASP A 238 -5.39 8.87 13.55
CA ASP A 238 -4.23 7.97 13.73
C ASP A 238 -4.74 6.50 13.88
N TYR A 239 -5.72 6.23 14.74
CA TYR A 239 -6.09 4.83 14.92
C TYR A 239 -6.72 4.23 13.72
N PHE A 240 -7.48 4.99 12.92
CA PHE A 240 -7.99 4.43 11.71
C PHE A 240 -6.87 3.88 10.82
N ALA A 241 -5.87 4.73 10.59
CA ALA A 241 -4.75 4.35 9.73
C ALA A 241 -3.89 3.26 10.32
N ARG A 242 -3.58 3.38 11.60
CA ARG A 242 -2.66 2.44 12.24
C ARG A 242 -3.30 1.07 12.47
N ASP A 243 -4.53 1.07 13.01
CA ASP A 243 -5.23 -0.20 13.19
C ASP A 243 -5.41 -0.92 11.86
N CYS A 244 -5.81 -0.17 10.82
CA CYS A 244 -5.98 -0.78 9.49
C CYS A 244 -4.70 -1.42 9.00
N HIS A 245 -3.60 -0.68 9.12
CA HIS A 245 -2.28 -1.19 8.72
C HIS A 245 -1.90 -2.52 9.38
N HIS A 246 -2.23 -2.67 10.67
CA HIS A 246 -1.88 -3.85 11.45
C HIS A 246 -2.92 -4.94 11.33
N LEU A 247 -4.21 -4.59 11.29
CA LEU A 247 -5.24 -5.58 11.21
C LEU A 247 -5.24 -6.29 9.85
N GLY A 248 -4.89 -5.57 8.77
CA GLY A 248 -5.03 -6.07 7.42
C GLY A 248 -6.41 -5.77 6.85
N ILE A 249 -6.99 -4.62 7.24
CA ILE A 249 -8.28 -4.08 6.69
C ILE A 249 -7.91 -2.71 6.19
N GLN A 250 -8.54 -2.23 5.12
CA GLN A 250 -8.01 -1.04 4.45
C GLN A 250 -8.86 0.17 4.92
N ASN A 251 -8.11 1.29 5.13
CA ASN A 251 -8.69 2.56 5.62
C ASN A 251 -9.20 3.37 4.36
N ASN A 252 -10.47 3.75 4.40
CA ASN A 252 -11.13 4.55 3.39
C ASN A 252 -11.30 6.15 3.72
N PHE A 253 -10.93 6.54 4.91
CA PHE A 253 -10.98 7.96 5.34
C PHE A 253 -9.65 8.65 5.01
N ASP A 254 -9.69 9.83 4.37
CA ASP A 254 -8.46 10.58 4.03
C ASP A 254 -8.30 11.80 4.94
N TYR A 255 -7.51 11.67 6.00
CA TYR A 255 -7.34 12.74 6.98
C TYR A 255 -6.59 13.91 6.39
N LYS A 256 -5.64 13.66 5.50
CA LYS A 256 -4.90 14.75 4.90
C LYS A 256 -5.80 15.65 4.07
N ARG A 257 -6.77 15.08 3.38
CA ARG A 257 -7.75 15.88 2.66
C ARG A 257 -8.53 16.74 3.66
N PHE A 258 -8.98 16.12 4.73
CA PHE A 258 -9.72 16.86 5.76
C PHE A 258 -8.93 18.10 6.22
N ILE A 259 -7.67 17.90 6.55
CA ILE A 259 -6.80 18.98 6.99
C ILE A 259 -6.74 20.08 5.99
N LYS A 260 -6.58 19.72 4.72
CA LYS A 260 -6.53 20.69 3.67
C LYS A 260 -7.77 21.53 3.55
N PHE A 261 -8.92 20.98 3.89
CA PHE A 261 -10.16 21.67 3.75
C PHE A 261 -10.67 22.25 5.06
N ALA A 262 -9.90 22.23 6.13
CA ALA A 262 -10.41 22.61 7.44
C ALA A 262 -10.09 24.08 7.63
N ARG A 263 -11.01 24.84 8.26
CA ARG A 263 -10.81 26.29 8.52
C ARG A 263 -11.41 26.55 9.86
N VAL A 264 -11.06 27.68 10.48
CA VAL A 264 -11.71 28.08 11.72
C VAL A 264 -12.68 29.23 11.36
N CYS A 265 -13.90 29.08 11.85
CA CYS A 265 -14.95 30.10 11.66
C CYS A 265 -15.65 30.39 12.94
N GLU A 266 -16.24 31.60 13.05
CA GLU A 266 -17.09 31.89 14.19
C GLU A 266 -18.44 31.26 13.97
N VAL A 267 -18.87 30.49 14.96
CA VAL A 267 -20.22 29.87 14.99
C VAL A 267 -20.78 30.17 16.41
N ASP A 268 -21.98 30.76 16.42
CA ASP A 268 -22.70 31.20 17.64
C ASP A 268 -21.74 31.75 18.69
N ASN A 269 -20.98 32.78 18.32
CA ASN A 269 -20.02 33.47 19.17
C ASN A 269 -18.79 32.71 19.62
N GLU A 270 -18.46 31.58 18.97
CA GLU A 270 -17.32 30.81 19.38
C GLU A 270 -16.52 30.37 18.13
N LEU A 271 -15.19 30.28 18.20
CA LEU A 271 -14.34 29.95 17.07
C LEU A 271 -14.23 28.42 17.04
N ARG A 272 -14.73 27.86 15.96
CA ARG A 272 -14.76 26.37 15.76
C ARG A 272 -14.03 25.96 14.48
N ILE A 273 -13.55 24.70 14.49
CA ILE A 273 -12.98 24.17 13.28
C ILE A 273 -14.15 23.77 12.38
N CYS A 274 -14.18 24.25 11.13
CA CYS A 274 -15.25 24.01 10.21
C CYS A 274 -14.70 23.27 8.94
N ALA A 275 -15.57 22.56 8.27
CA ALA A 275 -15.18 21.81 7.06
C ALA A 275 -15.76 22.52 5.85
N ARG A 276 -15.18 22.29 4.69
CA ARG A 276 -15.83 22.71 3.47
C ARG A 276 -17.13 22.01 3.29
N ASP A 277 -18.12 22.74 2.87
CA ASP A 277 -19.48 22.28 2.68
C ASP A 277 -19.56 20.93 1.91
N LYS A 278 -18.87 20.91 0.77
CA LYS A 278 -18.88 19.71 -0.06
C LYS A 278 -18.18 18.52 0.52
N GLU A 279 -17.43 18.65 1.60
CA GLU A 279 -16.83 17.55 2.28
C GLU A 279 -17.79 16.80 3.24
N VAL A 280 -19.05 17.22 3.30
CA VAL A 280 -19.95 16.66 4.33
C VAL A 280 -20.11 15.12 4.16
N GLY A 281 -20.25 14.65 2.91
CA GLY A 281 -20.28 13.21 2.63
C GLY A 281 -19.08 12.46 3.16
N ASN A 282 -17.90 13.03 3.08
CA ASN A 282 -16.72 12.45 3.66
C ASN A 282 -16.76 12.33 5.16
N LEU A 283 -17.44 13.26 5.84
CA LEU A 283 -17.60 13.16 7.27
C LEU A 283 -18.60 12.11 7.70
N TYR A 284 -19.73 12.02 7.02
CA TYR A 284 -20.59 10.88 7.21
C TYR A 284 -19.79 9.60 6.99
N ASP A 285 -19.00 9.52 5.93
CA ASP A 285 -18.18 8.35 5.69
C ASP A 285 -17.12 8.17 6.78
N MET A 286 -16.58 9.17 7.42
CA MET A 286 -15.66 8.96 8.56
C MET A 286 -16.25 8.15 9.68
N PHE A 287 -17.48 8.49 10.07
CA PHE A 287 -18.22 7.77 11.09
C PHE A 287 -18.62 6.39 10.64
N HIS A 288 -18.97 6.25 9.36
CA HIS A 288 -19.28 4.91 8.81
C HIS A 288 -17.99 3.99 8.97
N THR A 289 -16.84 4.59 8.68
CA THR A 289 -15.54 3.88 8.80
C THR A 289 -15.32 3.42 10.22
N ARG A 290 -15.55 4.31 11.16
CA ARG A 290 -15.40 3.97 12.57
C ARG A 290 -16.32 2.80 12.96
N ASN A 291 -17.59 2.87 12.49
CA ASN A 291 -18.53 1.80 12.83
C ASN A 291 -18.12 0.48 12.20
N SER A 292 -17.58 0.52 10.98
CA SER A 292 -17.16 -0.70 10.26
C SER A 292 -15.93 -1.31 10.95
N LEU A 293 -15.03 -0.48 11.45
CA LEU A 293 -13.86 -0.99 12.20
C LEU A 293 -14.29 -1.68 13.54
N HIS A 294 -15.28 -1.08 14.20
CA HIS A 294 -15.87 -1.73 15.33
C HIS A 294 -16.55 -3.07 14.97
N ARG A 295 -17.31 -3.07 13.90
CA ARG A 295 -18.01 -4.30 13.49
C ARG A 295 -17.02 -5.40 13.06
N ARG A 296 -16.08 -5.06 12.22
CA ARG A 296 -15.13 -6.05 11.72
C ARG A 296 -14.12 -6.55 12.74
N ALA A 297 -13.62 -5.61 13.54
CA ALA A 297 -12.44 -5.85 14.37
C ALA A 297 -12.70 -5.67 15.84
N TYR A 298 -12.99 -4.45 16.30
CA TYR A 298 -12.91 -4.19 17.73
C TYR A 298 -13.98 -4.95 18.51
N GLN A 299 -15.11 -5.22 17.86
CA GLN A 299 -16.16 -6.01 18.49
C GLN A 299 -16.24 -7.40 17.90
N HIS A 300 -15.14 -7.90 17.33
CA HIS A 300 -15.14 -9.23 16.84
C HIS A 300 -15.63 -10.19 17.97
N LYS A 301 -16.57 -11.07 17.67
CA LYS A 301 -17.18 -11.89 18.72
C LYS A 301 -16.18 -12.78 19.48
N VAL A 302 -15.15 -13.24 18.78
CA VAL A 302 -14.10 -14.04 19.42
C VAL A 302 -13.10 -13.17 20.19
N GLY A 303 -12.75 -12.01 19.62
CA GLY A 303 -11.91 -11.07 20.35
C GLY A 303 -12.57 -10.67 21.65
N ASN A 304 -13.88 -10.47 21.61
CA ASN A 304 -14.61 -10.10 22.82
C ASN A 304 -14.63 -11.21 23.87
N ILE A 305 -14.78 -12.46 23.44
CA ILE A 305 -14.82 -13.54 24.40
C ILE A 305 -13.44 -13.73 25.02
N ILE A 306 -12.39 -13.53 24.22
CA ILE A 306 -11.02 -13.59 24.75
C ILE A 306 -10.80 -12.48 25.75
N ASP A 307 -11.20 -11.25 25.48
CA ASP A 307 -11.14 -10.17 26.49
C ASP A 307 -11.94 -10.54 27.76
N THR A 308 -13.10 -11.17 27.57
CA THR A 308 -13.89 -11.66 28.69
C THR A 308 -13.13 -12.71 29.46
N MET A 309 -12.48 -13.65 28.85
CA MET A 309 -11.74 -14.63 29.61
C MET A 309 -10.57 -14.06 30.32
N ILE A 310 -9.94 -13.05 29.72
CA ILE A 310 -8.72 -12.50 30.32
C ILE A 310 -9.18 -11.75 31.53
N THR A 311 -10.30 -11.03 31.40
CA THR A 311 -10.88 -10.27 32.51
C THR A 311 -11.21 -11.19 33.68
N ASP A 312 -11.76 -12.33 33.38
CA ASP A 312 -12.10 -13.33 34.39
C ASP A 312 -10.86 -13.82 35.11
N ALA A 313 -9.80 -14.10 34.35
CA ALA A 313 -8.51 -14.45 34.95
C ALA A 313 -7.97 -13.35 35.87
N PHE A 314 -8.05 -12.09 35.43
CA PHE A 314 -7.56 -10.99 36.23
C PHE A 314 -8.36 -10.86 37.51
N LEU A 315 -9.65 -11.07 37.44
CA LEU A 315 -10.51 -11.02 38.64
C LEU A 315 -10.12 -12.09 39.63
N LYS A 316 -9.84 -13.30 39.14
CA LYS A 316 -9.40 -14.41 40.00
C LYS A 316 -8.00 -14.22 40.56
N ALA A 317 -7.18 -13.42 39.87
CA ALA A 317 -5.82 -13.11 40.31
C ALA A 317 -5.73 -11.91 41.19
N ASP A 318 -6.78 -11.10 41.23
CA ASP A 318 -6.70 -9.77 41.82
C ASP A 318 -6.41 -9.79 43.35
N ASP A 319 -6.89 -10.84 44.02
CA ASP A 319 -6.63 -11.01 45.45
C ASP A 319 -5.20 -11.35 45.78
N TYR A 320 -4.42 -11.84 44.80
CA TYR A 320 -3.06 -12.37 45.03
C TYR A 320 -1.87 -11.60 44.40
N ILE A 321 -2.08 -10.86 43.31
CA ILE A 321 -0.96 -10.13 42.71
C ILE A 321 -0.80 -8.85 43.49
N GLU A 322 0.46 -8.50 43.78
CA GLU A 322 0.81 -7.31 44.49
C GLU A 322 1.64 -6.39 43.62
N ILE A 323 1.36 -5.09 43.69
CA ILE A 323 2.09 -4.12 42.95
C ILE A 323 2.51 -3.08 43.95
N THR A 324 3.81 -2.87 44.05
CA THR A 324 4.32 -1.90 44.98
C THR A 324 4.26 -0.49 44.39
N GLY A 325 3.62 0.38 45.14
CA GLY A 325 3.49 1.80 44.85
C GLY A 325 4.31 2.76 45.73
N ALA A 326 3.85 3.98 45.81
CA ALA A 326 4.55 5.04 46.53
C ALA A 326 4.67 4.68 48.01
N GLY A 327 5.86 4.92 48.57
CA GLY A 327 6.18 4.63 49.97
C GLY A 327 6.11 3.16 50.32
N GLY A 328 6.37 2.28 49.36
CA GLY A 328 6.32 0.84 49.60
C GLY A 328 4.92 0.23 49.84
N LYS A 329 3.86 1.03 49.82
CA LYS A 329 2.50 0.52 49.90
C LYS A 329 2.19 -0.45 48.72
N LYS A 330 1.32 -1.40 49.01
CA LYS A 330 1.03 -2.52 48.11
C LYS A 330 -0.36 -2.31 47.50
N TYR A 331 -0.48 -2.57 46.21
CA TYR A 331 -1.75 -2.40 45.54
C TYR A 331 -2.09 -3.69 44.83
N ARG A 332 -3.33 -3.80 44.41
CA ARG A 332 -3.80 -4.88 43.58
C ARG A 332 -3.93 -4.43 42.14
N ILE A 333 -4.21 -5.35 41.22
CA ILE A 333 -4.53 -4.97 39.83
C ILE A 333 -5.65 -3.91 39.84
N SER A 334 -6.67 -4.14 40.67
CA SER A 334 -7.86 -3.28 40.69
C SER A 334 -7.63 -1.98 41.46
N THR A 335 -6.58 -1.90 42.28
CA THR A 335 -6.36 -0.69 43.04
C THR A 335 -5.11 0.09 42.61
N ALA A 336 -4.35 -0.44 41.66
CA ALA A 336 -3.19 0.31 41.12
C ALA A 336 -3.61 1.62 40.54
N ILE A 337 -4.88 1.74 40.09
CA ILE A 337 -5.40 2.99 39.56
C ILE A 337 -5.43 4.15 40.58
N ASP A 338 -5.28 3.81 41.85
CA ASP A 338 -5.25 4.78 42.94
C ASP A 338 -3.85 5.32 43.26
N ASP A 339 -2.79 4.82 42.61
CA ASP A 339 -1.46 5.23 42.91
C ASP A 339 -0.60 5.18 41.66
N MET A 340 -0.25 6.32 41.09
CA MET A 340 0.36 6.30 39.78
C MET A 340 1.70 5.62 39.76
N GLU A 341 2.39 5.58 40.89
CA GLU A 341 3.60 4.81 40.92
C GLU A 341 3.37 3.31 40.72
N ALA A 342 2.32 2.76 41.33
CA ALA A 342 1.95 1.36 41.10
C ALA A 342 1.41 1.18 39.64
N TYR A 343 0.54 2.10 39.23
CA TYR A 343 -0.04 1.98 37.89
C TYR A 343 1.02 2.02 36.78
N THR A 344 2.10 2.76 37.01
CA THR A 344 3.21 2.78 36.08
C THR A 344 3.72 1.37 35.73
N LYS A 345 3.62 0.46 36.72
CA LYS A 345 4.07 -0.91 36.58
C LYS A 345 2.98 -1.88 36.24
N LEU A 346 1.82 -1.38 35.84
CA LEU A 346 0.71 -2.23 35.52
C LEU A 346 0.46 -2.23 34.03
N THR A 347 0.91 -3.30 33.38
CA THR A 347 0.82 -3.40 31.89
C THR A 347 0.36 -4.76 31.49
N ASP A 348 0.46 -5.08 30.22
CA ASP A 348 0.08 -6.41 29.73
C ASP A 348 0.93 -7.53 30.35
N ASN A 349 2.09 -7.21 30.91
CA ASN A 349 2.90 -8.13 31.70
C ASN A 349 2.09 -8.95 32.74
N ILE A 350 1.02 -8.36 33.29
CA ILE A 350 0.17 -9.03 34.26
C ILE A 350 -0.35 -10.35 33.72
N PHE A 351 -0.69 -10.40 32.41
CA PHE A 351 -1.15 -11.61 31.76
C PHE A 351 -0.08 -12.69 31.87
N LEU A 352 1.18 -12.35 31.57
CA LEU A 352 2.25 -13.32 31.64
C LEU A 352 2.67 -13.66 33.05
N GLU A 353 2.58 -12.71 33.97
CA GLU A 353 2.82 -13.01 35.39
C GLU A 353 1.85 -14.11 35.90
N ILE A 354 0.57 -13.97 35.58
CA ILE A 354 -0.40 -15.00 35.84
C ILE A 354 -0.11 -16.31 35.10
N LEU A 355 0.11 -16.22 33.80
CA LEU A 355 0.29 -17.41 32.97
C LEU A 355 1.52 -18.20 33.47
N TYR A 356 2.58 -17.51 33.87
CA TYR A 356 3.83 -18.18 34.24
C TYR A 356 3.93 -18.50 35.73
N SER A 357 2.89 -18.17 36.52
CA SER A 357 2.93 -18.30 37.98
C SER A 357 2.97 -19.79 38.36
N THR A 358 3.50 -20.07 39.57
CA THR A 358 3.45 -21.44 40.17
C THR A 358 2.69 -21.49 41.51
N ASP A 359 2.43 -20.32 42.11
CA ASP A 359 1.63 -20.18 43.31
C ASP A 359 0.29 -20.88 43.16
N PRO A 360 0.00 -21.82 44.09
CA PRO A 360 -1.30 -22.50 44.01
C PRO A 360 -2.49 -21.58 44.12
N LYS A 361 -2.34 -20.43 44.79
CA LYS A 361 -3.47 -19.48 44.91
C LYS A 361 -3.85 -18.89 43.54
N LEU A 362 -2.91 -18.93 42.59
CA LEU A 362 -3.13 -18.40 41.21
C LEU A 362 -3.55 -19.47 40.23
N LYS A 363 -3.76 -20.69 40.72
CA LYS A 363 -4.09 -21.76 39.85
C LYS A 363 -5.35 -21.52 39.02
N ASP A 364 -6.40 -21.02 39.61
CA ASP A 364 -7.67 -20.85 38.88
C ASP A 364 -7.52 -19.74 37.82
N ALA A 365 -6.85 -18.65 38.16
CA ALA A 365 -6.55 -17.59 37.18
C ALA A 365 -5.67 -18.12 36.04
N ARG A 366 -4.59 -18.77 36.43
CA ARG A 366 -3.67 -19.39 35.47
C ARG A 366 -4.33 -20.39 34.54
N GLU A 367 -5.23 -21.23 35.05
CA GLU A 367 -5.93 -22.17 34.24
C GLU A 367 -6.79 -21.52 33.15
N ILE A 368 -7.40 -20.36 33.45
CA ILE A 368 -8.22 -19.67 32.42
C ILE A 368 -7.32 -19.27 31.26
N LEU A 369 -6.16 -18.69 31.60
CA LEU A 369 -5.21 -18.28 30.60
C LEU A 369 -4.66 -19.42 29.80
N LYS A 370 -4.44 -20.54 30.48
CA LYS A 370 -4.01 -21.77 29.79
C LYS A 370 -5.06 -22.25 28.81
N GLN A 371 -6.32 -22.21 29.17
CA GLN A 371 -7.34 -22.58 28.24
C GLN A 371 -7.43 -21.64 26.98
N ILE A 372 -7.14 -20.36 27.17
CA ILE A 372 -7.00 -19.45 26.04
C ILE A 372 -5.91 -19.96 25.09
N GLU A 373 -4.76 -20.34 25.62
CA GLU A 373 -3.68 -20.87 24.80
C GLU A 373 -4.00 -22.11 24.03
N TYR A 374 -4.79 -23.00 24.66
CA TYR A 374 -5.27 -24.22 23.96
C TYR A 374 -6.45 -23.95 23.05
N ARG A 375 -6.97 -22.72 23.04
CA ARG A 375 -8.07 -22.27 22.24
C ARG A 375 -9.31 -23.01 22.71
N ASN A 376 -9.35 -23.30 23.99
CA ASN A 376 -10.59 -23.86 24.60
C ASN A 376 -11.43 -22.69 25.13
N LEU A 377 -12.08 -21.98 24.20
CA LEU A 377 -12.79 -20.73 24.50
C LEU A 377 -14.24 -21.03 24.79
N PHE A 378 -14.87 -20.15 25.56
CA PHE A 378 -16.35 -20.12 25.64
C PHE A 378 -16.89 -20.04 24.21
N LYS A 379 -17.97 -20.73 23.97
CA LYS A 379 -18.50 -20.86 22.63
C LYS A 379 -19.57 -19.79 22.32
N TYR A 380 -19.43 -19.21 21.16
CA TYR A 380 -20.39 -18.22 20.65
C TYR A 380 -21.70 -18.90 20.28
N VAL A 381 -22.77 -18.43 20.84
CA VAL A 381 -24.10 -18.97 20.59
C VAL A 381 -24.85 -18.12 19.54
N GLY A 382 -24.82 -16.82 19.66
CA GLY A 382 -25.47 -15.98 18.70
C GLY A 382 -25.54 -14.56 19.09
N GLU A 383 -26.17 -13.79 18.23
CA GLU A 383 -26.27 -12.33 18.32
C GLU A 383 -27.68 -11.90 17.97
N THR A 384 -28.15 -10.89 18.65
CA THR A 384 -29.43 -10.27 18.41
C THR A 384 -29.35 -8.80 18.76
N GLN A 385 -30.42 -8.05 18.45
CA GLN A 385 -30.54 -6.64 18.81
C GLN A 385 -31.91 -6.33 19.37
N PRO A 386 -31.99 -5.41 20.32
CA PRO A 386 -33.30 -4.87 20.68
C PRO A 386 -33.94 -4.11 19.53
N THR A 387 -35.26 -4.08 19.51
CA THR A 387 -36.05 -3.44 18.46
C THR A 387 -36.54 -2.11 19.06
N GLY A 388 -36.72 -1.10 18.22
CA GLY A 388 -37.32 0.16 18.65
C GLY A 388 -36.35 1.09 19.37
N GLN A 389 -36.86 1.79 20.38
CA GLN A 389 -36.05 2.62 21.25
C GLN A 389 -35.42 1.90 22.47
N ILE A 390 -35.62 0.58 22.57
CA ILE A 390 -35.19 -0.20 23.75
C ILE A 390 -33.66 -0.19 23.90
N LYS A 391 -33.18 0.19 25.10
CA LYS A 391 -31.76 0.39 25.31
C LYS A 391 -31.42 -0.15 26.70
N ILE A 392 -30.81 -1.32 26.66
CA ILE A 392 -30.46 -2.07 27.86
C ILE A 392 -29.37 -1.35 28.64
N LYS A 393 -29.59 -1.16 29.95
CA LYS A 393 -28.68 -0.36 30.79
C LYS A 393 -27.68 -1.25 31.49
N ARG A 394 -26.54 -0.65 31.80
CA ARG A 394 -25.45 -1.36 32.47
C ARG A 394 -25.91 -2.09 33.76
N GLU A 395 -26.81 -1.50 34.54
CA GLU A 395 -27.26 -2.10 35.80
C GLU A 395 -28.09 -3.37 35.57
N ASP A 396 -28.73 -3.51 34.42
CA ASP A 396 -29.44 -4.75 34.05
C ASP A 396 -28.53 -5.86 33.48
N TYR A 397 -27.25 -5.58 33.19
CA TYR A 397 -26.40 -6.59 32.50
C TYR A 397 -26.34 -7.91 33.27
N GLU A 398 -26.20 -7.81 34.58
CA GLU A 398 -26.09 -9.00 35.44
C GLU A 398 -27.36 -9.88 35.44
N SER A 399 -28.55 -9.33 35.23
CA SER A 399 -29.76 -10.11 35.15
C SER A 399 -29.92 -10.92 33.84
N LEU A 400 -29.08 -10.66 32.84
CA LEU A 400 -29.34 -11.22 31.51
C LEU A 400 -29.06 -12.71 31.41
N PRO A 401 -27.95 -13.20 31.98
CA PRO A 401 -27.69 -14.63 31.86
C PRO A 401 -28.81 -15.48 32.51
N LYS A 402 -29.33 -15.01 33.64
CA LYS A 402 -30.49 -15.62 34.27
C LYS A 402 -31.72 -15.66 33.38
N GLU A 403 -31.97 -14.54 32.72
CA GLU A 403 -33.08 -14.47 31.79
C GLU A 403 -32.93 -15.53 30.70
N VAL A 404 -31.72 -15.70 30.15
CA VAL A 404 -31.55 -16.65 29.05
C VAL A 404 -31.84 -18.07 29.53
N ALA A 405 -31.26 -18.39 30.68
CA ALA A 405 -31.40 -19.71 31.35
C ALA A 405 -32.84 -20.01 31.81
N SER A 406 -33.63 -18.97 32.03
CA SER A 406 -35.06 -19.09 32.38
C SER A 406 -35.98 -19.24 31.19
N ALA A 407 -35.48 -19.06 29.96
CA ALA A 407 -36.31 -19.28 28.78
C ALA A 407 -36.76 -20.77 28.67
N LYS A 408 -37.91 -20.95 28.07
CA LYS A 408 -38.56 -22.26 27.98
C LYS A 408 -38.77 -22.64 26.52
N PRO A 409 -37.68 -23.03 25.85
CA PRO A 409 -37.83 -23.42 24.45
C PRO A 409 -38.68 -24.64 24.37
N LYS A 410 -39.62 -24.65 23.45
CA LYS A 410 -40.43 -25.87 23.16
C LYS A 410 -39.72 -26.80 22.20
N VAL A 411 -38.64 -27.40 22.68
CA VAL A 411 -37.82 -28.30 21.92
C VAL A 411 -37.34 -29.32 22.92
N LEU A 412 -37.05 -30.50 22.41
CA LEU A 412 -36.55 -31.58 23.18
C LEU A 412 -35.10 -31.28 23.46
N LEU A 413 -34.75 -31.25 24.75
CA LEU A 413 -33.40 -30.97 25.25
C LEU A 413 -33.02 -32.02 26.30
N ASP A 414 -31.84 -32.63 26.13
CA ASP A 414 -31.21 -33.45 27.15
C ASP A 414 -30.72 -32.52 28.30
N VAL A 415 -29.70 -31.72 28.03
CA VAL A 415 -29.00 -30.98 29.07
C VAL A 415 -29.80 -29.72 29.42
N LYS A 416 -29.70 -29.34 30.69
CA LYS A 416 -30.28 -28.11 31.16
C LYS A 416 -29.12 -27.22 31.62
N LEU A 417 -29.25 -25.95 31.29
CA LEU A 417 -28.20 -25.00 31.54
C LEU A 417 -28.72 -24.00 32.55
N LYS A 418 -27.80 -23.56 33.41
CA LYS A 418 -28.03 -22.57 34.45
C LYS A 418 -27.41 -21.18 34.01
N ALA A 419 -27.83 -20.17 34.77
CA ALA A 419 -27.37 -18.79 34.56
C ALA A 419 -25.86 -18.66 34.38
N GLU A 420 -25.11 -19.32 35.25
CA GLU A 420 -23.67 -19.22 35.25
C GLU A 420 -23.02 -19.87 34.04
N ASP A 421 -23.78 -20.62 33.23
CA ASP A 421 -23.25 -21.22 32.00
C ASP A 421 -23.25 -20.24 30.79
N PHE A 422 -23.97 -19.11 30.96
CA PHE A 422 -24.14 -18.15 29.91
C PHE A 422 -23.33 -16.89 30.23
N ILE A 423 -22.77 -16.32 29.14
CA ILE A 423 -22.24 -14.95 29.11
C ILE A 423 -23.08 -14.14 28.11
N VAL A 424 -23.52 -12.99 28.54
CA VAL A 424 -24.33 -12.12 27.67
C VAL A 424 -23.52 -10.82 27.58
N ASP A 425 -23.03 -10.45 26.40
CA ASP A 425 -22.14 -9.27 26.19
C ASP A 425 -23.00 -8.26 25.42
N VAL A 426 -23.23 -7.11 26.02
CA VAL A 426 -24.04 -6.04 25.39
C VAL A 426 -23.07 -4.97 24.79
N ILE A 427 -23.19 -4.73 23.53
CA ILE A 427 -22.27 -3.79 22.87
C ILE A 427 -23.06 -2.57 22.35
N ASN A 428 -22.60 -1.40 22.74
CA ASN A 428 -23.17 -0.15 22.23
C ASN A 428 -22.41 0.35 20.99
N MET A 429 -23.07 0.32 19.89
CA MET A 429 -22.52 0.83 18.63
C MET A 429 -23.17 2.18 18.34
N ASP A 430 -22.36 3.20 18.23
CA ASP A 430 -22.97 4.53 17.83
C ASP A 430 -21.93 5.43 17.14
N TYR A 431 -22.35 6.61 16.79
CA TYR A 431 -21.50 7.62 16.10
C TYR A 431 -20.83 8.54 17.08
N GLY A 432 -20.66 8.10 18.34
CA GLY A 432 -19.88 8.81 19.33
C GLY A 432 -20.58 9.84 20.14
N MET A 433 -21.90 10.07 19.89
CA MET A 433 -22.68 11.05 20.64
C MET A 433 -24.04 10.47 21.03
N GLN A 434 -23.98 9.21 21.51
CA GLN A 434 -25.15 8.45 21.86
C GLN A 434 -26.16 8.47 20.70
N GLU A 435 -27.40 8.96 20.90
CA GLU A 435 -28.37 8.92 19.82
C GLU A 435 -28.22 10.02 18.78
N LYS A 436 -27.34 10.99 19.04
CA LYS A 436 -27.24 12.17 18.18
C LYS A 436 -26.40 11.90 16.91
N ASN A 437 -26.73 12.64 15.88
CA ASN A 437 -25.95 12.66 14.63
C ASN A 437 -24.83 13.68 14.79
N PRO A 438 -23.60 13.22 14.84
CA PRO A 438 -22.49 14.18 15.11
C PRO A 438 -22.34 15.23 14.03
N ILE A 439 -22.78 14.94 12.81
CA ILE A 439 -22.67 15.87 11.68
C ILE A 439 -23.65 17.06 11.90
N ASP A 440 -24.70 16.88 12.70
CA ASP A 440 -25.52 18.03 13.16
C ASP A 440 -24.74 18.97 14.06
N HIS A 441 -23.52 18.56 14.53
CA HIS A 441 -22.68 19.35 15.39
C HIS A 441 -21.38 19.79 14.75
N VAL A 442 -21.36 19.76 13.46
CA VAL A 442 -20.29 20.27 12.62
C VAL A 442 -20.78 21.53 11.89
N SER A 443 -19.90 22.49 11.69
CA SER A 443 -20.19 23.65 10.88
C SER A 443 -19.32 23.61 9.61
N PHE A 444 -19.84 24.17 8.54
CA PHE A 444 -19.24 24.12 7.25
C PHE A 444 -19.06 25.53 6.70
N TYR A 445 -18.22 25.70 5.67
CA TYR A 445 -18.06 26.93 4.94
C TYR A 445 -18.11 26.64 3.45
N CYS A 446 -18.49 27.68 2.70
N CYS A 446 -18.49 27.68 2.70
CA CYS A 446 -18.60 27.62 1.25
CA CYS A 446 -18.60 27.64 1.26
C CYS A 446 -17.45 28.38 0.63
C CYS A 446 -17.45 28.38 0.63
N LYS A 447 -17.18 28.00 -0.60
CA LYS A 447 -16.13 28.55 -1.38
C LYS A 447 -16.37 30.07 -1.58
N THR A 448 -17.61 30.51 -1.69
CA THR A 448 -17.82 31.93 -1.95
C THR A 448 -17.66 32.78 -0.68
N ALA A 449 -17.61 32.19 0.51
CA ALA A 449 -17.50 32.92 1.79
C ALA A 449 -16.81 32.05 2.84
N PRO A 450 -15.49 31.90 2.72
CA PRO A 450 -14.78 30.90 3.51
C PRO A 450 -14.75 31.14 4.99
N ASN A 451 -15.07 32.34 5.44
CA ASN A 451 -15.09 32.57 6.90
C ASN A 451 -16.49 32.52 7.51
N ARG A 452 -17.46 32.21 6.67
CA ARG A 452 -18.84 32.22 7.11
C ARG A 452 -19.44 30.81 7.30
N ALA A 453 -19.63 30.47 8.56
CA ALA A 453 -20.08 29.14 8.96
C ALA A 453 -21.55 28.92 8.62
N ILE A 454 -21.86 27.78 8.03
CA ILE A 454 -23.24 27.34 7.84
C ILE A 454 -23.44 25.93 8.45
N ARG A 455 -24.70 25.60 8.62
CA ARG A 455 -25.16 24.25 8.92
C ARG A 455 -25.68 23.54 7.68
N ILE A 456 -25.47 22.23 7.70
CA ILE A 456 -25.97 21.29 6.69
C ILE A 456 -26.70 20.14 7.39
N THR A 457 -27.99 19.98 7.01
CA THR A 457 -28.85 18.87 7.52
C THR A 457 -28.68 17.63 6.74
N LYS A 458 -29.03 16.48 7.36
CA LYS A 458 -28.85 15.17 6.71
C LYS A 458 -29.60 15.05 5.35
N ASN A 459 -30.81 15.57 5.31
CA ASN A 459 -31.63 15.56 4.07
C ASN A 459 -31.06 16.41 2.91
N GLN A 460 -30.21 17.43 3.23
CA GLN A 460 -29.50 18.16 2.22
C GLN A 460 -28.37 17.35 1.66
N VAL A 461 -28.03 16.21 2.29
CA VAL A 461 -26.88 15.40 1.82
C VAL A 461 -27.18 14.13 0.95
N SER A 462 -27.98 13.23 1.49
CA SER A 462 -28.26 12.03 0.81
C SER A 462 -29.38 11.39 1.57
N GLN A 463 -30.24 10.68 0.86
CA GLN A 463 -31.29 9.84 1.45
C GLN A 463 -30.80 8.44 1.77
N LEU A 464 -29.54 8.15 1.42
CA LEU A 464 -28.95 6.84 1.65
C LEU A 464 -28.21 6.79 3.04
N LEU A 465 -28.28 7.85 3.85
CA LEU A 465 -27.59 7.90 5.12
C LEU A 465 -28.37 7.21 6.23
N PRO A 466 -27.71 6.92 7.34
CA PRO A 466 -28.43 6.23 8.44
C PRO A 466 -29.61 7.08 8.92
N GLU A 467 -30.66 6.43 9.31
CA GLU A 467 -31.82 7.11 10.00
C GLU A 467 -31.58 7.17 11.49
N LYS A 468 -30.70 6.35 12.03
CA LYS A 468 -30.50 6.22 13.46
C LYS A 468 -28.97 6.19 13.70
N PHE A 469 -28.50 6.60 14.86
CA PHE A 469 -27.08 6.76 15.11
C PHE A 469 -26.55 6.00 16.29
N ALA A 470 -27.41 5.18 16.88
CA ALA A 470 -26.99 4.33 18.00
C ALA A 470 -27.77 3.01 17.97
N GLU A 471 -27.15 1.92 18.35
CA GLU A 471 -27.86 0.62 18.47
C GLU A 471 -27.08 -0.20 19.48
N GLN A 472 -27.67 -1.33 19.86
CA GLN A 472 -27.03 -2.29 20.71
C GLN A 472 -26.99 -3.64 20.03
N LEU A 473 -25.85 -4.33 20.21
CA LEU A 473 -25.70 -5.70 19.80
C LEU A 473 -25.56 -6.52 21.09
N ILE A 474 -26.22 -7.67 21.09
CA ILE A 474 -26.22 -8.55 22.24
C ILE A 474 -25.67 -9.89 21.76
N ARG A 475 -24.50 -10.28 22.29
CA ARG A 475 -23.96 -11.57 22.00
C ARG A 475 -24.09 -12.50 23.19
N VAL A 476 -24.41 -13.74 22.91
CA VAL A 476 -24.51 -14.78 23.93
C VAL A 476 -23.49 -15.86 23.66
N TYR A 477 -22.86 -16.32 24.72
CA TYR A 477 -21.92 -17.38 24.69
C TYR A 477 -22.24 -18.40 25.77
N CYS A 478 -21.69 -19.61 25.62
CA CYS A 478 -21.91 -20.70 26.57
C CYS A 478 -20.54 -21.19 27.09
N LYS A 479 -20.47 -21.31 28.40
CA LYS A 479 -19.23 -21.82 29.01
C LYS A 479 -19.13 -23.33 28.94
N LYS A 480 -20.20 -24.01 28.62
CA LYS A 480 -20.11 -25.49 28.37
C LYS A 480 -20.04 -25.67 26.87
N VAL A 481 -19.05 -26.40 26.42
CA VAL A 481 -18.65 -26.35 25.02
C VAL A 481 -18.90 -27.60 24.23
N ASP A 482 -19.44 -28.63 24.88
CA ASP A 482 -19.79 -29.81 24.15
C ASP A 482 -20.98 -29.56 23.21
N ARG A 483 -21.18 -30.47 22.26
CA ARG A 483 -22.16 -30.30 21.21
C ARG A 483 -23.60 -30.30 21.74
N LYS A 484 -23.95 -31.13 22.73
CA LYS A 484 -25.29 -31.08 23.28
C LYS A 484 -25.57 -29.80 24.04
N SER A 485 -24.59 -29.31 24.77
CA SER A 485 -24.75 -28.07 25.53
C SER A 485 -24.91 -26.86 24.59
N LEU A 486 -24.14 -26.87 23.49
CA LEU A 486 -24.22 -25.77 22.51
C LEU A 486 -25.56 -25.78 21.80
N TYR A 487 -26.04 -26.97 21.43
CA TYR A 487 -27.37 -27.11 20.87
C TYR A 487 -28.42 -26.53 21.82
N ALA A 488 -28.37 -26.91 23.08
CA ALA A 488 -29.28 -26.44 24.06
C ALA A 488 -29.21 -24.92 24.23
N ALA A 489 -27.97 -24.42 24.36
CA ALA A 489 -27.76 -22.98 24.52
C ALA A 489 -28.38 -22.17 23.38
N ARG A 490 -28.29 -22.69 22.17
CA ARG A 490 -28.90 -22.08 21.01
C ARG A 490 -30.45 -22.00 21.10
N GLN A 491 -31.06 -23.03 21.67
CA GLN A 491 -32.51 -23.02 21.81
C GLN A 491 -32.92 -22.05 22.89
N TYR A 492 -32.26 -22.04 24.07
CA TYR A 492 -32.55 -21.03 25.08
C TYR A 492 -32.38 -19.59 24.52
N PHE A 493 -31.31 -19.39 23.79
CA PHE A 493 -31.01 -18.05 23.24
C PHE A 493 -32.09 -17.57 22.30
N VAL A 494 -32.45 -18.36 21.30
CA VAL A 494 -33.42 -17.94 20.31
C VAL A 494 -34.79 -17.79 20.97
N GLN A 495 -35.08 -18.64 21.96
CA GLN A 495 -36.34 -18.46 22.74
C GLN A 495 -36.36 -17.13 23.50
N TRP A 496 -35.25 -16.82 24.17
CA TRP A 496 -35.09 -15.55 24.87
C TRP A 496 -35.28 -14.35 23.90
N CYS A 497 -34.67 -14.42 22.71
CA CYS A 497 -34.86 -13.38 21.71
C CYS A 497 -36.35 -13.19 21.40
N ALA A 498 -37.04 -14.30 21.17
CA ALA A 498 -38.46 -14.27 20.86
C ALA A 498 -39.24 -13.66 22.05
N ASP A 499 -38.96 -14.13 23.27
CA ASP A 499 -39.62 -13.61 24.45
C ASP A 499 -39.45 -12.11 24.63
N ARG A 500 -38.23 -11.61 24.34
CA ARG A 500 -37.97 -10.20 24.54
C ARG A 500 -38.30 -9.35 23.30
N ASN A 501 -38.78 -9.97 22.25
CA ASN A 501 -39.03 -9.28 20.98
C ASN A 501 -37.79 -8.62 20.36
N PHE A 502 -36.64 -9.28 20.52
CA PHE A 502 -35.37 -8.89 19.88
C PHE A 502 -35.41 -9.35 18.47
N THR A 503 -34.42 -8.97 17.69
CA THR A 503 -34.40 -9.35 16.28
C THR A 503 -34.10 -10.85 16.18
N LYS A 504 -34.61 -11.41 15.10
CA LYS A 504 -34.31 -12.79 14.71
C LYS A 504 -32.81 -12.92 14.44
N PRO A 505 -32.14 -13.84 15.16
CA PRO A 505 -30.77 -14.14 14.79
C PRO A 505 -30.57 -14.43 13.38
N GLN A 506 -29.47 -13.98 12.80
CA GLN A 506 -29.21 -14.19 11.37
C GLN A 506 -29.22 -15.65 10.93
N ASP A 507 -28.72 -16.49 11.80
CA ASP A 507 -28.70 -17.91 11.57
C ASP A 507 -29.86 -18.65 12.26
N GLY A 508 -30.90 -17.93 12.65
CA GLY A 508 -31.92 -18.49 13.57
C GLY A 508 -32.69 -19.67 13.01
N ASP A 509 -33.00 -19.67 11.72
CA ASP A 509 -33.66 -20.82 11.10
C ASP A 509 -32.80 -22.08 11.07
N VAL A 510 -31.48 -21.90 11.08
CA VAL A 510 -30.56 -23.03 11.05
C VAL A 510 -30.26 -23.49 12.47
N ILE A 511 -29.97 -22.59 13.39
CA ILE A 511 -29.62 -22.99 14.78
C ILE A 511 -30.86 -23.45 15.61
N ALA A 512 -32.04 -22.92 15.28
CA ALA A 512 -33.24 -23.14 16.11
C ALA A 512 -34.50 -23.23 15.29
N PRO A 513 -34.54 -24.27 14.39
CA PRO A 513 -35.62 -24.31 13.40
C PRO A 513 -36.99 -24.52 14.00
N LEU A 514 -37.01 -25.07 15.20
CA LEU A 514 -38.30 -25.30 15.88
C LEU A 514 -38.75 -24.17 16.75
N ILE A 515 -37.94 -23.11 16.87
CA ILE A 515 -38.26 -21.93 17.71
C ILE A 515 -38.64 -20.75 16.83
N THR A 516 -37.89 -20.48 15.74
CA THR A 516 -38.21 -19.41 14.84
C THR A 516 -39.65 -19.31 14.24
N PRO A 517 -40.33 -20.46 13.98
CA PRO A 517 -41.73 -20.35 13.46
C PRO A 517 -42.75 -19.73 14.42
N GLN A 518 -42.54 -19.80 15.74
CA GLN A 518 -43.49 -19.24 16.72
C GLN A 518 -43.70 -17.71 16.59
N LYS A 519 -42.68 -16.97 16.12
CA LYS A 519 -42.71 -15.53 16.10
C LYS A 519 -43.16 -15.03 14.72
N LYS A 520 -44.42 -14.57 14.60
CA LYS A 520 -44.92 -14.10 13.29
C LYS A 520 -44.21 -12.83 12.78
N GLU A 521 -43.69 -12.00 13.69
CA GLU A 521 -42.82 -10.84 13.35
C GLU A 521 -41.56 -11.27 12.59
N TRP A 522 -41.08 -12.49 12.85
CA TRP A 522 -39.96 -13.13 12.14
C TRP A 522 -40.32 -13.89 10.86
N ASN A 523 -41.63 -14.09 10.63
CA ASN A 523 -42.22 -15.22 9.80
C ASN A 523 -42.13 -16.69 10.35
N ASP B 37 -7.52 33.92 -9.48
CA ASP B 37 -7.68 32.53 -8.93
C ASP B 37 -7.18 32.52 -7.42
N THR B 38 -7.75 31.64 -6.59
CA THR B 38 -7.01 31.23 -5.38
C THR B 38 -6.24 29.93 -5.71
N MET B 39 -5.56 29.45 -4.68
CA MET B 39 -4.96 28.06 -4.52
C MET B 39 -5.75 26.79 -4.80
N LYS B 40 -5.36 25.94 -5.75
CA LYS B 40 -6.22 24.83 -6.12
C LYS B 40 -5.58 23.60 -5.47
N VAL B 41 -6.41 22.63 -5.07
CA VAL B 41 -5.96 21.39 -4.48
C VAL B 41 -6.15 20.30 -5.53
N ILE B 42 -5.13 19.48 -5.74
CA ILE B 42 -5.24 18.38 -6.70
C ILE B 42 -4.88 17.05 -5.95
N ASN B 43 -5.66 16.01 -6.16
CA ASN B 43 -5.36 14.72 -5.53
C ASN B 43 -4.58 13.89 -6.51
N ASP B 44 -3.31 13.58 -6.13
CA ASP B 44 -2.39 12.74 -6.84
C ASP B 44 -2.21 11.38 -6.13
N PRO B 45 -2.24 10.26 -6.82
CA PRO B 45 -2.14 8.98 -6.13
C PRO B 45 -0.83 8.77 -5.44
N ILE B 46 0.25 9.44 -5.89
CA ILE B 46 1.56 9.31 -5.27
C ILE B 46 1.73 10.24 -4.08
N HIS B 47 1.46 11.53 -4.28
CA HIS B 47 1.69 12.53 -3.25
C HIS B 47 0.48 12.92 -2.43
N GLY B 48 -0.67 12.44 -2.80
CA GLY B 48 -1.85 12.85 -2.10
C GLY B 48 -2.35 14.24 -2.57
N HIS B 49 -2.87 14.99 -1.61
CA HIS B 49 -3.48 16.32 -1.86
C HIS B 49 -2.39 17.45 -1.95
N ILE B 50 -2.20 18.00 -3.15
CA ILE B 50 -1.15 18.89 -3.40
C ILE B 50 -1.80 20.25 -3.72
N GLU B 51 -1.19 21.31 -3.21
CA GLU B 51 -1.64 22.68 -3.49
C GLU B 51 -0.92 23.27 -4.64
N LEU B 52 -1.67 23.90 -5.53
CA LEU B 52 -1.07 24.64 -6.67
C LEU B 52 -1.41 26.11 -6.56
N HIS B 53 -0.37 26.89 -6.47
CA HIS B 53 -0.43 28.35 -6.52
C HIS B 53 -1.13 28.78 -7.81
N PRO B 54 -1.87 29.86 -7.77
CA PRO B 54 -2.60 30.25 -9.02
C PRO B 54 -1.77 30.54 -10.27
N LEU B 55 -0.53 30.97 -10.08
CA LEU B 55 0.32 31.20 -11.23
C LEU B 55 0.64 29.83 -11.87
N LEU B 56 0.80 28.81 -11.04
CA LEU B 56 1.10 27.47 -11.55
C LEU B 56 -0.11 26.94 -12.33
N VAL B 57 -1.31 27.20 -11.80
CA VAL B 57 -2.56 26.80 -12.46
C VAL B 57 -2.63 27.48 -13.85
N ARG B 58 -2.23 28.74 -13.93
CA ARG B 58 -2.29 29.45 -15.22
C ARG B 58 -1.37 28.82 -16.24
N ILE B 59 -0.22 28.37 -15.79
CA ILE B 59 0.74 27.70 -16.67
C ILE B 59 0.25 26.32 -17.12
N ILE B 60 -0.35 25.58 -16.19
CA ILE B 60 -0.87 24.26 -16.46
C ILE B 60 -2.02 24.27 -17.44
N ASP B 61 -2.90 25.28 -17.32
CA ASP B 61 -4.10 25.33 -18.14
C ASP B 61 -3.85 25.99 -19.51
N THR B 62 -2.91 25.43 -20.24
CA THR B 62 -2.54 25.84 -21.56
C THR B 62 -2.38 24.61 -22.45
N PRO B 63 -2.54 24.78 -23.79
CA PRO B 63 -2.36 23.67 -24.74
C PRO B 63 -0.95 23.10 -24.68
N GLN B 64 0.06 23.92 -24.34
CA GLN B 64 1.42 23.48 -24.33
C GLN B 64 1.71 22.54 -23.15
N PHE B 65 1.02 22.78 -22.05
CA PHE B 65 1.17 21.93 -20.85
C PHE B 65 0.23 20.73 -20.89
N GLN B 66 -1.01 20.98 -21.23
CA GLN B 66 -1.98 19.88 -21.36
C GLN B 66 -1.64 18.80 -22.35
N ARG B 67 -0.83 19.16 -23.35
CA ARG B 67 -0.28 18.24 -24.31
C ARG B 67 0.35 16.97 -23.61
N LEU B 68 0.91 17.19 -22.42
CA LEU B 68 1.62 16.10 -21.70
C LEU B 68 0.67 15.04 -21.19
N ARG B 69 -0.64 15.31 -21.24
CA ARG B 69 -1.61 14.26 -21.00
C ARG B 69 -1.61 13.20 -22.07
N TYR B 70 -0.95 13.44 -23.20
CA TYR B 70 -1.07 12.54 -24.35
C TYR B 70 0.23 11.91 -24.73
N ILE B 71 1.16 11.91 -23.77
CA ILE B 71 2.50 11.37 -23.92
C ILE B 71 2.79 10.43 -22.69
N LYS B 72 2.88 9.14 -22.98
CA LYS B 72 3.16 8.13 -21.95
C LYS B 72 4.52 8.32 -21.41
N GLN B 73 4.63 8.27 -20.08
CA GLN B 73 5.88 8.39 -19.39
C GLN B 73 6.88 7.34 -19.88
N LEU B 74 6.42 6.09 -19.98
CA LEU B 74 7.33 4.99 -20.26
C LEU B 74 7.17 4.43 -21.68
N GLY B 75 6.46 5.13 -22.55
CA GLY B 75 6.37 4.77 -23.95
C GLY B 75 5.89 3.37 -24.20
N GLY B 76 6.75 2.61 -24.90
CA GLY B 76 6.48 1.22 -25.23
C GLY B 76 6.36 0.31 -24.05
N GLY B 77 6.85 0.76 -22.87
CA GLY B 77 6.70 0.03 -21.62
C GLY B 77 5.28 -0.38 -21.25
N TYR B 78 4.29 0.44 -21.65
CA TYR B 78 2.90 0.06 -21.41
C TYR B 78 2.50 -1.26 -22.08
N TYR B 79 3.16 -1.57 -23.20
CA TYR B 79 2.89 -2.79 -23.96
C TYR B 79 3.53 -4.04 -23.31
N VAL B 80 4.24 -3.86 -22.20
CA VAL B 80 4.79 -4.96 -21.36
C VAL B 80 4.25 -4.98 -19.93
N PHE B 81 4.09 -3.80 -19.36
CA PHE B 81 3.58 -3.54 -18.00
C PHE B 81 2.26 -2.76 -18.13
N PRO B 82 1.14 -3.48 -18.11
CA PRO B 82 -0.13 -2.83 -18.40
C PRO B 82 -0.55 -1.80 -17.37
N GLY B 83 0.09 -1.75 -16.20
CA GLY B 83 -0.20 -0.68 -15.25
C GLY B 83 0.42 0.64 -15.67
N ALA B 84 1.35 0.63 -16.64
CA ALA B 84 2.15 1.81 -16.97
C ALA B 84 1.51 2.65 -18.06
N SER B 85 0.31 3.10 -17.75
CA SER B 85 -0.58 3.91 -18.58
C SER B 85 -0.30 5.42 -18.30
N HIS B 86 0.49 5.71 -17.28
CA HIS B 86 0.65 7.08 -16.77
C HIS B 86 1.41 7.95 -17.81
N ASN B 87 1.04 9.21 -17.81
CA ASN B 87 1.55 10.21 -18.77
C ASN B 87 2.48 11.25 -18.13
N ARG B 88 3.14 12.02 -18.99
CA ARG B 88 4.08 13.01 -18.56
C ARG B 88 3.43 14.14 -17.78
N PHE B 89 2.14 14.35 -17.95
CA PHE B 89 1.40 15.39 -17.26
C PHE B 89 1.45 15.25 -15.74
N GLU B 90 0.95 14.11 -15.29
CA GLU B 90 0.88 13.86 -13.83
C GLU B 90 2.28 13.78 -13.23
N HIS B 91 3.27 13.23 -13.96
CA HIS B 91 4.66 13.27 -13.48
C HIS B 91 5.11 14.68 -13.30
N SER B 92 4.79 15.58 -14.27
CA SER B 92 5.19 17.00 -14.16
C SER B 92 4.61 17.66 -12.94
N LEU B 93 3.33 17.40 -12.64
CA LEU B 93 2.70 17.95 -11.42
C LEU B 93 3.54 17.49 -10.19
N GLY B 94 3.88 16.23 -10.14
CA GLY B 94 4.63 15.67 -8.99
C GLY B 94 6.02 16.27 -8.84
N VAL B 95 6.70 16.53 -9.96
CA VAL B 95 8.02 17.14 -9.94
C VAL B 95 7.92 18.56 -9.43
N GLY B 96 6.93 19.32 -9.89
CA GLY B 96 6.71 20.70 -9.39
C GLY B 96 6.41 20.68 -7.91
N TYR B 97 5.57 19.73 -7.51
CA TYR B 97 5.29 19.53 -6.10
C TYR B 97 6.52 19.28 -5.24
N LEU B 98 7.31 18.30 -5.64
CA LEU B 98 8.47 17.95 -4.87
C LEU B 98 9.54 19.05 -4.87
N ALA B 99 9.68 19.76 -5.98
CA ALA B 99 10.60 20.91 -6.07
C ALA B 99 10.21 21.94 -5.03
N GLY B 100 8.92 22.24 -4.92
CA GLY B 100 8.40 23.10 -3.83
C GLY B 100 8.64 22.56 -2.41
N CYS B 101 8.44 21.26 -2.19
CA CYS B 101 8.74 20.65 -0.92
C CYS B 101 10.23 20.87 -0.50
N LEU B 102 11.15 20.64 -1.41
CA LEU B 102 12.55 20.69 -1.06
C LEU B 102 12.95 22.17 -0.82
N VAL B 103 12.59 23.06 -1.72
CA VAL B 103 12.97 24.46 -1.53
C VAL B 103 12.33 25.06 -0.27
N HIS B 104 11.05 24.73 0.00
CA HIS B 104 10.42 25.13 1.28
C HIS B 104 11.14 24.60 2.51
N ALA B 105 11.47 23.30 2.52
CA ALA B 105 12.15 22.71 3.67
C ALA B 105 13.51 23.41 3.95
N LEU B 106 14.27 23.66 2.89
CA LEU B 106 15.58 24.32 3.02
C LEU B 106 15.44 25.71 3.59
N GLY B 107 14.43 26.42 3.15
CA GLY B 107 14.16 27.78 3.60
C GLY B 107 13.69 27.82 5.02
N GLU B 108 12.83 26.90 5.41
CA GLU B 108 12.40 26.81 6.78
C GLU B 108 13.48 26.51 7.79
N LYS B 109 14.35 25.56 7.48
CA LYS B 109 15.46 25.21 8.36
C LYS B 109 16.60 26.25 8.33
N GLN B 110 16.82 26.95 7.23
CA GLN B 110 17.96 27.90 7.05
C GLN B 110 17.46 29.24 6.48
N PRO B 111 16.82 30.01 7.34
CA PRO B 111 16.38 31.36 6.93
C PRO B 111 17.53 32.22 6.41
N GLU B 112 18.75 31.91 6.81
CA GLU B 112 19.88 32.66 6.30
C GLU B 112 20.16 32.52 4.81
N LEU B 113 19.51 31.56 4.16
CA LEU B 113 19.68 31.41 2.73
C LEU B 113 18.91 32.49 1.95
N GLN B 114 17.97 33.16 2.61
CA GLN B 114 17.16 34.25 2.00
C GLN B 114 16.33 33.74 0.84
N ILE B 115 15.85 32.49 0.97
CA ILE B 115 14.95 31.98 -0.06
C ILE B 115 13.65 32.74 0.01
N SER B 116 13.24 33.36 -1.09
CA SER B 116 12.05 34.21 -1.15
C SER B 116 10.88 33.46 -1.77
N GLU B 117 9.66 33.98 -1.65
CA GLU B 117 8.51 33.36 -2.28
C GLU B 117 8.67 33.36 -3.77
N ARG B 118 9.34 34.37 -4.29
CA ARG B 118 9.66 34.41 -5.69
C ARG B 118 10.56 33.22 -6.16
N ASP B 119 11.60 32.96 -5.37
CA ASP B 119 12.46 31.82 -5.59
C ASP B 119 11.66 30.52 -5.56
N VAL B 120 10.79 30.38 -4.60
CA VAL B 120 9.99 29.15 -4.43
C VAL B 120 9.13 28.94 -5.67
N LEU B 121 8.47 29.99 -6.14
CA LEU B 121 7.65 29.88 -7.34
C LEU B 121 8.44 29.55 -8.58
N CYS B 122 9.60 30.16 -8.75
CA CYS B 122 10.47 29.87 -9.88
C CYS B 122 10.96 28.40 -9.91
N VAL B 123 11.33 27.90 -8.74
CA VAL B 123 11.74 26.51 -8.63
C VAL B 123 10.55 25.57 -8.94
N GLN B 124 9.38 25.86 -8.40
CA GLN B 124 8.20 25.08 -8.70
C GLN B 124 7.88 25.12 -10.19
N ILE B 125 7.99 26.28 -10.82
CA ILE B 125 7.73 26.38 -12.27
C ILE B 125 8.70 25.57 -13.07
N ALA B 126 9.99 25.60 -12.72
CA ALA B 126 10.98 24.78 -13.43
C ALA B 126 10.66 23.28 -13.25
N GLY B 127 10.31 22.89 -12.02
CA GLY B 127 9.94 21.49 -11.75
C GLY B 127 8.76 21.08 -12.60
N LEU B 128 7.75 21.94 -12.63
CA LEU B 128 6.55 21.70 -13.45
C LEU B 128 6.81 21.57 -14.90
N CYS B 129 7.76 22.37 -15.38
CA CYS B 129 7.98 22.54 -16.83
C CYS B 129 9.13 21.80 -17.44
N ARG B 130 9.90 21.08 -16.65
CA ARG B 130 11.02 20.39 -17.19
C ARG B 130 10.75 19.16 -18.04
N ASN B 131 9.48 18.76 -18.17
CA ASN B 131 9.10 17.66 -19.11
C ASN B 131 8.35 18.20 -20.34
N LEU B 132 8.27 19.52 -20.55
CA LEU B 132 7.51 20.07 -21.67
C LEU B 132 8.02 19.65 -23.06
N GLY B 133 9.28 19.28 -23.14
CA GLY B 133 9.91 19.00 -24.43
C GLY B 133 9.83 17.60 -24.92
N HIS B 134 9.32 16.71 -24.10
CA HIS B 134 9.20 15.29 -24.48
C HIS B 134 8.25 15.17 -25.67
N GLY B 135 8.54 14.14 -26.49
CA GLY B 135 7.83 13.87 -27.70
C GLY B 135 7.10 12.58 -27.53
N PRO B 136 6.42 12.13 -28.62
CA PRO B 136 5.70 10.89 -28.61
C PRO B 136 6.46 9.74 -27.96
N PHE B 137 5.83 9.02 -27.03
CA PHE B 137 6.42 7.88 -26.37
C PHE B 137 7.73 8.22 -25.60
N SER B 138 7.85 9.46 -25.18
CA SER B 138 8.93 9.96 -24.37
C SER B 138 10.31 9.58 -24.92
N HIS B 139 11.07 8.73 -24.23
CA HIS B 139 12.43 8.47 -24.69
C HIS B 139 12.56 7.77 -26.05
N MET B 140 11.52 7.14 -26.54
CA MET B 140 11.56 6.68 -27.90
C MET B 140 11.88 7.81 -28.89
N PHE B 141 11.31 8.96 -28.65
CA PHE B 141 11.37 10.08 -29.58
C PHE B 141 12.80 10.69 -29.65
N ASP B 142 13.32 11.08 -28.49
CA ASP B 142 14.65 11.71 -28.45
C ASP B 142 15.74 10.64 -28.45
N GLY B 143 15.48 9.46 -27.93
CA GLY B 143 16.48 8.42 -27.85
C GLY B 143 16.63 7.57 -29.12
N ARG B 144 15.56 7.38 -29.91
CA ARG B 144 15.60 6.44 -31.06
C ARG B 144 15.18 7.12 -32.36
N PHE B 145 14.05 7.86 -32.36
CA PHE B 145 13.51 8.37 -33.60
C PHE B 145 14.29 9.57 -34.17
N ILE B 146 14.47 10.62 -33.37
CA ILE B 146 15.17 11.78 -33.88
C ILE B 146 16.63 11.46 -34.32
N PRO B 147 17.40 10.69 -33.54
CA PRO B 147 18.73 10.31 -34.01
C PRO B 147 18.78 9.64 -35.38
N LEU B 148 17.77 8.86 -35.72
CA LEU B 148 17.67 8.21 -37.01
C LEU B 148 17.07 9.12 -38.09
N ALA B 149 16.02 9.86 -37.75
CA ALA B 149 15.36 10.75 -38.73
C ALA B 149 16.16 12.01 -39.02
N ARG B 150 16.85 12.54 -38.03
CA ARG B 150 17.58 13.77 -38.19
C ARG B 150 18.96 13.62 -37.56
N PRO B 151 19.80 12.75 -38.14
CA PRO B 151 21.14 12.48 -37.61
C PRO B 151 22.08 13.69 -37.51
N GLU B 152 21.81 14.71 -38.31
CA GLU B 152 22.56 15.98 -38.27
C GLU B 152 22.22 16.94 -37.08
N VAL B 153 21.05 16.79 -36.48
CA VAL B 153 20.59 17.74 -35.48
C VAL B 153 21.00 17.17 -34.12
N LYS B 154 21.17 18.04 -33.12
CA LYS B 154 21.41 17.63 -31.76
C LYS B 154 20.22 18.05 -30.89
N TRP B 155 19.22 17.19 -30.80
CA TRP B 155 18.00 17.43 -30.08
C TRP B 155 17.99 16.70 -28.76
N THR B 156 17.58 17.40 -27.71
CA THR B 156 17.35 16.81 -26.42
C THR B 156 15.97 17.30 -25.92
N HIS B 157 15.35 16.49 -25.06
CA HIS B 157 14.14 16.85 -24.43
C HIS B 157 14.33 18.14 -23.58
N GLU B 158 15.53 18.33 -23.01
CA GLU B 158 15.82 19.54 -22.25
C GLU B 158 15.73 20.79 -23.09
N GLN B 159 16.34 20.77 -24.27
CA GLN B 159 16.26 21.91 -25.16
C GLN B 159 14.84 22.13 -25.62
N GLY B 160 14.15 21.02 -25.94
CA GLY B 160 12.72 21.06 -26.25
C GLY B 160 11.91 21.69 -25.16
N SER B 161 12.23 21.35 -23.89
CA SER B 161 11.47 21.92 -22.76
C SER B 161 11.66 23.46 -22.68
N VAL B 162 12.88 23.94 -22.92
CA VAL B 162 13.13 25.37 -23.00
C VAL B 162 12.35 26.00 -24.12
N MET B 163 12.36 25.46 -25.29
CA MET B 163 11.65 26.05 -26.40
C MET B 163 10.14 26.03 -26.18
N MET B 164 9.64 24.92 -25.63
CA MET B 164 8.22 24.84 -25.35
C MET B 164 7.77 25.79 -24.23
N PHE B 165 8.61 25.99 -23.21
CA PHE B 165 8.30 26.86 -22.11
C PHE B 165 8.16 28.29 -22.65
N GLU B 166 9.14 28.68 -23.47
CA GLU B 166 9.11 29.99 -24.12
C GLU B 166 7.81 30.21 -24.92
N HIS B 167 7.46 29.18 -25.71
CA HIS B 167 6.22 29.19 -26.49
C HIS B 167 5.00 29.27 -25.60
N LEU B 168 5.02 28.53 -24.47
CA LEU B 168 3.90 28.56 -23.54
C LEU B 168 3.71 29.96 -22.95
N ILE B 169 4.81 30.54 -22.49
CA ILE B 169 4.79 31.85 -21.83
C ILE B 169 4.25 32.90 -22.83
N ASN B 170 4.85 32.92 -24.02
CA ASN B 170 4.46 33.95 -25.03
C ASN B 170 3.10 33.77 -25.64
N SER B 171 2.66 32.53 -25.84
CA SER B 171 1.34 32.27 -26.40
C SER B 171 0.23 32.45 -25.44
N ASN B 172 0.49 32.54 -24.13
CA ASN B 172 -0.61 32.51 -23.17
C ASN B 172 -0.64 33.72 -22.20
N GLY B 173 0.17 34.73 -22.48
CA GLY B 173 0.16 35.92 -21.67
C GLY B 173 0.56 35.68 -20.24
N ILE B 174 1.58 34.86 -20.02
CA ILE B 174 1.96 34.51 -18.66
C ILE B 174 2.77 35.60 -17.99
N LYS B 175 3.51 36.38 -18.77
CA LYS B 175 4.41 37.37 -18.13
C LYS B 175 3.70 38.38 -17.19
N PRO B 176 2.56 38.93 -17.60
CA PRO B 176 1.86 39.84 -16.70
C PRO B 176 1.31 39.14 -15.47
N VAL B 177 1.03 37.83 -15.60
CA VAL B 177 0.70 37.08 -14.44
C VAL B 177 1.93 36.82 -13.62
N MET B 178 3.11 36.53 -14.13
CA MET B 178 4.22 36.43 -13.26
C MET B 178 4.45 37.69 -12.38
N GLU B 179 4.34 38.80 -13.03
CA GLU B 179 4.49 40.14 -12.45
C GLU B 179 3.50 40.42 -11.36
N GLN B 180 2.24 40.10 -11.61
CA GLN B 180 1.23 40.19 -10.59
C GLN B 180 1.64 39.49 -9.29
N TYR B 181 2.37 38.37 -9.40
CA TYR B 181 2.72 37.59 -8.23
C TYR B 181 4.16 37.82 -7.80
N GLY B 182 4.76 38.90 -8.28
CA GLY B 182 6.02 39.33 -7.72
C GLY B 182 7.23 38.83 -8.47
N LEU B 183 7.04 38.05 -9.53
CA LEU B 183 8.18 37.61 -10.29
C LEU B 183 8.67 38.76 -11.22
N ILE B 184 9.91 38.69 -11.63
CA ILE B 184 10.48 39.65 -12.57
C ILE B 184 10.83 38.82 -13.81
N PRO B 185 9.96 38.84 -14.84
CA PRO B 185 10.09 37.91 -15.95
C PRO B 185 11.39 37.79 -16.65
N GLU B 186 12.07 38.89 -16.93
CA GLU B 186 13.36 38.82 -17.56
C GLU B 186 14.34 37.86 -16.78
N GLU B 187 14.58 38.20 -15.52
CA GLU B 187 15.49 37.41 -14.68
C GLU B 187 14.95 35.98 -14.42
N ASP B 188 13.65 35.92 -14.18
CA ASP B 188 13.04 34.67 -13.64
C ASP B 188 12.80 33.67 -14.74
N ILE B 189 12.46 34.13 -15.96
CA ILE B 189 12.36 33.22 -17.09
C ILE B 189 13.71 32.58 -17.39
N CYS B 190 14.74 33.42 -17.33
CA CYS B 190 16.11 32.97 -17.49
C CYS B 190 16.47 31.89 -16.43
N PHE B 191 16.14 32.19 -15.18
CA PHE B 191 16.38 31.30 -14.05
C PHE B 191 15.67 29.93 -14.28
N ILE B 192 14.41 30.00 -14.66
CA ILE B 192 13.63 28.78 -14.94
C ILE B 192 14.26 27.96 -16.06
N LYS B 193 14.65 28.60 -17.14
CA LYS B 193 15.25 27.89 -18.26
C LYS B 193 16.59 27.26 -17.84
N GLU B 194 17.37 28.00 -17.08
CA GLU B 194 18.65 27.53 -16.62
C GLU B 194 18.52 26.30 -15.69
N GLN B 195 17.49 26.26 -14.88
CA GLN B 195 17.21 25.09 -14.06
C GLN B 195 16.93 23.85 -14.90
N ILE B 196 16.30 24.06 -16.06
CA ILE B 196 15.93 22.99 -16.97
C ILE B 196 17.07 22.48 -17.80
N VAL B 197 17.85 23.39 -18.40
CA VAL B 197 18.84 23.01 -19.41
C VAL B 197 20.29 23.32 -18.96
N GLY B 198 20.47 24.09 -17.88
CA GLY B 198 21.80 24.48 -17.42
C GLY B 198 22.17 25.82 -18.02
N PRO B 199 23.46 26.24 -17.83
CA PRO B 199 23.85 27.57 -18.30
C PRO B 199 23.50 27.78 -19.78
N LEU B 200 22.84 28.91 -20.11
CA LEU B 200 22.36 29.21 -21.48
C LEU B 200 23.48 29.63 -22.45
N GLU B 201 24.70 29.88 -21.93
CA GLU B 201 25.95 29.92 -22.73
C GLU B 201 26.72 28.60 -22.57
N LEU B 208 34.39 30.88 -12.80
CA LEU B 208 33.42 31.95 -13.05
C LEU B 208 32.01 31.38 -12.96
N TRP B 209 31.15 31.99 -12.14
CA TRP B 209 29.75 31.58 -11.98
C TRP B 209 29.02 31.74 -13.33
N PRO B 210 28.59 30.62 -13.95
CA PRO B 210 28.06 30.68 -15.32
C PRO B 210 26.57 31.03 -15.53
N TYR B 211 25.84 31.21 -14.45
CA TYR B 211 24.40 31.43 -14.49
C TYR B 211 24.10 32.90 -14.40
N LYS B 212 23.03 33.28 -15.07
CA LYS B 212 22.53 34.64 -15.07
C LYS B 212 21.22 34.84 -14.27
N GLY B 213 20.43 33.78 -14.08
CA GLY B 213 19.11 33.96 -13.46
C GLY B 213 19.11 34.25 -12.01
N ARG B 214 20.13 33.73 -11.34
CA ARG B 214 20.40 33.99 -9.91
C ARG B 214 21.92 34.10 -9.71
N PRO B 215 22.33 34.85 -8.66
CA PRO B 215 23.74 34.91 -8.22
C PRO B 215 24.20 33.70 -7.36
N GLU B 216 25.51 33.65 -7.16
CA GLU B 216 26.18 32.51 -6.53
C GLU B 216 25.69 32.18 -5.14
N ASN B 217 25.21 33.24 -4.48
CA ASN B 217 24.68 33.04 -3.13
C ASN B 217 23.36 32.21 -3.13
N LYS B 218 22.77 31.97 -4.32
CA LYS B 218 21.62 31.09 -4.49
C LYS B 218 21.95 29.88 -5.40
N SER B 219 23.22 29.54 -5.47
CA SER B 219 23.66 28.38 -6.21
C SER B 219 22.96 27.06 -5.95
N PHE B 220 22.69 26.82 -4.69
CA PHE B 220 21.98 25.61 -4.24
C PHE B 220 20.60 25.45 -4.93
N LEU B 221 20.01 26.57 -5.36
CA LEU B 221 18.68 26.48 -5.99
C LEU B 221 18.73 25.74 -7.30
N TYR B 222 19.88 25.72 -7.97
CA TYR B 222 20.07 24.99 -9.18
C TYR B 222 20.27 23.50 -8.97
N GLU B 223 20.28 23.02 -7.73
CA GLU B 223 20.47 21.60 -7.45
C GLU B 223 19.14 20.88 -7.18
N ILE B 224 18.00 21.55 -7.34
CA ILE B 224 16.73 20.98 -6.96
C ILE B 224 16.01 20.22 -8.09
N VAL B 225 15.81 20.88 -9.22
CA VAL B 225 15.03 20.34 -10.35
C VAL B 225 15.82 19.43 -11.25
N SER B 226 17.00 19.86 -11.65
CA SER B 226 17.84 18.98 -12.44
C SER B 226 19.26 19.22 -11.99
N ASN B 227 19.81 18.27 -11.25
CA ASN B 227 21.04 18.44 -10.53
C ASN B 227 22.13 17.93 -11.42
N LYS B 228 22.83 18.85 -12.05
CA LYS B 228 23.90 18.46 -13.00
C LYS B 228 25.21 18.11 -12.26
N ARG B 229 25.31 18.41 -10.99
CA ARG B 229 26.53 18.09 -10.22
C ARG B 229 26.63 16.59 -9.84
N ASN B 230 25.52 16.00 -9.34
CA ASN B 230 25.54 14.60 -8.94
C ASN B 230 24.26 13.81 -9.26
N GLY B 231 23.27 14.46 -9.88
CA GLY B 231 22.02 13.81 -10.23
C GLY B 231 21.00 13.61 -9.13
N ILE B 232 21.27 14.13 -7.94
CA ILE B 232 20.31 13.97 -6.86
C ILE B 232 19.28 15.09 -6.94
N ASP B 233 18.15 14.81 -7.59
CA ASP B 233 17.12 15.86 -7.81
C ASP B 233 15.72 15.28 -7.64
N VAL B 234 14.73 16.18 -7.58
CA VAL B 234 13.37 15.80 -7.19
C VAL B 234 12.68 15.10 -8.34
N ASP B 235 13.22 15.25 -9.53
CA ASP B 235 12.67 14.63 -10.72
C ASP B 235 12.76 13.07 -10.58
N LYS B 236 13.92 12.58 -10.16
CA LYS B 236 14.11 11.15 -9.88
C LYS B 236 13.17 10.72 -8.77
N TRP B 237 13.01 11.52 -7.73
CA TRP B 237 12.16 11.09 -6.60
C TRP B 237 10.71 10.86 -7.03
N ASP B 238 10.18 11.77 -7.87
CA ASP B 238 8.82 11.59 -8.35
C ASP B 238 8.77 10.29 -9.26
N TYR B 239 9.67 10.14 -10.25
CA TYR B 239 9.51 8.99 -11.09
C TYR B 239 9.75 7.68 -10.43
N PHE B 240 10.63 7.62 -9.44
CA PHE B 240 10.78 6.38 -8.72
C PHE B 240 9.44 5.91 -8.13
N ALA B 241 8.80 6.83 -7.42
CA ALA B 241 7.54 6.52 -6.76
C ALA B 241 6.41 6.25 -7.73
N ARG B 242 6.31 7.10 -8.75
CA ARG B 242 5.18 7.02 -9.70
C ARG B 242 5.31 5.79 -10.63
N ASP B 243 6.51 5.62 -11.21
CA ASP B 243 6.74 4.45 -12.06
C ASP B 243 6.48 3.14 -11.28
N CYS B 244 7.01 3.08 -10.05
CA CYS B 244 6.80 1.89 -9.22
C CYS B 244 5.34 1.61 -8.98
N HIS B 245 4.60 2.65 -8.63
CA HIS B 245 3.14 2.55 -8.40
C HIS B 245 2.38 1.96 -9.59
N HIS B 246 2.78 2.34 -10.81
CA HIS B 246 2.11 1.92 -12.04
C HIS B 246 2.64 0.61 -12.58
N LEU B 247 3.98 0.41 -12.49
CA LEU B 247 4.57 -0.78 -12.99
C LEU B 247 4.15 -2.02 -12.17
N GLY B 248 3.98 -1.85 -10.86
CA GLY B 248 3.78 -2.97 -9.95
C GLY B 248 5.10 -3.49 -9.41
N ILE B 249 6.07 -2.60 -9.20
CA ILE B 249 7.41 -2.89 -8.58
C ILE B 249 7.47 -1.96 -7.41
N GLN B 250 8.10 -2.36 -6.31
CA GLN B 250 8.00 -1.54 -5.10
C GLN B 250 9.26 -0.66 -4.99
N ASN B 251 9.01 0.61 -4.56
CA ASN B 251 10.04 1.63 -4.41
C ASN B 251 10.70 1.48 -2.98
N ASN B 252 12.01 1.35 -2.96
CA ASN B 252 12.84 1.24 -1.77
CA ASN B 252 12.88 1.22 -1.80
C ASN B 252 13.60 2.60 -1.31
N PHE B 253 13.51 3.63 -2.08
CA PHE B 253 14.09 4.95 -1.74
C PHE B 253 13.11 5.81 -0.97
N ASP B 254 13.53 6.42 0.13
CA ASP B 254 12.67 7.31 0.95
C ASP B 254 13.11 8.80 0.77
N TYR B 255 12.42 9.50 -0.13
CA TYR B 255 12.79 10.90 -0.40
C TYR B 255 12.47 11.82 0.76
N LYS B 256 11.40 11.54 1.50
CA LYS B 256 11.07 12.40 2.64
C LYS B 256 12.14 12.34 3.71
N ARG B 257 12.76 11.21 3.91
CA ARG B 257 13.90 11.09 4.82
C ARG B 257 15.04 11.98 4.34
N PHE B 258 15.31 11.87 3.03
CA PHE B 258 16.39 12.69 2.44
C PHE B 258 16.16 14.20 2.76
N ILE B 259 14.96 14.65 2.51
CA ILE B 259 14.62 16.05 2.76
C ILE B 259 14.86 16.43 4.19
N LYS B 260 14.46 15.56 5.10
CA LYS B 260 14.66 15.82 6.49
C LYS B 260 16.10 15.97 6.89
N PHE B 261 16.99 15.29 6.20
CA PHE B 261 18.38 15.32 6.53
C PHE B 261 19.21 16.22 5.60
N ALA B 262 18.59 17.01 4.78
CA ALA B 262 19.30 17.79 3.77
C ALA B 262 19.61 19.16 4.36
N ARG B 263 20.76 19.73 4.01
CA ARG B 263 21.08 21.11 4.39
C ARG B 263 21.86 21.72 3.29
N VAL B 264 22.00 23.05 3.31
CA VAL B 264 22.90 23.74 2.42
C VAL B 264 24.17 24.12 3.21
N CYS B 265 25.32 23.75 2.64
CA CYS B 265 26.62 23.98 3.27
C CYS B 265 27.57 24.52 2.23
N GLU B 266 28.58 25.30 2.72
CA GLU B 266 29.58 25.76 1.80
C GLU B 266 30.58 24.65 1.53
N VAL B 267 30.80 24.36 0.26
CA VAL B 267 31.80 23.40 -0.21
C VAL B 267 32.59 24.11 -1.35
N ASP B 268 33.92 24.13 -1.16
CA ASP B 268 34.87 24.80 -2.10
C ASP B 268 34.31 26.11 -2.63
N ASN B 269 33.94 27.01 -1.71
CA ASN B 269 33.41 28.34 -2.01
C ASN B 269 32.06 28.44 -2.70
N GLU B 270 31.26 27.37 -2.64
CA GLU B 270 29.96 27.41 -3.27
C GLU B 270 28.95 26.78 -2.26
N LEU B 271 27.70 27.25 -2.25
CA LEU B 271 26.64 26.75 -1.40
C LEU B 271 26.00 25.59 -2.15
N ARG B 272 26.12 24.43 -1.54
CA ARG B 272 25.54 23.16 -2.11
C ARG B 272 24.59 22.47 -1.16
N ILE B 273 23.66 21.70 -1.73
CA ILE B 273 22.80 20.88 -0.88
C ILE B 273 23.61 19.70 -0.44
N CYS B 274 23.71 19.43 0.86
CA CYS B 274 24.54 18.38 1.42
C CYS B 274 23.61 17.43 2.26
N ALA B 275 24.07 16.24 2.52
CA ALA B 275 23.25 15.24 3.24
C ALA B 275 23.96 15.03 4.59
N ARG B 276 23.22 14.55 5.59
CA ARG B 276 23.79 14.06 6.77
C ARG B 276 24.65 12.81 6.37
N ASP B 277 25.78 12.73 7.05
CA ASP B 277 26.73 11.68 6.94
C ASP B 277 26.10 10.25 6.92
N LYS B 278 25.18 10.04 7.85
CA LYS B 278 24.42 8.80 7.98
C LYS B 278 23.62 8.42 6.75
N GLU B 279 23.31 9.33 5.86
CA GLU B 279 22.55 9.09 4.68
C GLU B 279 23.38 8.49 3.52
N VAL B 280 24.68 8.32 3.70
CA VAL B 280 25.49 7.97 2.53
C VAL B 280 25.07 6.63 1.84
N GLY B 281 24.85 5.64 2.70
CA GLY B 281 24.33 4.32 2.28
C GLY B 281 23.04 4.42 1.52
N ASN B 282 22.16 5.27 1.97
CA ASN B 282 20.88 5.51 1.28
C ASN B 282 21.07 6.11 -0.07
N LEU B 283 22.09 6.95 -0.26
CA LEU B 283 22.36 7.52 -1.56
C LEU B 283 22.95 6.53 -2.54
N TYR B 284 23.89 5.70 -2.12
CA TYR B 284 24.30 4.60 -2.91
C TYR B 284 23.07 3.77 -3.28
N ASP B 285 22.20 3.46 -2.33
CA ASP B 285 21.00 2.70 -2.63
C ASP B 285 20.06 3.48 -3.56
N MET B 286 19.98 4.80 -3.57
CA MET B 286 19.13 5.51 -4.50
C MET B 286 19.53 5.21 -5.98
N PHE B 287 20.83 5.24 -6.27
CA PHE B 287 21.36 4.92 -7.55
C PHE B 287 21.20 3.46 -7.92
N HIS B 288 21.35 2.58 -6.92
CA HIS B 288 21.09 1.15 -7.15
C HIS B 288 19.60 0.96 -7.61
N THR B 289 18.70 1.69 -6.96
CA THR B 289 17.26 1.67 -7.27
C THR B 289 17.03 2.09 -8.69
N ARG B 290 17.67 3.22 -9.08
CA ARG B 290 17.54 3.69 -10.45
C ARG B 290 18.01 2.62 -11.46
N ASN B 291 19.16 1.98 -11.16
CA ASN B 291 19.69 0.98 -12.07
C ASN B 291 18.74 -0.25 -12.16
N SER B 292 18.15 -0.62 -11.03
CA SER B 292 17.24 -1.77 -10.98
C SER B 292 15.95 -1.47 -11.75
N LEU B 293 15.45 -0.25 -11.68
CA LEU B 293 14.27 0.16 -12.47
C LEU B 293 14.56 0.12 -14.00
N HIS B 294 15.77 0.56 -14.37
CA HIS B 294 16.19 0.39 -15.73
C HIS B 294 16.28 -1.10 -16.16
N ARG B 295 16.88 -1.92 -15.31
CA ARG B 295 17.02 -3.32 -15.63
C ARG B 295 15.67 -4.05 -15.72
N ARG B 296 14.83 -3.86 -14.74
CA ARG B 296 13.57 -4.57 -14.68
C ARG B 296 12.54 -4.06 -15.71
N ALA B 297 12.50 -2.75 -15.89
CA ALA B 297 11.40 -2.09 -16.58
C ALA B 297 11.84 -1.29 -17.79
N TYR B 298 12.61 -0.24 -17.61
CA TYR B 298 12.78 0.73 -18.70
C TYR B 298 13.57 0.12 -19.87
N GLN B 299 14.45 -0.82 -19.57
CA GLN B 299 15.18 -1.53 -20.62
C GLN B 299 14.68 -2.95 -20.80
N HIS B 300 13.42 -3.20 -20.44
CA HIS B 300 12.87 -4.49 -20.69
C HIS B 300 13.10 -4.88 -22.20
N LYS B 301 13.60 -6.07 -22.46
CA LYS B 301 13.97 -6.44 -23.82
C LYS B 301 12.79 -6.38 -24.83
N VAL B 302 11.59 -6.70 -24.36
CA VAL B 302 10.41 -6.62 -25.20
C VAL B 302 9.89 -5.18 -25.34
N GLY B 303 9.93 -4.42 -24.24
CA GLY B 303 9.57 -3.02 -24.33
C GLY B 303 10.47 -2.30 -25.31
N ASN B 304 11.75 -2.65 -25.31
CA ASN B 304 12.69 -2.03 -26.24
C ASN B 304 12.43 -2.40 -27.71
N ILE B 305 12.05 -3.63 -27.97
CA ILE B 305 11.78 -4.04 -29.33
C ILE B 305 10.51 -3.38 -29.83
N ILE B 306 9.53 -3.20 -28.93
CA ILE B 306 8.30 -2.48 -29.28
C ILE B 306 8.64 -1.04 -29.60
N ASP B 307 9.45 -0.35 -28.77
CA ASP B 307 9.88 1.01 -29.10
C ASP B 307 10.62 1.04 -30.48
N THR B 308 11.44 0.02 -30.74
CA THR B 308 12.10 -0.11 -32.02
C THR B 308 11.08 -0.26 -33.14
N MET B 309 10.07 -1.05 -33.01
CA MET B 309 9.11 -1.20 -34.10
C MET B 309 8.32 0.06 -34.32
N ILE B 310 8.05 0.80 -33.23
CA ILE B 310 7.19 1.96 -33.36
C ILE B 310 8.03 3.00 -34.08
N THR B 311 9.32 3.07 -33.73
CA THR B 311 10.24 4.02 -34.34
C THR B 311 10.34 3.75 -35.85
N ASP B 312 10.40 2.50 -36.20
CA ASP B 312 10.46 2.09 -37.59
C ASP B 312 9.21 2.53 -38.34
N ALA B 313 8.04 2.32 -37.73
CA ALA B 313 6.79 2.80 -38.29
C ALA B 313 6.79 4.33 -38.50
N PHE B 314 7.28 5.07 -37.51
CA PHE B 314 7.31 6.53 -37.62
C PHE B 314 8.23 6.96 -38.77
N LEU B 315 9.35 6.28 -38.90
CA LEU B 315 10.27 6.60 -40.00
C LEU B 315 9.64 6.34 -41.37
N LYS B 316 8.89 5.26 -41.50
CA LYS B 316 8.18 4.95 -42.74
C LYS B 316 6.99 5.87 -43.00
N ALA B 317 6.46 6.47 -41.96
CA ALA B 317 5.35 7.43 -42.06
C ALA B 317 5.82 8.86 -42.27
N ASP B 318 7.10 9.14 -42.00
CA ASP B 318 7.54 10.51 -41.84
C ASP B 318 7.39 11.41 -43.10
N ASP B 319 7.51 10.81 -44.29
CA ASP B 319 7.31 11.55 -45.52
C ASP B 319 5.88 11.94 -45.77
N TYR B 320 4.91 11.29 -45.10
CA TYR B 320 3.46 11.38 -45.41
C TYR B 320 2.55 12.01 -44.32
N ILE B 321 2.95 11.98 -43.05
CA ILE B 321 2.13 12.62 -42.01
C ILE B 321 2.45 14.11 -42.04
N GLU B 322 1.42 14.95 -41.95
CA GLU B 322 1.59 16.38 -41.95
C GLU B 322 1.10 16.98 -40.63
N ILE B 323 1.86 17.95 -40.10
CA ILE B 323 1.48 18.61 -38.89
C ILE B 323 1.54 20.08 -39.18
N THR B 324 0.41 20.72 -38.99
CA THR B 324 0.33 22.15 -39.26
C THR B 324 0.87 22.97 -38.09
N GLY B 325 1.83 23.81 -38.42
CA GLY B 325 2.46 24.77 -37.53
C GLY B 325 2.13 26.24 -37.71
N ALA B 326 3.04 27.08 -37.28
CA ALA B 326 2.82 28.53 -37.34
C ALA B 326 2.61 29.00 -38.78
N GLY B 327 1.62 29.86 -38.98
CA GLY B 327 1.29 30.43 -40.30
C GLY B 327 0.85 29.39 -41.31
N GLY B 328 0.24 28.30 -40.85
CA GLY B 328 -0.22 27.24 -41.75
C GLY B 328 0.85 26.40 -42.42
N LYS B 329 2.13 26.66 -42.17
CA LYS B 329 3.22 25.80 -42.64
C LYS B 329 3.08 24.36 -42.12
N LYS B 330 3.50 23.41 -42.97
CA LYS B 330 3.37 22.00 -42.72
C LYS B 330 4.71 21.43 -42.27
N TYR B 331 4.65 20.54 -41.27
CA TYR B 331 5.85 19.93 -40.78
C TYR B 331 5.64 18.43 -40.83
N ARG B 332 6.73 17.70 -40.69
CA ARG B 332 6.73 16.25 -40.58
C ARG B 332 6.91 15.87 -39.12
N ILE B 333 6.77 14.57 -38.81
CA ILE B 333 7.08 14.09 -37.45
C ILE B 333 8.50 14.54 -37.07
N SER B 334 9.43 14.41 -38.02
CA SER B 334 10.85 14.69 -37.76
C SER B 334 11.17 16.17 -37.77
N THR B 335 10.29 17.01 -38.30
CA THR B 335 10.57 18.45 -38.30
C THR B 335 9.68 19.28 -37.40
N ALA B 336 8.70 18.64 -36.75
CA ALA B 336 7.84 19.40 -35.79
C ALA B 336 8.65 20.01 -34.68
N ILE B 337 9.82 19.44 -34.38
CA ILE B 337 10.73 19.97 -33.37
C ILE B 337 11.25 21.38 -33.68
N ASP B 338 11.11 21.80 -34.93
CA ASP B 338 11.53 23.11 -35.39
C ASP B 338 10.46 24.19 -35.28
N ASP B 339 9.25 23.86 -34.84
CA ASP B 339 8.19 24.84 -34.72
C ASP B 339 7.29 24.48 -33.55
N MET B 340 7.33 25.22 -32.47
CA MET B 340 6.63 24.79 -31.27
C MET B 340 5.15 24.71 -31.44
N GLU B 341 4.60 25.49 -32.36
CA GLU B 341 3.21 25.35 -32.63
C GLU B 341 2.84 23.96 -33.22
N ALA B 342 3.66 23.46 -34.12
CA ALA B 342 3.49 22.09 -34.65
C ALA B 342 3.78 21.05 -33.56
N TYR B 343 4.88 21.25 -32.84
CA TYR B 343 5.27 20.29 -31.79
C TYR B 343 4.19 20.15 -30.71
N THR B 344 3.49 21.23 -30.43
CA THR B 344 2.38 21.20 -29.49
C THR B 344 1.35 20.10 -29.85
N LYS B 345 1.21 19.81 -31.15
CA LYS B 345 0.28 18.84 -31.66
C LYS B 345 0.91 17.50 -31.97
N LEU B 346 2.12 17.30 -31.50
CA LEU B 346 2.82 16.05 -31.77
C LEU B 346 2.89 15.23 -30.49
N THR B 347 2.03 14.24 -30.40
CA THR B 347 1.90 13.40 -29.18
C THR B 347 1.78 11.95 -29.56
N ASP B 348 1.43 11.10 -28.61
CA ASP B 348 1.25 9.68 -28.89
C ASP B 348 0.14 9.40 -29.90
N ASN B 349 -0.77 10.36 -30.09
CA ASN B 349 -1.78 10.31 -31.16
C ASN B 349 -1.21 9.89 -32.54
N ILE B 350 0.04 10.24 -32.83
CA ILE B 350 0.67 9.91 -34.09
C ILE B 350 0.63 8.40 -34.35
N PHE B 351 0.79 7.59 -33.28
CA PHE B 351 0.71 6.15 -33.39
C PHE B 351 -0.68 5.76 -33.93
N LEU B 352 -1.74 6.32 -33.33
CA LEU B 352 -3.08 5.97 -33.76
C LEU B 352 -3.46 6.58 -35.10
N GLU B 353 -2.94 7.76 -35.43
CA GLU B 353 -3.13 8.33 -36.78
C GLU B 353 -2.56 7.38 -37.86
N ILE B 354 -1.37 6.86 -37.66
CA ILE B 354 -0.82 5.84 -38.50
C ILE B 354 -1.65 4.55 -38.51
N LEU B 355 -1.98 4.03 -37.31
CA LEU B 355 -2.65 2.77 -37.21
C LEU B 355 -4.03 2.86 -37.91
N TYR B 356 -4.72 3.98 -37.78
CA TYR B 356 -6.08 4.12 -38.30
C TYR B 356 -6.12 4.65 -39.77
N SER B 357 -4.96 4.93 -40.36
CA SER B 357 -4.87 5.60 -41.68
C SER B 357 -5.41 4.62 -42.76
N THR B 358 -5.85 5.23 -43.89
CA THR B 358 -6.23 4.46 -45.10
C THR B 358 -5.38 4.81 -46.34
N ASP B 359 -4.63 5.92 -46.26
CA ASP B 359 -3.68 6.32 -47.29
C ASP B 359 -2.75 5.18 -47.68
N PRO B 360 -2.73 4.84 -48.98
CA PRO B 360 -1.82 3.77 -49.41
C PRO B 360 -0.36 4.04 -49.16
N LYS B 361 0.02 5.31 -49.14
CA LYS B 361 1.43 5.67 -48.86
C LYS B 361 1.84 5.33 -47.43
N LEU B 362 0.85 5.18 -46.55
CA LEU B 362 1.08 4.83 -45.11
C LEU B 362 0.96 3.35 -44.83
N LYS B 363 0.76 2.55 -45.91
CA LYS B 363 0.55 1.16 -45.74
C LYS B 363 1.71 0.45 -44.99
N ASP B 364 2.94 0.74 -45.35
CA ASP B 364 4.08 0.04 -44.78
C ASP B 364 4.23 0.41 -43.28
N ALA B 365 4.05 1.69 -42.95
CA ALA B 365 4.06 2.13 -41.54
C ALA B 365 2.92 1.48 -40.75
N ARG B 366 1.72 1.56 -41.31
CA ARG B 366 0.54 0.96 -40.72
C ARG B 366 0.67 -0.56 -40.48
N GLU B 367 1.25 -1.28 -41.43
CA GLU B 367 1.46 -2.68 -41.27
C GLU B 367 2.39 -3.05 -40.08
N ILE B 368 3.41 -2.23 -39.82
CA ILE B 368 4.30 -2.50 -38.67
C ILE B 368 3.49 -2.41 -37.38
N LEU B 369 2.68 -1.36 -37.28
CA LEU B 369 1.83 -1.18 -36.12
C LEU B 369 0.81 -2.26 -35.94
N LYS B 370 0.27 -2.74 -37.06
CA LYS B 370 -0.64 -3.88 -37.03
C LYS B 370 0.03 -5.12 -36.51
N GLN B 371 1.27 -5.37 -36.92
CA GLN B 371 1.96 -6.51 -36.39
C GLN B 371 2.24 -6.42 -34.84
N ILE B 372 2.46 -5.21 -34.35
CA ILE B 372 2.55 -4.99 -32.92
C ILE B 372 1.23 -5.45 -32.24
N GLU B 373 0.10 -5.08 -32.79
CA GLU B 373 -1.19 -5.49 -32.23
C GLU B 373 -1.43 -6.95 -32.20
N TYR B 374 -0.96 -7.65 -33.25
CA TYR B 374 -1.03 -9.13 -33.28
C TYR B 374 0.05 -9.80 -32.47
N ARG B 375 0.97 -9.02 -31.91
CA ARG B 375 2.10 -9.47 -31.10
C ARG B 375 2.99 -10.29 -31.99
N ASN B 376 3.06 -9.90 -33.26
CA ASN B 376 4.06 -10.49 -34.17
C ASN B 376 5.33 -9.63 -34.11
N LEU B 377 6.09 -9.77 -33.02
CA LEU B 377 7.25 -8.92 -32.73
C LEU B 377 8.50 -9.56 -33.26
N PHE B 378 9.49 -8.75 -33.50
CA PHE B 378 10.86 -9.26 -33.74
C PHE B 378 11.22 -10.11 -32.49
N LYS B 379 11.90 -11.20 -32.72
CA LYS B 379 12.18 -12.14 -31.68
C LYS B 379 13.56 -11.87 -31.01
N TYR B 380 13.53 -11.91 -29.69
CA TYR B 380 14.74 -11.75 -28.89
C TYR B 380 15.65 -12.98 -29.04
N VAL B 381 16.88 -12.74 -29.40
CA VAL B 381 17.87 -13.77 -29.60
C VAL B 381 18.78 -13.92 -28.36
N GLY B 382 19.24 -12.83 -27.82
CA GLY B 382 20.04 -12.90 -26.61
C GLY B 382 20.67 -11.59 -26.28
N GLU B 383 21.44 -11.63 -25.22
CA GLU B 383 22.08 -10.49 -24.59
C GLU B 383 23.52 -10.86 -24.22
N THR B 384 24.39 -9.89 -24.37
CA THR B 384 25.77 -10.00 -24.00
C THR B 384 26.26 -8.64 -23.53
N GLN B 385 27.48 -8.59 -23.01
CA GLN B 385 28.18 -7.36 -22.63
C GLN B 385 29.61 -7.38 -23.13
N PRO B 386 30.10 -6.20 -23.56
CA PRO B 386 31.53 -6.08 -23.77
C PRO B 386 32.32 -6.29 -22.51
N THR B 387 33.56 -6.80 -22.69
CA THR B 387 34.50 -7.13 -21.64
C THR B 387 35.49 -5.94 -21.68
N GLY B 388 36.00 -5.54 -20.52
CA GLY B 388 36.84 -4.40 -20.41
C GLY B 388 36.13 -3.04 -20.50
N GLN B 389 36.88 -2.05 -20.94
CA GLN B 389 36.68 -0.69 -20.35
C GLN B 389 36.09 0.30 -21.29
N ILE B 390 36.37 0.17 -22.60
CA ILE B 390 35.91 1.25 -23.54
C ILE B 390 34.53 0.91 -24.10
N LYS B 391 33.58 1.80 -23.87
CA LYS B 391 32.28 1.79 -24.55
C LYS B 391 32.34 1.50 -26.06
N ILE B 392 31.44 0.65 -26.60
CA ILE B 392 31.06 0.74 -28.02
C ILE B 392 30.37 2.08 -28.32
N LYS B 393 30.81 2.76 -29.38
CA LYS B 393 30.34 4.11 -29.68
C LYS B 393 29.21 4.10 -30.67
N ARG B 394 28.39 5.15 -30.58
CA ARG B 394 27.20 5.31 -31.40
C ARG B 394 27.46 5.13 -32.91
N GLU B 395 28.59 5.63 -33.40
CA GLU B 395 28.91 5.55 -34.84
C GLU B 395 29.15 4.11 -35.30
N ASP B 396 29.58 3.22 -34.40
CA ASP B 396 29.70 1.78 -34.72
C ASP B 396 28.40 0.99 -34.64
N TYR B 397 27.30 1.56 -34.14
CA TYR B 397 26.04 0.78 -33.95
C TYR B 397 25.57 0.14 -35.26
N GLU B 398 25.63 0.90 -36.34
CA GLU B 398 25.19 0.41 -37.65
C GLU B 398 26.01 -0.76 -38.21
N SER B 399 27.27 -0.90 -37.86
CA SER B 399 28.08 -2.04 -38.26
C SER B 399 27.74 -3.36 -37.55
N LEU B 400 26.96 -3.30 -36.47
CA LEU B 400 26.80 -4.49 -35.62
C LEU B 400 25.95 -5.57 -36.26
N PRO B 401 24.79 -5.22 -36.86
CA PRO B 401 23.98 -6.29 -37.44
C PRO B 401 24.70 -7.06 -38.56
N LYS B 402 25.50 -6.33 -39.34
CA LYS B 402 26.38 -6.94 -40.34
C LYS B 402 27.36 -7.92 -39.74
N GLU B 403 27.99 -7.50 -38.65
CA GLU B 403 28.93 -8.36 -37.97
C GLU B 403 28.23 -9.65 -37.53
N VAL B 404 27.01 -9.57 -36.99
CA VAL B 404 26.35 -10.78 -36.48
C VAL B 404 26.08 -11.75 -37.66
N ALA B 405 25.55 -11.18 -38.74
CA ALA B 405 25.23 -11.91 -39.97
C ALA B 405 26.46 -12.51 -40.69
N SER B 406 27.62 -11.90 -40.46
CA SER B 406 28.90 -12.39 -41.02
C SER B 406 29.57 -13.44 -40.17
N ALA B 407 29.05 -13.74 -38.97
CA ALA B 407 29.63 -14.77 -38.14
C ALA B 407 29.55 -16.15 -38.79
N LYS B 408 30.54 -17.00 -38.48
CA LYS B 408 30.70 -18.28 -39.14
C LYS B 408 30.67 -19.37 -38.07
N PRO B 409 29.44 -19.67 -37.57
CA PRO B 409 29.31 -20.70 -36.59
C PRO B 409 29.63 -22.02 -37.30
N LYS B 410 30.41 -22.85 -36.66
CA LYS B 410 30.80 -24.15 -37.23
C LYS B 410 29.75 -25.26 -37.01
N VAL B 411 28.61 -25.09 -37.62
CA VAL B 411 27.40 -25.81 -37.31
C VAL B 411 26.67 -25.89 -38.61
N LEU B 412 25.87 -26.94 -38.75
CA LEU B 412 25.06 -27.15 -39.89
C LEU B 412 23.87 -26.20 -39.76
N LEU B 413 23.69 -25.36 -40.76
CA LEU B 413 22.62 -24.37 -40.84
C LEU B 413 22.08 -24.39 -42.26
N ASP B 414 20.79 -24.70 -42.38
CA ASP B 414 20.10 -24.65 -43.67
C ASP B 414 19.84 -23.20 -44.03
N VAL B 415 19.02 -22.47 -43.26
CA VAL B 415 18.66 -21.09 -43.59
C VAL B 415 19.80 -20.14 -43.22
N LYS B 416 19.92 -19.08 -44.01
CA LYS B 416 20.96 -18.11 -43.84
C LYS B 416 20.29 -16.78 -43.66
N LEU B 417 20.88 -15.95 -42.79
CA LEU B 417 20.29 -14.66 -42.46
C LEU B 417 21.21 -13.58 -42.95
N LYS B 418 20.62 -12.44 -43.31
CA LYS B 418 21.32 -11.22 -43.70
C LYS B 418 21.31 -10.15 -42.59
N ALA B 419 22.18 -9.17 -42.77
CA ALA B 419 22.32 -8.03 -41.83
C ALA B 419 20.97 -7.40 -41.47
N GLU B 420 20.14 -7.17 -42.45
CA GLU B 420 18.87 -6.50 -42.25
C GLU B 420 17.85 -7.37 -41.51
N ASP B 421 18.15 -8.66 -41.27
CA ASP B 421 17.28 -9.50 -40.44
C ASP B 421 17.56 -9.35 -38.92
N PHE B 422 18.64 -8.68 -38.59
CA PHE B 422 19.09 -8.52 -37.22
C PHE B 422 18.85 -7.07 -36.78
N ILE B 423 18.46 -6.94 -35.51
CA ILE B 423 18.47 -5.70 -34.74
C ILE B 423 19.48 -5.88 -33.58
N VAL B 424 20.37 -4.93 -33.44
CA VAL B 424 21.34 -4.98 -32.35
C VAL B 424 21.06 -3.69 -31.56
N ASP B 425 20.62 -3.79 -30.29
CA ASP B 425 20.25 -2.63 -29.45
C ASP B 425 21.36 -2.54 -28.38
N VAL B 426 22.08 -1.42 -28.38
CA VAL B 426 23.16 -1.19 -27.40
C VAL B 426 22.61 -0.27 -26.26
N ILE B 427 22.66 -0.74 -25.05
CA ILE B 427 22.13 0.04 -23.94
C ILE B 427 23.24 0.43 -22.96
N ASN B 428 23.30 1.71 -22.70
CA ASN B 428 24.24 2.25 -21.69
C ASN B 428 23.58 2.33 -20.29
N MET B 429 24.06 1.53 -19.41
CA MET B 429 23.60 1.56 -18.02
C MET B 429 24.66 2.24 -17.17
N ASP B 430 24.28 3.32 -16.50
CA ASP B 430 25.29 3.94 -15.56
C ASP B 430 24.58 4.72 -14.42
N TYR B 431 25.36 5.32 -13.57
CA TYR B 431 24.89 6.07 -12.39
C TYR B 431 24.70 7.54 -12.68
N GLY B 432 24.53 7.89 -13.97
CA GLY B 432 24.24 9.25 -14.40
C GLY B 432 25.40 10.16 -14.62
N MET B 433 26.65 9.68 -14.42
CA MET B 433 27.85 10.51 -14.68
C MET B 433 28.91 9.73 -15.41
N GLN B 434 28.46 8.99 -16.43
CA GLN B 434 29.28 8.10 -17.18
C GLN B 434 30.06 7.15 -16.27
N GLU B 435 31.40 7.12 -16.29
CA GLU B 435 32.15 6.21 -15.45
C GLU B 435 32.27 6.65 -13.99
N LYS B 436 31.87 7.88 -13.67
CA LYS B 436 32.09 8.45 -12.37
C LYS B 436 31.06 7.95 -11.32
N ASN B 437 31.53 7.91 -10.07
CA ASN B 437 30.69 7.60 -8.94
C ASN B 437 30.05 8.93 -8.47
N PRO B 438 28.74 9.07 -8.63
CA PRO B 438 28.10 10.32 -8.27
C PRO B 438 28.21 10.70 -6.80
N ILE B 439 28.37 9.68 -5.94
CA ILE B 439 28.48 9.90 -4.50
C ILE B 439 29.82 10.57 -4.15
N ASP B 440 30.83 10.44 -5.03
CA ASP B 440 32.07 11.28 -4.91
C ASP B 440 31.78 12.75 -5.13
N HIS B 441 30.58 13.10 -5.62
CA HIS B 441 30.18 14.48 -5.91
C HIS B 441 29.06 14.99 -5.02
N VAL B 442 28.86 14.31 -3.91
CA VAL B 442 27.99 14.73 -2.86
C VAL B 442 28.84 15.12 -1.64
N SER B 443 28.39 16.07 -0.85
CA SER B 443 29.01 16.43 0.38
C SER B 443 28.06 16.14 1.54
N PHE B 444 28.65 15.79 2.66
CA PHE B 444 27.94 15.37 3.83
C PHE B 444 28.33 16.20 5.03
N TYR B 445 27.52 16.18 6.10
CA TYR B 445 27.81 16.91 7.34
C TYR B 445 27.44 15.97 8.49
N CYS B 446 28.11 16.21 9.63
CA CYS B 446 27.84 15.54 10.88
CA CYS B 446 27.85 15.54 10.89
C CYS B 446 27.03 16.42 11.81
N LYS B 447 26.26 15.79 12.66
CA LYS B 447 25.26 16.56 13.36
C LYS B 447 25.90 17.51 14.35
N THR B 448 27.06 17.15 14.88
CA THR B 448 27.72 18.08 15.84
C THR B 448 28.41 19.24 15.16
N ALA B 449 28.58 19.23 13.82
CA ALA B 449 29.24 20.29 13.04
C ALA B 449 28.53 20.48 11.67
N PRO B 450 27.26 20.94 11.76
CA PRO B 450 26.43 20.92 10.56
C PRO B 450 26.87 21.97 9.49
N ASN B 451 27.79 22.86 9.84
CA ASN B 451 28.29 23.80 8.86
C ASN B 451 29.60 23.39 8.22
N ARG B 452 30.09 22.21 8.58
CA ARG B 452 31.25 21.67 7.96
C ARG B 452 30.97 20.53 6.96
N ALA B 453 31.02 20.82 5.70
CA ALA B 453 30.79 19.81 4.65
C ALA B 453 32.01 18.94 4.47
N ILE B 454 31.84 17.62 4.45
CA ILE B 454 32.94 16.71 4.16
C ILE B 454 32.61 15.78 3.00
N ARG B 455 33.62 15.12 2.50
CA ARG B 455 33.48 14.01 1.54
C ARG B 455 33.60 12.69 2.31
N ILE B 456 32.85 11.73 1.73
CA ILE B 456 32.87 10.33 2.22
C ILE B 456 33.15 9.43 0.97
N THR B 457 34.25 8.63 1.11
CA THR B 457 34.69 7.74 0.01
C THR B 457 34.00 6.42 0.05
N LYS B 458 33.99 5.72 -1.10
CA LYS B 458 33.31 4.43 -1.20
C LYS B 458 33.75 3.38 -0.15
N ASN B 459 35.08 3.29 0.02
CA ASN B 459 35.65 2.35 1.02
C ASN B 459 35.34 2.67 2.49
N GLN B 460 35.03 3.95 2.80
CA GLN B 460 34.57 4.31 4.12
C GLN B 460 33.17 3.86 4.34
N VAL B 461 32.46 3.48 3.25
CA VAL B 461 31.03 3.01 3.40
C VAL B 461 30.79 1.47 3.49
N SER B 462 31.32 0.75 2.50
CA SER B 462 31.14 -0.65 2.47
C SER B 462 32.07 -1.14 1.40
N GLN B 463 32.58 -2.34 1.58
CA GLN B 463 33.31 -3.10 0.56
C GLN B 463 32.38 -3.82 -0.45
N LEU B 464 31.07 -3.80 -0.18
CA LEU B 464 30.11 -4.50 -0.96
C LEU B 464 29.53 -3.60 -2.10
N LEU B 465 30.04 -2.36 -2.29
CA LEU B 465 29.49 -1.46 -3.30
C LEU B 465 30.05 -1.75 -4.71
N PRO B 466 29.43 -1.19 -5.72
CA PRO B 466 29.92 -1.42 -7.08
C PRO B 466 31.34 -0.98 -7.31
N GLU B 467 32.11 -1.75 -8.05
CA GLU B 467 33.51 -1.32 -8.41
C GLU B 467 33.53 -0.43 -9.64
N LYS B 468 32.48 -0.45 -10.44
CA LYS B 468 32.36 0.26 -11.67
C LYS B 468 30.98 0.92 -11.69
N PHE B 469 30.82 2.02 -12.45
CA PHE B 469 29.57 2.76 -12.44
C PHE B 469 28.89 2.89 -13.79
N ALA B 470 29.45 2.21 -14.78
CA ALA B 470 28.92 2.28 -16.14
C ALA B 470 29.16 0.99 -16.87
N GLU B 471 28.22 0.52 -17.68
CA GLU B 471 28.39 -0.72 -18.45
C GLU B 471 27.48 -0.62 -19.67
N GLN B 472 27.67 -1.56 -20.59
CA GLN B 472 26.81 -1.65 -21.76
C GLN B 472 26.19 -3.02 -21.86
N LEU B 473 24.92 -3.04 -22.25
CA LEU B 473 24.21 -4.27 -22.56
C LEU B 473 23.91 -4.24 -24.06
N ILE B 474 24.10 -5.39 -24.69
CA ILE B 474 23.86 -5.56 -26.10
C ILE B 474 22.79 -6.62 -26.28
N ARG B 475 21.65 -6.23 -26.81
CA ARG B 475 20.61 -7.18 -27.14
C ARG B 475 20.52 -7.38 -28.66
N VAL B 476 20.32 -8.62 -29.04
CA VAL B 476 20.14 -8.98 -30.46
C VAL B 476 18.78 -9.60 -30.65
N TYR B 477 18.12 -9.18 -31.72
CA TYR B 477 16.85 -9.68 -32.12
C TYR B 477 16.90 -10.08 -33.61
N CYS B 478 15.93 -10.92 -33.99
CA CYS B 478 15.81 -11.40 -35.38
C CYS B 478 14.41 -11.05 -35.92
N LYS B 479 14.40 -10.49 -37.09
CA LYS B 479 13.11 -10.14 -37.75
C LYS B 479 12.44 -11.36 -38.38
N LYS B 480 13.16 -12.46 -38.55
CA LYS B 480 12.53 -13.70 -39.05
C LYS B 480 12.24 -14.57 -37.84
N VAL B 481 11.00 -15.00 -37.73
CA VAL B 481 10.51 -15.53 -36.47
C VAL B 481 10.21 -16.99 -36.46
N ASP B 482 10.40 -17.66 -37.59
CA ASP B 482 10.20 -19.08 -37.62
C ASP B 482 11.30 -19.81 -36.83
N ARG B 483 11.03 -21.06 -36.50
CA ARG B 483 11.92 -21.83 -35.63
C ARG B 483 13.29 -22.09 -36.24
N LYS B 484 13.40 -22.36 -37.54
CA LYS B 484 14.70 -22.56 -38.16
C LYS B 484 15.52 -21.28 -38.20
N SER B 485 14.87 -20.16 -38.46
CA SER B 485 15.55 -18.86 -38.49
C SER B 485 16.06 -18.47 -37.11
N LEU B 486 15.26 -18.75 -36.08
CA LEU B 486 15.64 -18.42 -34.70
C LEU B 486 16.79 -19.29 -34.25
N TYR B 487 16.76 -20.58 -34.58
CA TYR B 487 17.89 -21.47 -34.33
C TYR B 487 19.16 -20.91 -34.96
N ALA B 488 19.09 -20.54 -36.23
CA ALA B 488 20.22 -20.01 -36.93
C ALA B 488 20.70 -18.71 -36.28
N ALA B 489 19.77 -17.80 -36.01
CA ALA B 489 20.10 -16.51 -35.39
C ALA B 489 20.88 -16.69 -34.07
N ARG B 490 20.48 -17.68 -33.30
CA ARG B 490 21.16 -18.00 -32.07
C ARG B 490 22.62 -18.48 -32.27
N GLN B 491 22.87 -19.22 -33.35
CA GLN B 491 24.23 -19.67 -33.63
C GLN B 491 25.08 -18.52 -34.08
N TYR B 492 24.58 -17.68 -35.02
CA TYR B 492 25.33 -16.48 -35.41
C TYR B 492 25.65 -15.58 -34.18
N PHE B 493 24.65 -15.39 -33.34
CA PHE B 493 24.79 -14.51 -32.17
C PHE B 493 25.87 -14.99 -31.23
N VAL B 494 25.82 -16.26 -30.81
CA VAL B 494 26.75 -16.77 -29.84
C VAL B 494 28.15 -16.82 -30.45
N GLN B 495 28.21 -17.10 -31.76
CA GLN B 495 29.54 -17.06 -32.46
C GLN B 495 30.11 -15.65 -32.44
N TRP B 496 29.28 -14.66 -32.77
CA TRP B 496 29.69 -13.27 -32.72
C TRP B 496 30.18 -12.86 -31.31
N CYS B 497 29.46 -13.26 -30.26
CA CYS B 497 29.91 -13.00 -28.90
C CYS B 497 31.33 -13.55 -28.68
N ALA B 498 31.53 -14.80 -29.08
CA ALA B 498 32.82 -15.45 -28.94
C ALA B 498 33.89 -14.69 -29.75
N ASP B 499 33.60 -14.36 -31.00
CA ASP B 499 34.53 -13.60 -31.84
C ASP B 499 34.93 -12.27 -31.25
N ARG B 500 33.97 -11.58 -30.63
CA ARG B 500 34.25 -10.25 -30.09
C ARG B 500 34.75 -10.32 -28.62
N ASN B 501 34.85 -11.51 -28.06
CA ASN B 501 35.19 -11.67 -26.65
C ASN B 501 34.22 -10.97 -25.66
N PHE B 502 32.95 -10.98 -26.03
CA PHE B 502 31.86 -10.49 -25.18
C PHE B 502 31.55 -11.56 -24.18
N THR B 503 30.70 -11.25 -23.20
CA THR B 503 30.37 -12.23 -22.19
C THR B 503 29.52 -13.36 -22.79
N LYS B 504 29.65 -14.52 -22.22
CA LYS B 504 28.83 -15.67 -22.54
C LYS B 504 27.36 -15.38 -22.28
N PRO B 505 26.50 -15.49 -23.32
CA PRO B 505 25.08 -15.43 -23.03
C PRO B 505 24.64 -16.42 -22.00
N GLN B 506 23.71 -16.00 -21.17
CA GLN B 506 23.29 -16.82 -20.02
C GLN B 506 22.73 -18.18 -20.40
N ASP B 507 22.05 -18.22 -21.52
CA ASP B 507 21.49 -19.43 -22.05
C ASP B 507 22.38 -20.06 -23.13
N GLY B 508 23.65 -19.65 -23.23
CA GLY B 508 24.51 -20.06 -24.34
C GLY B 508 24.69 -21.57 -24.53
N ASP B 509 24.81 -22.32 -23.44
CA ASP B 509 24.95 -23.76 -23.56
C ASP B 509 23.69 -24.45 -24.07
N VAL B 510 22.52 -23.81 -23.89
CA VAL B 510 21.28 -24.37 -24.34
C VAL B 510 21.00 -23.94 -25.77
N ILE B 511 21.15 -22.65 -26.08
CA ILE B 511 20.86 -22.15 -27.44
C ILE B 511 21.94 -22.57 -28.49
N ALA B 512 23.19 -22.76 -28.06
CA ALA B 512 24.30 -22.96 -28.99
C ALA B 512 25.35 -23.91 -28.44
N PRO B 513 24.92 -25.17 -28.22
CA PRO B 513 25.78 -26.12 -27.50
C PRO B 513 27.04 -26.50 -28.28
N LEU B 514 26.99 -26.30 -29.58
CA LEU B 514 28.14 -26.57 -30.43
C LEU B 514 29.14 -25.43 -30.56
N ILE B 515 28.77 -24.24 -30.03
CA ILE B 515 29.56 -23.02 -30.17
C ILE B 515 30.23 -22.64 -28.85
N THR B 516 29.50 -22.72 -27.71
CA THR B 516 30.08 -22.41 -26.42
C THR B 516 31.38 -23.20 -25.99
N PRO B 517 31.57 -24.48 -26.42
CA PRO B 517 32.82 -25.17 -26.07
C PRO B 517 34.11 -24.56 -26.63
N GLN B 518 34.06 -23.86 -27.76
CA GLN B 518 35.26 -23.23 -28.36
C GLN B 518 35.97 -22.20 -27.46
N LYS B 519 35.23 -21.51 -26.58
CA LYS B 519 35.77 -20.37 -25.85
C LYS B 519 36.25 -20.80 -24.45
N LYS B 520 37.56 -20.95 -24.25
CA LYS B 520 38.08 -21.36 -22.93
C LYS B 520 37.81 -20.31 -21.80
N GLU B 521 37.69 -19.04 -22.17
CA GLU B 521 37.27 -17.95 -21.24
C GLU B 521 35.87 -18.20 -20.65
N TRP B 522 35.02 -18.89 -21.42
CA TRP B 522 33.67 -19.37 -21.01
C TRP B 522 33.65 -20.72 -20.28
N ASN B 523 34.80 -21.40 -20.23
CA ASN B 523 35.22 -22.43 -19.23
C ASN B 523 34.97 -23.84 -19.69
N ASP C 37 3.07 -21.15 -27.89
CA ASP C 37 1.87 -21.05 -27.02
C ASP C 37 1.96 -21.82 -25.69
N THR C 38 2.83 -21.45 -24.76
CA THR C 38 2.56 -21.85 -23.34
C THR C 38 1.88 -20.65 -22.65
N MET C 39 1.60 -20.87 -21.38
CA MET C 39 1.19 -19.87 -20.32
C MET C 39 1.98 -18.57 -20.09
N LYS C 40 1.40 -17.39 -20.27
CA LYS C 40 2.22 -16.19 -20.20
C LYS C 40 1.91 -15.57 -18.82
N VAL C 41 2.92 -14.91 -18.24
CA VAL C 41 2.81 -14.22 -16.98
C VAL C 41 2.81 -12.73 -17.23
N ILE C 42 1.87 -12.04 -16.63
CA ILE C 42 1.77 -10.56 -16.77
C ILE C 42 1.82 -9.93 -15.37
N ASN C 43 2.60 -8.90 -15.20
CA ASN C 43 2.64 -8.18 -13.94
C ASN C 43 1.62 -7.03 -14.00
N ASP C 44 0.61 -7.09 -13.12
CA ASP C 44 -0.40 -6.05 -12.93
C ASP C 44 -0.23 -5.37 -11.56
N PRO C 45 -0.29 -4.06 -11.46
CA PRO C 45 -0.02 -3.43 -10.16
C PRO C 45 -1.11 -3.75 -9.14
N ILE C 46 -2.33 -4.12 -9.55
CA ILE C 46 -3.38 -4.49 -8.63
C ILE C 46 -3.25 -5.96 -8.20
N HIS C 47 -3.16 -6.87 -9.17
CA HIS C 47 -3.19 -8.29 -8.88
C HIS C 47 -1.84 -8.98 -8.81
N GLY C 48 -0.79 -8.29 -9.16
CA GLY C 48 0.52 -8.87 -9.16
C GLY C 48 0.74 -9.69 -10.43
N HIS C 49 1.44 -10.80 -10.24
CA HIS C 49 1.79 -11.73 -11.33
C HIS C 49 0.64 -12.69 -11.71
N ILE C 50 0.05 -12.48 -12.86
CA ILE C 50 -1.15 -13.15 -13.27
C ILE C 50 -0.76 -14.09 -14.43
N GLU C 51 -1.28 -15.28 -14.43
CA GLU C 51 -1.08 -16.26 -15.52
C GLU C 51 -2.19 -16.18 -16.51
N LEU C 52 -1.81 -16.14 -17.76
CA LEU C 52 -2.78 -16.17 -18.88
C LEU C 52 -2.59 -17.40 -19.73
N HIS C 53 -3.62 -18.23 -19.75
CA HIS C 53 -3.72 -19.42 -20.62
C HIS C 53 -3.48 -19.00 -22.07
N PRO C 54 -2.87 -19.85 -22.88
CA PRO C 54 -2.58 -19.46 -24.25
C PRO C 54 -3.81 -19.08 -25.13
N LEU C 55 -4.95 -19.64 -24.87
CA LEU C 55 -6.14 -19.27 -25.60
C LEU C 55 -6.52 -17.83 -25.29
N LEU C 56 -6.32 -17.44 -24.04
CA LEU C 56 -6.62 -16.07 -23.61
C LEU C 56 -5.65 -15.10 -24.30
N VAL C 57 -4.39 -15.50 -24.39
CA VAL C 57 -3.39 -14.67 -25.06
C VAL C 57 -3.77 -14.47 -26.52
N ARG C 58 -4.29 -15.53 -27.16
CA ARG C 58 -4.67 -15.41 -28.54
C ARG C 58 -5.81 -14.37 -28.74
N ILE C 59 -6.72 -14.35 -27.79
CA ILE C 59 -7.84 -13.42 -27.81
C ILE C 59 -7.38 -11.98 -27.57
N ILE C 60 -6.46 -11.83 -26.61
CA ILE C 60 -5.92 -10.53 -26.26
C ILE C 60 -5.09 -9.90 -27.38
N ASP C 61 -4.32 -10.70 -28.08
CA ASP C 61 -3.44 -10.20 -29.13
C ASP C 61 -4.17 -10.03 -30.48
N THR C 62 -5.23 -9.25 -30.44
CA THR C 62 -6.01 -8.90 -31.62
C THR C 62 -6.26 -7.42 -31.60
N PRO C 63 -6.51 -6.79 -32.78
CA PRO C 63 -6.87 -5.36 -32.83
C PRO C 63 -8.14 -5.06 -32.06
N GLN C 64 -9.07 -6.01 -31.98
CA GLN C 64 -10.34 -5.79 -31.30
C GLN C 64 -10.18 -5.69 -29.78
N PHE C 65 -9.22 -6.44 -29.24
CA PHE C 65 -8.93 -6.38 -27.83
C PHE C 65 -7.97 -5.25 -27.47
N GLN C 66 -6.91 -5.12 -28.23
CA GLN C 66 -5.90 -4.11 -28.03
C GLN C 66 -6.43 -2.69 -28.11
N ARG C 67 -7.52 -2.50 -28.86
CA ARG C 67 -8.26 -1.27 -28.91
C ARG C 67 -8.52 -0.65 -27.51
N LEU C 68 -8.76 -1.51 -26.52
CA LEU C 68 -9.08 -1.08 -25.20
C LEU C 68 -7.93 -0.35 -24.47
N ARG C 69 -6.73 -0.43 -25.03
CA ARG C 69 -5.63 0.39 -24.56
C ARG C 69 -5.86 1.85 -24.83
N TYR C 70 -6.84 2.21 -25.66
CA TYR C 70 -7.00 3.59 -26.13
C TYR C 70 -8.28 4.20 -25.64
N ILE C 71 -8.89 3.59 -24.63
CA ILE C 71 -10.15 4.00 -24.02
C ILE C 71 -9.99 4.08 -22.48
N LYS C 72 -10.01 5.32 -21.99
CA LYS C 72 -9.87 5.57 -20.57
C LYS C 72 -11.03 4.99 -19.83
N GLN C 73 -10.71 4.28 -18.73
CA GLN C 73 -11.68 3.70 -17.88
C GLN C 73 -12.69 4.74 -17.37
N LEU C 74 -12.20 5.87 -16.88
CA LEU C 74 -13.02 6.84 -16.26
C LEU C 74 -13.26 8.11 -17.13
N GLY C 75 -12.89 8.05 -18.39
CA GLY C 75 -13.22 9.15 -19.34
C GLY C 75 -12.76 10.50 -18.90
N GLY C 76 -13.71 11.45 -18.78
CA GLY C 76 -13.42 12.79 -18.32
C GLY C 76 -12.86 12.88 -16.91
N GLY C 77 -12.98 11.82 -16.12
CA GLY C 77 -12.42 11.79 -14.78
C GLY C 77 -10.90 12.07 -14.71
N TYR C 78 -10.14 11.72 -15.74
CA TYR C 78 -8.72 12.03 -15.81
C TYR C 78 -8.42 13.53 -15.71
N TYR C 79 -9.35 14.32 -16.24
CA TYR C 79 -9.24 15.78 -16.22
C TYR C 79 -9.53 16.40 -14.84
N VAL C 80 -9.89 15.58 -13.87
CA VAL C 80 -10.02 15.96 -12.45
C VAL C 80 -9.09 15.24 -11.48
N PHE C 81 -8.85 13.96 -11.75
CA PHE C 81 -7.98 13.07 -10.96
C PHE C 81 -6.86 12.67 -11.90
N PRO C 82 -5.74 13.36 -11.79
CA PRO C 82 -4.66 13.11 -12.76
C PRO C 82 -4.02 11.73 -12.66
N GLY C 83 -4.27 10.97 -11.60
CA GLY C 83 -3.83 9.59 -11.57
C GLY C 83 -4.68 8.68 -12.41
N ALA C 84 -5.85 9.12 -12.89
CA ALA C 84 -6.85 8.23 -13.52
C ALA C 84 -6.61 8.16 -15.04
N SER C 85 -5.42 7.73 -15.42
CA SER C 85 -4.89 7.57 -16.76
C SER C 85 -5.21 6.15 -17.27
N HIS C 86 -5.70 5.29 -16.41
CA HIS C 86 -5.87 3.86 -16.74
C HIS C 86 -6.97 3.62 -17.77
N ASN C 87 -6.76 2.59 -18.58
CA ASN C 87 -7.58 2.24 -19.69
C ASN C 87 -8.36 0.95 -19.47
N ARG C 88 -9.30 0.74 -20.36
CA ARG C 88 -10.14 -0.43 -20.27
C ARG C 88 -9.40 -1.75 -20.47
N PHE C 89 -8.29 -1.71 -21.14
CA PHE C 89 -7.48 -2.91 -21.40
C PHE C 89 -7.06 -3.61 -20.10
N GLU C 90 -6.37 -2.85 -19.24
CA GLU C 90 -5.78 -3.46 -18.00
C GLU C 90 -6.92 -3.83 -17.09
N HIS C 91 -8.01 -3.06 -17.04
CA HIS C 91 -9.19 -3.49 -16.29
C HIS C 91 -9.72 -4.87 -16.80
N SER C 92 -9.76 -5.05 -18.10
CA SER C 92 -10.25 -6.32 -18.68
C SER C 92 -9.39 -7.49 -18.27
N LEU C 93 -8.07 -7.30 -18.31
CA LEU C 93 -7.15 -8.36 -17.85
C LEU C 93 -7.50 -8.72 -16.39
N GLY C 94 -7.73 -7.70 -15.56
CA GLY C 94 -8.04 -7.95 -14.16
C GLY C 94 -9.36 -8.66 -13.94
N VAL C 95 -10.38 -8.32 -14.73
CA VAL C 95 -11.68 -8.98 -14.62
C VAL C 95 -11.54 -10.45 -15.02
N GLY C 96 -10.80 -10.73 -16.11
CA GLY C 96 -10.55 -12.12 -16.54
C GLY C 96 -9.85 -12.91 -15.46
N TYR C 97 -8.83 -12.26 -14.86
CA TYR C 97 -8.16 -12.85 -13.74
C TYR C 97 -9.06 -13.21 -12.55
N LEU C 98 -9.84 -12.26 -12.09
CA LEU C 98 -10.67 -12.47 -10.94
C LEU C 98 -11.79 -13.49 -11.23
N ALA C 99 -12.30 -13.48 -12.45
CA ALA C 99 -13.31 -14.47 -12.89
C ALA C 99 -12.76 -15.87 -12.74
N GLY C 100 -11.54 -16.09 -13.20
CA GLY C 100 -10.81 -17.35 -12.98
C GLY C 100 -10.55 -17.71 -11.52
N CYS C 101 -10.17 -16.73 -10.70
CA CYS C 101 -10.01 -16.95 -9.25
C CYS C 101 -11.29 -17.47 -8.60
N LEU C 102 -12.43 -16.87 -8.93
CA LEU C 102 -13.66 -17.24 -8.28
C LEU C 102 -14.10 -18.64 -8.74
N VAL C 103 -14.12 -18.86 -10.05
CA VAL C 103 -14.55 -20.18 -10.54
C VAL C 103 -13.60 -21.28 -10.07
N HIS C 104 -12.28 -21.03 -10.07
CA HIS C 104 -11.33 -22.01 -9.50
C HIS C 104 -11.57 -22.31 -8.02
N ALA C 105 -11.77 -21.27 -7.20
CA ALA C 105 -12.03 -21.47 -5.78
C ALA C 105 -13.27 -22.33 -5.53
N LEU C 106 -14.34 -22.03 -6.24
CA LEU C 106 -15.59 -22.77 -6.10
C LEU C 106 -15.38 -24.26 -6.43
N GLY C 107 -14.63 -24.50 -7.52
CA GLY C 107 -14.36 -25.85 -7.99
C GLY C 107 -13.51 -26.61 -7.01
N GLU C 108 -12.51 -25.93 -6.45
CA GLU C 108 -11.66 -26.57 -5.48
C GLU C 108 -12.34 -26.95 -4.18
N LYS C 109 -13.21 -26.10 -3.67
CA LYS C 109 -13.93 -26.40 -2.42
C LYS C 109 -15.08 -27.40 -2.66
N GLN C 110 -15.69 -27.40 -3.84
CA GLN C 110 -16.90 -28.22 -4.16
C GLN C 110 -16.72 -28.98 -5.47
N PRO C 111 -15.91 -30.06 -5.40
CA PRO C 111 -15.74 -30.93 -6.59
C PRO C 111 -17.06 -31.46 -7.11
N GLU C 112 -18.07 -31.54 -6.25
CA GLU C 112 -19.37 -32.00 -6.70
C GLU C 112 -20.08 -31.11 -7.71
N LEU C 113 -19.58 -29.87 -7.90
CA LEU C 113 -20.19 -29.00 -8.87
C LEU C 113 -19.80 -29.40 -10.31
N GLN C 114 -18.76 -30.23 -10.45
CA GLN C 114 -18.30 -30.70 -11.78
C GLN C 114 -17.85 -29.53 -12.66
N ILE C 115 -17.23 -28.52 -12.02
CA ILE C 115 -16.69 -27.45 -12.81
C ILE C 115 -15.52 -27.99 -13.58
N SER C 116 -15.54 -27.83 -14.89
CA SER C 116 -14.50 -28.39 -15.78
C SER C 116 -13.50 -27.30 -16.20
N GLU C 117 -12.36 -27.71 -16.79
CA GLU C 117 -11.39 -26.75 -17.30
C GLU C 117 -12.02 -25.95 -18.40
N ARG C 118 -12.90 -26.57 -19.16
CA ARG C 118 -13.62 -25.88 -20.17
C ARG C 118 -14.50 -24.69 -19.57
N ASP C 119 -15.19 -25.00 -18.47
CA ASP C 119 -16.01 -24.01 -17.76
C ASP C 119 -15.12 -22.85 -17.30
N VAL C 120 -13.98 -23.18 -16.74
CA VAL C 120 -13.04 -22.18 -16.23
C VAL C 120 -12.59 -21.26 -17.35
N LEU C 121 -12.16 -21.83 -18.47
CA LEU C 121 -11.77 -21.02 -19.64
C LEU C 121 -12.86 -20.15 -20.16
N CYS C 122 -14.09 -20.66 -20.25
CA CYS C 122 -15.22 -19.87 -20.74
C CYS C 122 -15.54 -18.69 -19.79
N VAL C 123 -15.48 -18.94 -18.50
CA VAL C 123 -15.70 -17.86 -17.53
C VAL C 123 -14.57 -16.80 -17.64
N GLN C 124 -13.32 -17.24 -17.74
CA GLN C 124 -12.19 -16.31 -17.91
C GLN C 124 -12.35 -15.51 -19.18
N ILE C 125 -12.78 -16.15 -20.29
CA ILE C 125 -12.97 -15.43 -21.53
C ILE C 125 -14.05 -14.39 -21.41
N ALA C 126 -15.19 -14.73 -20.80
CA ALA C 126 -16.27 -13.76 -20.63
C ALA C 126 -15.77 -12.57 -19.75
N GLY C 127 -15.01 -12.89 -18.69
CA GLY C 127 -14.48 -11.84 -17.83
C GLY C 127 -13.56 -10.92 -18.63
N LEU C 128 -12.67 -11.51 -19.44
CA LEU C 128 -11.77 -10.74 -20.28
C LEU C 128 -12.44 -9.87 -21.28
N CYS C 129 -13.58 -10.35 -21.79
CA CYS C 129 -14.23 -9.71 -22.96
C CYS C 129 -15.45 -8.87 -22.68
N ARG C 130 -15.87 -8.78 -21.40
CA ARG C 130 -17.05 -8.01 -21.12
C ARG C 130 -16.90 -6.50 -21.20
N ASN C 131 -15.70 -5.99 -21.46
CA ASN C 131 -15.52 -4.56 -21.72
C ASN C 131 -15.23 -4.22 -23.18
N LEU C 132 -15.35 -5.20 -24.09
CA LEU C 132 -15.00 -4.96 -25.50
C LEU C 132 -15.91 -3.94 -26.18
N GLY C 133 -17.07 -3.69 -25.64
CA GLY C 133 -18.05 -2.83 -26.33
C GLY C 133 -17.99 -1.38 -25.95
N HIS C 134 -17.09 -1.05 -25.01
CA HIS C 134 -17.00 0.35 -24.59
C HIS C 134 -16.50 1.20 -25.72
N GLY C 135 -16.95 2.46 -25.70
CA GLY C 135 -16.58 3.43 -26.72
C GLY C 135 -15.73 4.49 -26.11
N PRO C 136 -15.39 5.50 -26.90
CA PRO C 136 -14.57 6.61 -26.45
C PRO C 136 -15.01 7.15 -25.09
N PHE C 137 -14.06 7.29 -24.15
CA PHE C 137 -14.32 7.84 -22.84
C PHE C 137 -15.34 7.04 -22.05
N SER C 138 -15.44 5.73 -22.37
CA SER C 138 -16.26 4.77 -21.66
C SER C 138 -17.70 5.27 -21.44
N HIS C 139 -18.10 5.55 -20.20
CA HIS C 139 -19.50 5.90 -19.98
C HIS C 139 -20.01 7.19 -20.65
N MET C 140 -19.12 8.08 -21.01
CA MET C 140 -19.53 9.19 -21.81
C MET C 140 -20.25 8.75 -23.12
N PHE C 141 -19.75 7.68 -23.71
CA PHE C 141 -20.20 7.25 -25.04
C PHE C 141 -21.62 6.66 -25.00
N ASP C 142 -21.80 5.66 -24.15
CA ASP C 142 -23.07 4.97 -24.02
C ASP C 142 -24.00 5.74 -23.12
N GLY C 143 -23.47 6.49 -22.16
CA GLY C 143 -24.32 7.24 -21.22
C GLY C 143 -24.81 8.60 -21.73
N ARG C 144 -24.03 9.28 -22.56
CA ARG C 144 -24.32 10.68 -22.93
C ARG C 144 -24.40 10.81 -24.46
N PHE C 145 -23.41 10.32 -25.20
CA PHE C 145 -23.32 10.62 -26.61
C PHE C 145 -24.35 9.83 -27.49
N ILE C 146 -24.33 8.51 -27.37
CA ILE C 146 -25.23 7.72 -28.18
C ILE C 146 -26.73 8.08 -27.93
N PRO C 147 -27.16 8.24 -26.67
CA PRO C 147 -28.54 8.65 -26.44
C PRO C 147 -28.92 9.94 -27.15
N LEU C 148 -27.99 10.88 -27.31
CA LEU C 148 -28.28 12.14 -27.98
C LEU C 148 -28.11 12.03 -29.50
N ALA C 149 -27.06 11.35 -29.94
CA ALA C 149 -26.82 11.19 -31.37
C ALA C 149 -27.76 10.23 -32.07
N ARG C 150 -28.16 9.18 -31.37
CA ARG C 150 -29.01 8.14 -31.98
C ARG C 150 -30.12 7.79 -31.04
N PRO C 151 -31.03 8.75 -30.81
CA PRO C 151 -32.11 8.58 -29.83
C PRO C 151 -33.09 7.43 -30.14
N GLU C 152 -33.13 7.01 -31.40
CA GLU C 152 -33.93 5.88 -31.83
C GLU C 152 -33.34 4.47 -31.51
N VAL C 153 -32.04 4.37 -31.29
CA VAL C 153 -31.38 3.08 -31.14
C VAL C 153 -31.33 2.81 -29.64
N LYS C 154 -31.25 1.55 -29.23
CA LYS C 154 -31.12 1.17 -27.81
C LYS C 154 -29.77 0.44 -27.67
N TRP C 155 -28.72 1.22 -27.45
CA TRP C 155 -27.34 0.71 -27.39
C TRP C 155 -26.86 0.63 -25.96
N THR C 156 -26.18 -0.47 -25.65
CA THR C 156 -25.51 -0.66 -24.38
C THR C 156 -24.11 -1.19 -24.71
N HIS C 157 -23.18 -0.92 -23.80
CA HIS C 157 -21.83 -1.50 -23.90
C HIS C 157 -21.88 -3.01 -23.87
N GLU C 158 -22.84 -3.59 -23.15
CA GLU C 158 -23.01 -5.06 -23.14
C GLU C 158 -23.31 -5.63 -24.54
N GLN C 159 -24.23 -5.02 -25.25
CA GLN C 159 -24.53 -5.44 -26.61
C GLN C 159 -23.35 -5.21 -27.51
N GLY C 160 -22.69 -4.07 -27.34
CA GLY C 160 -21.45 -3.78 -28.02
C GLY C 160 -20.39 -4.86 -27.77
N SER C 161 -20.27 -5.29 -26.51
CA SER C 161 -19.29 -6.32 -26.18
C SER C 161 -19.56 -7.67 -26.89
N VAL C 162 -20.81 -8.03 -27.00
CA VAL C 162 -21.24 -9.22 -27.77
C VAL C 162 -20.89 -9.03 -29.20
N MET C 163 -21.22 -7.93 -29.83
CA MET C 163 -20.90 -7.76 -31.22
C MET C 163 -19.42 -7.74 -31.47
N MET C 164 -18.65 -7.09 -30.59
CA MET C 164 -17.20 -7.03 -30.78
C MET C 164 -16.54 -8.39 -30.55
N PHE C 165 -17.05 -9.19 -29.61
CA PHE C 165 -16.51 -10.49 -29.36
C PHE C 165 -16.68 -11.38 -30.60
N GLU C 166 -17.87 -11.32 -31.16
CA GLU C 166 -18.19 -12.09 -32.37
C GLU C 166 -17.24 -11.71 -33.51
N HIS C 167 -17.02 -10.38 -33.66
CA HIS C 167 -16.09 -9.86 -34.64
C HIS C 167 -14.67 -10.32 -34.40
N LEU C 168 -14.26 -10.27 -33.13
CA LEU C 168 -12.94 -10.73 -32.74
C LEU C 168 -12.74 -12.23 -33.08
N ILE C 169 -13.68 -13.06 -32.65
CA ILE C 169 -13.61 -14.52 -32.92
C ILE C 169 -13.51 -14.78 -34.43
N ASN C 170 -14.42 -14.17 -35.19
CA ASN C 170 -14.49 -14.47 -36.66
C ASN C 170 -13.36 -13.88 -37.46
N SER C 171 -12.86 -12.72 -37.07
CA SER C 171 -11.76 -12.10 -37.78
C SER C 171 -10.43 -12.68 -37.48
N ASN C 172 -10.31 -13.47 -36.43
CA ASN C 172 -8.96 -13.90 -35.99
C ASN C 172 -8.80 -15.39 -35.93
N GLY C 173 -9.78 -16.13 -36.45
CA GLY C 173 -9.69 -17.57 -36.51
C GLY C 173 -9.60 -18.22 -35.15
N ILE C 174 -10.38 -17.73 -34.19
CA ILE C 174 -10.26 -18.22 -32.83
C ILE C 174 -11.00 -19.53 -32.64
N LYS C 175 -12.04 -19.79 -33.42
CA LYS C 175 -12.80 -21.02 -33.19
C LYS C 175 -11.95 -22.33 -33.20
N PRO C 176 -11.10 -22.50 -34.22
CA PRO C 176 -10.26 -23.71 -34.21
C PRO C 176 -9.27 -23.75 -33.07
N VAL C 177 -8.87 -22.59 -32.58
CA VAL C 177 -8.16 -22.55 -31.34
C VAL C 177 -9.01 -22.84 -30.16
N MET C 178 -10.22 -22.42 -30.04
CA MET C 178 -11.03 -22.89 -28.91
C MET C 178 -11.08 -24.44 -28.84
N GLU C 179 -11.25 -25.00 -29.99
CA GLU C 179 -11.36 -26.45 -30.18
C GLU C 179 -10.13 -27.19 -29.79
N GLN C 180 -9.00 -26.68 -30.23
CA GLN C 180 -7.72 -27.20 -29.81
C GLN C 180 -7.60 -27.33 -28.30
N TYR C 181 -8.23 -26.39 -27.56
CA TYR C 181 -8.14 -26.42 -26.09
C TYR C 181 -9.37 -26.98 -25.42
N GLY C 182 -10.19 -27.68 -26.17
CA GLY C 182 -11.24 -28.47 -25.57
C GLY C 182 -12.57 -27.75 -25.48
N LEU C 183 -12.67 -26.51 -25.97
CA LEU C 183 -13.95 -25.84 -25.99
C LEU C 183 -14.80 -26.37 -27.17
N ILE C 184 -16.09 -26.23 -27.06
CA ILE C 184 -17.02 -26.58 -28.13
C ILE C 184 -17.63 -25.27 -28.56
N PRO C 185 -17.13 -24.71 -29.66
CA PRO C 185 -17.51 -23.33 -29.96
C PRO C 185 -18.94 -22.93 -30.04
N GLU C 186 -19.79 -23.74 -30.63
CA GLU C 186 -21.20 -23.42 -30.70
C GLU C 186 -21.79 -23.15 -29.27
N GLU C 187 -21.65 -24.13 -28.39
CA GLU C 187 -22.22 -24.00 -27.01
C GLU C 187 -21.45 -22.92 -26.20
N ASP C 188 -20.14 -22.90 -26.38
CA ASP C 188 -19.29 -22.08 -25.50
C ASP C 188 -19.29 -20.63 -25.91
N ILE C 189 -19.43 -20.33 -27.22
CA ILE C 189 -19.54 -18.95 -27.65
C ILE C 189 -20.84 -18.35 -27.11
N CYS C 190 -21.90 -19.16 -27.23
CA CYS C 190 -23.19 -18.81 -26.67
C CYS C 190 -23.08 -18.53 -25.15
N PHE C 191 -22.44 -19.44 -24.43
CA PHE C 191 -22.24 -19.32 -22.98
C PHE C 191 -21.49 -18.00 -22.64
N ILE C 192 -20.43 -17.74 -23.37
CA ILE C 192 -19.63 -16.50 -23.14
C ILE C 192 -20.48 -15.24 -23.38
N LYS C 193 -21.25 -15.21 -24.48
CA LYS C 193 -22.07 -14.08 -24.77
C LYS C 193 -23.15 -13.91 -23.70
N GLU C 194 -23.73 -15.01 -23.26
CA GLU C 194 -24.78 -14.97 -22.26
C GLU C 194 -24.25 -14.43 -20.91
N GLN C 195 -23.00 -14.76 -20.59
CA GLN C 195 -22.38 -14.21 -19.35
C GLN C 195 -22.27 -12.69 -19.46
N ILE C 196 -22.02 -12.20 -20.67
CA ILE C 196 -21.83 -10.76 -20.91
C ILE C 196 -23.12 -9.97 -20.93
N VAL C 197 -24.14 -10.50 -21.63
CA VAL C 197 -25.35 -9.71 -21.91
C VAL C 197 -26.62 -10.33 -21.30
N GLY C 198 -26.53 -11.56 -20.81
CA GLY C 198 -27.69 -12.24 -20.24
C GLY C 198 -28.35 -13.10 -21.33
N PRO C 199 -29.55 -13.63 -21.02
CA PRO C 199 -30.18 -14.55 -21.99
C PRO C 199 -30.33 -13.93 -23.37
N LEU C 200 -29.90 -14.63 -24.42
CA LEU C 200 -29.91 -14.12 -25.82
C LEU C 200 -31.33 -14.09 -26.45
N GLU C 201 -32.31 -14.71 -25.79
CA GLU C 201 -33.76 -14.48 -25.98
C GLU C 201 -34.12 -13.22 -26.77
N LEU C 208 -38.86 -21.22 -16.18
CA LEU C 208 -38.18 -21.91 -17.29
C LEU C 208 -36.75 -21.35 -17.45
N TRP C 209 -35.75 -22.22 -17.40
CA TRP C 209 -34.32 -21.84 -17.46
C TRP C 209 -34.03 -21.17 -18.81
N PRO C 210 -33.74 -19.85 -18.80
CA PRO C 210 -33.67 -19.10 -20.09
C PRO C 210 -32.33 -19.14 -20.86
N TYR C 211 -31.32 -19.83 -20.32
CA TYR C 211 -30.00 -19.86 -20.93
C TYR C 211 -29.81 -21.12 -21.76
N LYS C 212 -29.03 -20.97 -22.83
CA LYS C 212 -28.69 -22.07 -23.72
C LYS C 212 -27.23 -22.55 -23.60
N GLY C 213 -26.32 -21.71 -23.09
CA GLY C 213 -24.92 -22.09 -23.10
C GLY C 213 -24.50 -23.12 -22.11
N ARG C 214 -25.18 -23.11 -20.98
CA ARG C 214 -25.04 -24.13 -19.93
C ARG C 214 -26.42 -24.47 -19.37
N PRO C 215 -26.57 -25.69 -18.80
CA PRO C 215 -27.77 -26.12 -18.06
C PRO C 215 -27.82 -25.61 -16.59
N GLU C 216 -28.98 -25.79 -15.99
CA GLU C 216 -29.32 -25.23 -14.69
C GLU C 216 -28.42 -25.69 -13.56
N ASN C 217 -27.88 -26.88 -13.75
CA ASN C 217 -26.90 -27.40 -12.82
C ASN C 217 -25.57 -26.63 -12.77
N LYS C 218 -25.38 -25.72 -13.73
CA LYS C 218 -24.25 -24.78 -13.75
C LYS C 218 -24.72 -23.31 -13.71
N SER C 219 -25.93 -23.09 -13.19
CA SER C 219 -26.48 -21.75 -13.00
C SER C 219 -25.53 -20.75 -12.31
N PHE C 220 -24.88 -21.21 -11.26
CA PHE C 220 -23.95 -20.41 -10.51
C PHE C 220 -22.84 -19.76 -11.37
N LEU C 221 -22.49 -20.40 -12.49
CA LEU C 221 -21.46 -19.87 -13.36
C LEU C 221 -21.85 -18.49 -13.93
N TYR C 222 -23.16 -18.26 -14.12
CA TYR C 222 -23.64 -16.99 -14.62
C TYR C 222 -23.58 -15.83 -13.59
N GLU C 223 -23.21 -16.13 -12.36
CA GLU C 223 -23.17 -15.10 -11.30
C GLU C 223 -21.74 -14.53 -11.08
N ILE C 224 -20.78 -14.93 -11.91
CA ILE C 224 -19.41 -14.56 -11.75
C ILE C 224 -18.99 -13.25 -12.45
N VAL C 225 -19.24 -13.16 -13.75
CA VAL C 225 -18.76 -12.06 -14.60
C VAL C 225 -19.66 -10.85 -14.56
N SER C 226 -20.95 -11.07 -14.78
CA SER C 226 -21.92 -10.01 -14.67
C SER C 226 -23.16 -10.56 -14.01
N ASN C 227 -23.33 -10.23 -12.74
CA ASN C 227 -24.31 -10.86 -11.89
C ASN C 227 -25.57 -10.07 -11.99
N LYS C 228 -26.52 -10.53 -12.77
CA LYS C 228 -27.78 -9.78 -12.98
C LYS C 228 -28.76 -10.01 -11.82
N ARG C 229 -28.50 -10.95 -10.93
CA ARG C 229 -29.39 -11.21 -9.79
C ARG C 229 -29.24 -10.18 -8.67
N ASN C 230 -27.98 -9.86 -8.28
CA ASN C 230 -27.74 -8.91 -7.22
C ASN C 230 -26.54 -7.95 -7.45
N GLY C 231 -25.84 -8.09 -8.57
CA GLY C 231 -24.71 -7.21 -8.90
C GLY C 231 -23.39 -7.55 -8.21
N ILE C 232 -23.34 -8.66 -7.48
CA ILE C 232 -22.09 -9.04 -6.83
C ILE C 232 -21.21 -9.85 -7.81
N ASP C 233 -20.30 -9.19 -8.53
CA ASP C 233 -19.50 -9.82 -9.56
C ASP C 233 -18.06 -9.30 -9.57
N VAL C 234 -17.20 -10.00 -10.31
CA VAL C 234 -15.78 -9.79 -10.20
C VAL C 234 -15.38 -8.52 -10.95
N ASP C 235 -16.26 -8.03 -11.80
CA ASP C 235 -16.03 -6.81 -12.53
C ASP C 235 -15.92 -5.60 -11.57
N LYS C 236 -16.83 -5.52 -10.62
CA LYS C 236 -16.83 -4.52 -9.56
C LYS C 236 -15.55 -4.67 -8.75
N TRP C 237 -15.19 -5.90 -8.40
CA TRP C 237 -14.05 -6.09 -7.55
C TRP C 237 -12.76 -5.53 -8.19
N ASP C 238 -12.59 -5.76 -9.51
CA ASP C 238 -11.42 -5.21 -10.18
C ASP C 238 -11.51 -3.67 -10.19
N TYR C 239 -12.65 -3.07 -10.61
CA TYR C 239 -12.63 -1.64 -10.71
C TYR C 239 -12.54 -0.94 -9.39
N PHE C 240 -13.07 -1.52 -8.31
CA PHE C 240 -12.88 -0.88 -6.99
C PHE C 240 -11.36 -0.71 -6.70
N ALA C 241 -10.65 -1.82 -6.84
CA ALA C 241 -9.25 -1.83 -6.51
C ALA C 241 -8.44 -0.96 -7.51
N ARG C 242 -8.74 -1.10 -8.80
CA ARG C 242 -7.94 -0.41 -9.80
C ARG C 242 -8.23 1.10 -9.84
N ASP C 243 -9.53 1.46 -9.82
CA ASP C 243 -9.88 2.87 -9.77
C ASP C 243 -9.29 3.57 -8.52
N CYS C 244 -9.40 2.92 -7.38
CA CYS C 244 -8.82 3.44 -6.12
C CYS C 244 -7.31 3.66 -6.22
N HIS C 245 -6.63 2.67 -6.75
CA HIS C 245 -5.18 2.77 -7.02
C HIS C 245 -4.77 4.01 -7.82
N HIS C 246 -5.53 4.33 -8.86
CA HIS C 246 -5.28 5.44 -9.77
C HIS C 246 -5.83 6.77 -9.33
N LEU C 247 -7.00 6.76 -8.71
CA LEU C 247 -7.62 7.96 -8.22
C LEU C 247 -6.84 8.56 -7.02
N GLY C 248 -6.24 7.71 -6.18
CA GLY C 248 -5.73 8.15 -4.90
C GLY C 248 -6.75 8.15 -3.79
N ILE C 249 -7.66 7.19 -3.82
CA ILE C 249 -8.72 6.92 -2.81
C ILE C 249 -8.48 5.48 -2.38
N GLN C 250 -8.70 5.12 -1.12
CA GLN C 250 -8.32 3.80 -0.68
C GLN C 250 -9.55 2.89 -0.68
N ASN C 251 -9.32 1.63 -1.15
CA ASN C 251 -10.36 0.62 -1.30
C ASN C 251 -10.52 -0.12 0.07
N ASN C 252 -11.73 -0.13 0.60
CA ASN C 252 -12.16 -0.73 1.84
C ASN C 252 -12.86 -2.21 1.66
N PHE C 253 -13.16 -2.60 0.45
CA PHE C 253 -13.75 -3.92 0.19
C PHE C 253 -12.67 -4.98 -0.03
N ASP C 254 -12.81 -6.14 0.64
CA ASP C 254 -11.86 -7.24 0.50
C ASP C 254 -12.45 -8.38 -0.32
N TYR C 255 -12.14 -8.39 -1.61
CA TYR C 255 -12.70 -9.41 -2.52
C TYR C 255 -12.12 -10.78 -2.22
N LYS C 256 -10.85 -10.86 -1.82
CA LYS C 256 -10.26 -12.16 -1.51
C LYS C 256 -10.94 -12.85 -0.38
N ARG C 257 -11.34 -12.08 0.63
CA ARG C 257 -12.16 -12.61 1.75
C ARG C 257 -13.46 -13.16 1.21
N PHE C 258 -14.13 -12.36 0.37
CA PHE C 258 -15.40 -12.80 -0.19
C PHE C 258 -15.23 -14.20 -0.88
N ILE C 259 -14.21 -14.32 -1.72
CA ILE C 259 -13.98 -15.56 -2.43
C ILE C 259 -13.79 -16.72 -1.46
N LYS C 260 -13.02 -16.48 -0.40
CA LYS C 260 -12.82 -17.48 0.58
C LYS C 260 -14.07 -17.98 1.24
N PHE C 261 -15.07 -17.13 1.37
CA PHE C 261 -16.25 -17.49 2.07
C PHE C 261 -17.38 -17.82 1.13
N ALA C 262 -17.13 -17.93 -0.17
CA ALA C 262 -18.24 -18.10 -1.12
C ALA C 262 -18.48 -19.58 -1.29
N ARG C 263 -19.74 -20.00 -1.45
CA ARG C 263 -20.10 -21.41 -1.65
C ARG C 263 -21.26 -21.44 -2.59
N VAL C 264 -21.49 -22.59 -3.23
CA VAL C 264 -22.68 -22.74 -4.07
C VAL C 264 -23.71 -23.60 -3.33
N CYS C 265 -24.93 -23.13 -3.26
CA CYS C 265 -26.02 -23.80 -2.53
C CYS C 265 -27.25 -23.79 -3.39
N GLU C 266 -28.13 -24.77 -3.16
CA GLU C 266 -29.40 -24.79 -3.85
C GLU C 266 -30.31 -23.78 -3.18
N VAL C 267 -30.86 -22.88 -3.99
CA VAL C 267 -31.86 -21.89 -3.57
C VAL C 267 -33.01 -21.95 -4.61
N ASP C 268 -34.22 -22.18 -4.10
CA ASP C 268 -35.46 -22.34 -4.92
C ASP C 268 -35.19 -23.13 -6.20
N ASN C 269 -34.64 -24.34 -6.04
CA ASN C 269 -34.36 -25.28 -7.13
C ASN C 269 -33.24 -24.86 -8.14
N GLU C 270 -32.40 -23.93 -7.74
CA GLU C 270 -31.33 -23.48 -8.62
C GLU C 270 -30.03 -23.38 -7.80
N LEU C 271 -28.89 -23.71 -8.40
CA LEU C 271 -27.57 -23.65 -7.71
C LEU C 271 -27.04 -22.21 -7.86
N ARG C 272 -26.91 -21.53 -6.72
CA ARG C 272 -26.47 -20.11 -6.66
C ARG C 272 -25.23 -19.97 -5.77
N ILE C 273 -24.48 -18.89 -6.06
CA ILE C 273 -23.35 -18.55 -5.21
C ILE C 273 -23.94 -17.91 -3.96
N CYS C 274 -23.54 -18.41 -2.78
CA CYS C 274 -24.04 -17.90 -1.53
C CYS C 274 -22.83 -17.40 -0.68
N ALA C 275 -23.09 -16.47 0.21
CA ALA C 275 -22.03 -15.95 1.08
C ALA C 275 -22.23 -16.53 2.49
N ARG C 276 -21.16 -16.56 3.28
CA ARG C 276 -21.33 -16.84 4.65
C ARG C 276 -22.19 -15.77 5.31
N ASP C 277 -23.07 -16.21 6.16
CA ASP C 277 -24.02 -15.35 6.91
C ASP C 277 -23.31 -14.11 7.54
N LYS C 278 -22.24 -14.36 8.25
CA LYS C 278 -21.51 -13.29 8.90
C LYS C 278 -20.81 -12.33 7.96
N GLU C 279 -20.74 -12.58 6.69
CA GLU C 279 -20.24 -11.62 5.71
C GLU C 279 -21.29 -10.59 5.27
N VAL C 280 -22.51 -10.64 5.83
CA VAL C 280 -23.57 -9.75 5.29
C VAL C 280 -23.21 -8.25 5.41
N GLY C 281 -22.65 -7.86 6.56
CA GLY C 281 -22.16 -6.49 6.78
C GLY C 281 -21.13 -6.04 5.77
N ASN C 282 -20.25 -6.95 5.38
CA ASN C 282 -19.27 -6.67 4.36
C ASN C 282 -19.88 -6.42 2.99
N LEU C 283 -21.01 -7.11 2.70
CA LEU C 283 -21.73 -6.86 1.48
C LEU C 283 -22.50 -5.54 1.44
N TYR C 284 -23.17 -5.20 2.53
CA TYR C 284 -23.69 -3.86 2.65
C TYR C 284 -22.55 -2.84 2.45
N ASP C 285 -21.40 -3.07 3.07
CA ASP C 285 -20.27 -2.20 2.85
C ASP C 285 -19.75 -2.21 1.42
N MET C 286 -19.82 -3.30 0.70
CA MET C 286 -19.40 -3.30 -0.71
C MET C 286 -20.19 -2.26 -1.56
N PHE C 287 -21.50 -2.25 -1.37
CA PHE C 287 -22.37 -1.31 -2.03
C PHE C 287 -22.18 0.10 -1.57
N HIS C 288 -21.87 0.28 -0.27
CA HIS C 288 -21.58 1.63 0.27
C HIS C 288 -20.31 2.15 -0.45
N THR C 289 -19.32 1.26 -0.63
CA THR C 289 -18.08 1.58 -1.31
C THR C 289 -18.31 2.05 -2.75
N ARG C 290 -19.13 1.30 -3.47
CA ARG C 290 -19.52 1.67 -4.81
C ARG C 290 -20.17 3.08 -4.84
N ASN C 291 -21.08 3.34 -3.91
CA ASN C 291 -21.77 4.62 -3.88
C ASN C 291 -20.80 5.75 -3.55
N SER C 292 -19.84 5.50 -2.64
CA SER C 292 -18.84 6.50 -2.28
C SER C 292 -17.91 6.80 -3.42
N LEU C 293 -17.54 5.79 -4.23
CA LEU C 293 -16.73 6.01 -5.42
C LEU C 293 -17.49 6.87 -6.49
N HIS C 294 -18.78 6.59 -6.67
CA HIS C 294 -19.58 7.48 -7.48
C HIS C 294 -19.65 8.91 -6.96
N ARG C 295 -19.87 9.05 -5.65
CA ARG C 295 -19.93 10.40 -5.07
C ARG C 295 -18.62 11.16 -5.17
N ARG C 296 -17.51 10.54 -4.78
CA ARG C 296 -16.24 11.24 -4.77
C ARG C 296 -15.66 11.46 -6.14
N ALA C 297 -15.81 10.47 -7.03
CA ALA C 297 -15.06 10.41 -8.30
C ALA C 297 -15.92 10.37 -9.55
N TYR C 298 -16.74 9.34 -9.71
CA TYR C 298 -17.34 9.13 -11.01
C TYR C 298 -18.38 10.21 -11.35
N GLN C 299 -19.02 10.73 -10.31
CA GLN C 299 -19.96 11.85 -10.49
C GLN C 299 -19.44 13.19 -10.03
N HIS C 300 -18.12 13.33 -10.02
CA HIS C 300 -17.55 14.59 -9.67
C HIS C 300 -18.19 15.68 -10.56
N LYS C 301 -18.61 16.78 -9.97
CA LYS C 301 -19.37 17.82 -10.71
C LYS C 301 -18.59 18.41 -11.89
N VAL C 302 -17.25 18.50 -11.73
CA VAL C 302 -16.40 19.01 -12.80
C VAL C 302 -16.09 17.94 -13.84
N GLY C 303 -15.87 16.69 -13.39
CA GLY C 303 -15.69 15.62 -14.34
C GLY C 303 -16.93 15.49 -15.25
N ASN C 304 -18.09 15.66 -14.65
CA ASN C 304 -19.34 15.53 -15.39
C ASN C 304 -19.50 16.64 -16.42
N ILE C 305 -19.11 17.87 -16.07
CA ILE C 305 -19.24 18.95 -17.01
C ILE C 305 -18.26 18.81 -18.13
N ILE C 306 -17.08 18.24 -17.83
CA ILE C 306 -16.10 17.95 -18.86
C ILE C 306 -16.63 16.87 -19.81
N ASP C 307 -17.21 15.78 -19.30
CA ASP C 307 -17.82 14.76 -20.15
C ASP C 307 -18.94 15.40 -21.02
N THR C 308 -19.70 16.31 -20.40
CA THR C 308 -20.72 17.06 -21.12
C THR C 308 -20.09 17.90 -22.23
N MET C 309 -19.04 18.59 -22.04
CA MET C 309 -18.47 19.37 -23.10
C MET C 309 -17.90 18.51 -24.19
N ILE C 310 -17.33 17.36 -23.82
CA ILE C 310 -16.66 16.55 -24.83
C ILE C 310 -17.78 15.97 -25.70
N THR C 311 -18.87 15.55 -25.07
CA THR C 311 -19.99 14.99 -25.78
C THR C 311 -20.56 16.02 -26.80
N ASP C 312 -20.66 17.27 -26.35
CA ASP C 312 -21.09 18.36 -27.21
C ASP C 312 -20.15 18.52 -28.41
N ALA C 313 -18.84 18.45 -28.18
CA ALA C 313 -17.84 18.52 -29.28
C ALA C 313 -18.03 17.35 -30.24
N PHE C 314 -18.24 16.14 -29.74
CA PHE C 314 -18.45 14.97 -30.61
C PHE C 314 -19.71 15.13 -31.46
N LEU C 315 -20.75 15.66 -30.85
CA LEU C 315 -22.00 15.92 -31.60
C LEU C 315 -21.80 16.92 -32.71
N LYS C 316 -21.07 17.98 -32.45
CA LYS C 316 -20.74 18.98 -33.47
C LYS C 316 -19.75 18.47 -34.55
N ALA C 317 -19.00 17.44 -34.21
CA ALA C 317 -18.07 16.81 -35.13
C ALA C 317 -18.68 15.68 -35.92
N ASP C 318 -19.83 15.18 -35.51
CA ASP C 318 -20.31 13.89 -35.98
C ASP C 318 -20.59 13.84 -37.51
N ASP C 319 -21.03 14.95 -38.09
CA ASP C 319 -21.26 14.99 -39.53
C ASP C 319 -19.99 14.94 -40.34
N TYR C 320 -18.83 15.24 -39.74
CA TYR C 320 -17.60 15.49 -40.48
C TYR C 320 -16.49 14.44 -40.32
N ILE C 321 -16.43 13.77 -39.18
CA ILE C 321 -15.37 12.77 -38.96
C ILE C 321 -15.79 11.51 -39.67
N GLU C 322 -14.86 10.89 -40.36
CA GLU C 322 -15.13 9.68 -41.09
C GLU C 322 -14.30 8.54 -40.48
N ILE C 323 -14.94 7.37 -40.34
CA ILE C 323 -14.25 6.21 -39.87
C ILE C 323 -14.52 5.13 -40.91
N THR C 324 -13.44 4.63 -41.48
CA THR C 324 -13.55 3.60 -42.48
C THR C 324 -13.75 2.22 -41.85
N GLY C 325 -14.82 1.55 -42.29
CA GLY C 325 -15.19 0.22 -41.90
C GLY C 325 -15.07 -0.86 -42.93
N ALA C 326 -15.88 -1.92 -42.77
CA ALA C 326 -15.77 -3.08 -43.66
C ALA C 326 -16.03 -2.68 -45.13
N GLY C 327 -15.20 -3.17 -46.04
CA GLY C 327 -15.33 -2.91 -47.48
C GLY C 327 -15.13 -1.46 -47.86
N GLY C 328 -14.34 -0.72 -47.10
CA GLY C 328 -14.10 0.68 -47.37
C GLY C 328 -15.27 1.65 -47.11
N LYS C 329 -16.41 1.16 -46.68
CA LYS C 329 -17.53 2.02 -46.26
C LYS C 329 -17.15 2.96 -45.11
N LYS C 330 -17.76 4.16 -45.14
CA LYS C 330 -17.47 5.22 -44.19
C LYS C 330 -18.57 5.31 -43.14
N TYR C 331 -18.16 5.50 -41.90
CA TYR C 331 -19.09 5.64 -40.81
C TYR C 331 -18.79 6.93 -40.10
N ARG C 332 -19.75 7.37 -39.29
CA ARG C 332 -19.60 8.52 -38.41
C ARG C 332 -19.31 8.02 -37.00
N ILE C 333 -19.01 8.92 -36.10
CA ILE C 333 -18.86 8.57 -34.68
C ILE C 333 -20.12 7.85 -34.21
N SER C 334 -21.29 8.39 -34.59
CA SER C 334 -22.58 7.86 -34.14
C SER C 334 -22.99 6.58 -34.88
N THR C 335 -22.38 6.25 -36.00
CA THR C 335 -22.77 5.04 -36.74
C THR C 335 -21.71 3.93 -36.73
N ALA C 336 -20.55 4.21 -36.14
CA ALA C 336 -19.53 3.19 -36.02
C ALA C 336 -20.00 1.97 -35.24
N ILE C 337 -20.98 2.18 -34.36
CA ILE C 337 -21.59 1.11 -33.58
C ILE C 337 -22.28 0.06 -34.45
N ASP C 338 -22.55 0.40 -35.69
CA ASP C 338 -23.20 -0.50 -36.65
C ASP C 338 -22.24 -1.35 -37.45
N ASP C 339 -20.93 -1.21 -37.25
CA ASP C 339 -19.93 -1.93 -38.07
C ASP C 339 -18.68 -2.19 -37.23
N MET C 340 -18.46 -3.39 -36.77
CA MET C 340 -17.41 -3.60 -35.80
C MET C 340 -16.04 -3.31 -36.33
N GLU C 341 -15.85 -3.41 -37.64
CA GLU C 341 -14.59 -3.00 -38.16
C GLU C 341 -14.30 -1.51 -38.01
N ALA C 342 -15.30 -0.67 -38.19
CA ALA C 342 -15.18 0.78 -37.90
C ALA C 342 -15.08 1.04 -36.40
N TYR C 343 -15.94 0.37 -35.61
CA TYR C 343 -15.91 0.55 -34.16
C TYR C 343 -14.56 0.18 -33.56
N THR C 344 -13.88 -0.78 -34.14
CA THR C 344 -12.53 -1.15 -33.71
C THR C 344 -11.59 0.05 -33.70
N LYS C 345 -11.81 1.01 -34.60
CA LYS C 345 -11.00 2.18 -34.75
C LYS C 345 -11.58 3.39 -34.11
N LEU C 346 -12.61 3.21 -33.28
CA LEU C 346 -13.27 4.33 -32.61
C LEU C 346 -12.87 4.31 -31.11
N THR C 347 -11.96 5.19 -30.75
CA THR C 347 -11.39 5.23 -29.42
C THR C 347 -11.25 6.66 -28.95
N ASP C 348 -10.56 6.89 -27.84
CA ASP C 348 -10.34 8.25 -27.35
C ASP C 348 -9.56 9.14 -28.32
N ASN C 349 -8.90 8.53 -29.27
CA ASN C 349 -8.22 9.25 -30.38
C ASN C 349 -9.09 10.33 -31.06
N ILE C 350 -10.39 10.08 -31.07
CA ILE C 350 -11.36 10.98 -31.72
C ILE C 350 -11.24 12.37 -31.11
N PHE C 351 -11.01 12.44 -29.79
CA PHE C 351 -10.84 13.71 -29.10
C PHE C 351 -9.65 14.45 -29.73
N LEU C 352 -8.52 13.77 -29.89
CA LEU C 352 -7.33 14.43 -30.45
C LEU C 352 -7.45 14.74 -31.94
N GLU C 353 -8.14 13.88 -32.67
CA GLU C 353 -8.39 14.13 -34.10
C GLU C 353 -9.19 15.46 -34.25
N ILE C 354 -10.21 15.64 -33.41
CA ILE C 354 -10.92 16.92 -33.35
C ILE C 354 -10.03 18.07 -32.89
N LEU C 355 -9.29 17.84 -31.80
CA LEU C 355 -8.48 18.93 -31.23
C LEU C 355 -7.43 19.38 -32.23
N TYR C 356 -6.84 18.45 -32.96
CA TYR C 356 -5.72 18.78 -33.85
C TYR C 356 -6.17 19.12 -35.29
N SER C 357 -7.48 19.07 -35.55
CA SER C 357 -8.02 19.28 -36.88
C SER C 357 -7.77 20.69 -37.38
N THR C 358 -7.75 20.86 -38.73
CA THR C 358 -7.70 22.21 -39.37
C THR C 358 -8.93 22.50 -40.26
N ASP C 359 -9.71 21.45 -40.57
CA ASP C 359 -10.93 21.57 -41.35
C ASP C 359 -11.87 22.60 -40.74
N PRO C 360 -12.30 23.60 -41.59
CA PRO C 360 -13.17 24.62 -41.03
C PRO C 360 -14.50 24.05 -40.54
N LYS C 361 -14.96 22.94 -41.13
CA LYS C 361 -16.25 22.34 -40.69
C LYS C 361 -16.18 21.81 -39.25
N LEU C 362 -14.96 21.54 -38.78
CA LEU C 362 -14.70 21.06 -37.40
C LEU C 362 -14.34 22.18 -36.41
N LYS C 363 -14.43 23.42 -36.85
CA LYS C 363 -14.10 24.53 -36.01
C LYS C 363 -14.92 24.61 -34.70
N ASP C 364 -16.22 24.44 -34.79
CA ASP C 364 -17.04 24.52 -33.63
C ASP C 364 -16.73 23.40 -32.60
N ALA C 365 -16.54 22.19 -33.11
CA ALA C 365 -16.17 21.05 -32.25
C ALA C 365 -14.79 21.29 -31.63
N ARG C 366 -13.83 21.64 -32.46
CA ARG C 366 -12.48 21.96 -32.03
C ARG C 366 -12.42 23.08 -30.98
N GLU C 367 -13.19 24.16 -31.17
CA GLU C 367 -13.23 25.21 -30.20
C GLU C 367 -13.71 24.78 -28.80
N ILE C 368 -14.65 23.84 -28.73
CA ILE C 368 -15.11 23.38 -27.42
C ILE C 368 -13.91 22.69 -26.69
N LEU C 369 -13.20 21.85 -27.44
CA LEU C 369 -12.09 21.10 -26.86
C LEU C 369 -10.97 22.02 -26.45
N LYS C 370 -10.74 23.06 -27.24
CA LYS C 370 -9.80 24.08 -26.87
C LYS C 370 -10.17 24.79 -25.58
N GLN C 371 -11.44 25.11 -25.42
CA GLN C 371 -11.84 25.73 -24.17
C GLN C 371 -11.64 24.79 -22.94
N ILE C 372 -11.86 23.50 -23.11
CA ILE C 372 -11.50 22.52 -22.07
C ILE C 372 -10.00 22.67 -21.70
N GLU C 373 -9.12 22.74 -22.67
CA GLU C 373 -7.69 22.88 -22.39
C GLU C 373 -7.31 24.13 -21.66
N TYR C 374 -8.01 25.24 -21.97
CA TYR C 374 -7.83 26.47 -21.20
C TYR C 374 -8.57 26.49 -19.87
N ARG C 375 -9.35 25.43 -19.58
CA ARG C 375 -10.15 25.30 -18.39
C ARG C 375 -11.20 26.39 -18.35
N ASN C 376 -11.66 26.77 -19.53
CA ASN C 376 -12.86 27.62 -19.64
C ASN C 376 -14.12 26.75 -19.71
N LEU C 377 -14.51 26.22 -18.56
CA LEU C 377 -15.59 25.25 -18.43
C LEU C 377 -16.88 25.95 -18.15
N PHE C 378 -17.97 25.33 -18.51
CA PHE C 378 -19.31 25.77 -17.99
C PHE C 378 -19.26 25.76 -16.47
N LYS C 379 -19.94 26.71 -15.85
CA LYS C 379 -19.80 26.92 -14.43
C LYS C 379 -20.86 26.25 -13.63
N TYR C 380 -20.45 25.61 -12.58
CA TYR C 380 -21.35 24.93 -11.65
C TYR C 380 -22.15 25.93 -10.87
N VAL C 381 -23.44 25.80 -10.94
CA VAL C 381 -24.36 26.69 -10.22
C VAL C 381 -24.83 26.09 -8.89
N GLY C 382 -25.18 24.82 -8.88
CA GLY C 382 -25.57 24.18 -7.64
C GLY C 382 -26.18 22.83 -7.88
N GLU C 383 -26.56 22.21 -6.78
CA GLU C 383 -27.04 20.82 -6.73
C GLU C 383 -28.21 20.77 -5.79
N THR C 384 -29.18 19.93 -6.11
CA THR C 384 -30.31 19.68 -5.30
C THR C 384 -30.78 18.25 -5.53
N GLN C 385 -31.73 17.82 -4.70
CA GLN C 385 -32.36 16.51 -4.85
C GLN C 385 -33.87 16.60 -4.71
N PRO C 386 -34.60 15.77 -5.50
CA PRO C 386 -36.02 15.61 -5.16
C PRO C 386 -36.15 14.89 -3.82
N THR C 387 -37.28 15.08 -3.15
CA THR C 387 -37.59 14.46 -1.86
C THR C 387 -38.44 13.21 -2.09
N GLY C 388 -38.21 12.20 -1.29
CA GLY C 388 -39.06 11.00 -1.32
C GLY C 388 -38.68 10.03 -2.42
N GLN C 389 -39.69 9.38 -2.99
CA GLN C 389 -39.51 8.49 -4.13
C GLN C 389 -39.60 9.19 -5.52
N ILE C 390 -39.72 10.51 -5.53
CA ILE C 390 -39.89 11.33 -6.74
C ILE C 390 -38.66 11.23 -7.65
N LYS C 391 -38.89 10.91 -8.93
CA LYS C 391 -37.77 10.62 -9.85
C LYS C 391 -37.96 11.24 -11.24
N ILE C 392 -37.06 12.14 -11.62
CA ILE C 392 -37.02 12.67 -13.00
C ILE C 392 -36.59 11.60 -13.99
N LYS C 393 -37.32 11.41 -15.07
CA LYS C 393 -37.03 10.34 -16.06
C LYS C 393 -36.27 10.86 -17.24
N ARG C 394 -35.55 9.96 -17.92
CA ARG C 394 -34.68 10.31 -19.04
C ARG C 394 -35.39 11.13 -20.13
N GLU C 395 -36.65 10.83 -20.42
CA GLU C 395 -37.39 11.53 -21.47
C GLU C 395 -37.69 13.00 -21.09
N ASP C 396 -37.73 13.31 -19.81
CA ASP C 396 -37.87 14.70 -19.34
C ASP C 396 -36.56 15.52 -19.34
N TYR C 397 -35.39 14.89 -19.56
CA TYR C 397 -34.11 15.61 -19.37
C TYR C 397 -34.03 16.90 -20.21
N GLU C 398 -34.44 16.80 -21.46
CA GLU C 398 -34.38 17.96 -22.36
C GLU C 398 -35.30 19.15 -21.99
N SER C 399 -36.39 18.91 -21.29
CA SER C 399 -37.27 19.98 -20.82
C SER C 399 -36.69 20.77 -19.62
N LEU C 400 -35.63 20.26 -18.99
CA LEU C 400 -35.22 20.83 -17.72
C LEU C 400 -34.57 22.19 -17.84
N PRO C 401 -33.65 22.42 -18.81
CA PRO C 401 -33.05 23.77 -18.90
C PRO C 401 -34.13 24.87 -19.13
N LYS C 402 -35.14 24.57 -19.93
CA LYS C 402 -36.30 25.50 -20.12
C LYS C 402 -37.02 25.78 -18.80
N GLU C 403 -37.23 24.72 -18.01
CA GLU C 403 -37.83 24.90 -16.70
C GLU C 403 -37.00 25.86 -15.82
N VAL C 404 -35.67 25.69 -15.81
CA VAL C 404 -34.85 26.53 -14.92
C VAL C 404 -34.94 27.99 -15.35
N ALA C 405 -34.83 28.20 -16.65
CA ALA C 405 -34.92 29.53 -17.28
C ALA C 405 -36.31 30.19 -17.09
N SER C 406 -37.35 29.38 -16.87
CA SER C 406 -38.72 29.88 -16.63
C SER C 406 -39.01 30.24 -15.17
N ALA C 407 -38.10 29.91 -14.27
CA ALA C 407 -38.26 30.30 -12.88
C ALA C 407 -38.19 31.83 -12.72
N LYS C 408 -38.90 32.30 -11.73
CA LYS C 408 -39.20 33.74 -11.56
C LYS C 408 -38.70 34.21 -10.20
N PRO C 409 -37.37 34.34 -10.08
CA PRO C 409 -36.84 34.79 -8.79
C PRO C 409 -37.29 36.21 -8.56
N LYS C 410 -37.75 36.48 -7.35
CA LYS C 410 -38.16 37.84 -6.91
C LYS C 410 -36.94 38.65 -6.45
N VAL C 411 -36.07 38.97 -7.40
CA VAL C 411 -34.82 39.64 -7.13
C VAL C 411 -34.56 40.52 -8.32
N LEU C 412 -33.82 41.57 -8.10
CA LEU C 412 -33.39 42.45 -9.17
C LEU C 412 -32.28 41.74 -9.90
N LEU C 413 -32.47 41.56 -11.20
CA LEU C 413 -31.52 40.88 -12.09
C LEU C 413 -31.17 41.69 -13.30
N ASP C 414 -29.87 41.89 -13.49
CA ASP C 414 -29.32 42.63 -14.62
C ASP C 414 -29.48 41.81 -15.90
N VAL C 415 -28.73 40.71 -16.02
CA VAL C 415 -28.85 39.84 -17.20
C VAL C 415 -30.08 38.93 -17.04
N LYS C 416 -30.66 38.55 -18.17
CA LYS C 416 -31.66 37.50 -18.19
C LYS C 416 -31.10 36.35 -19.03
N LEU C 417 -31.42 35.14 -18.61
CA LEU C 417 -30.84 33.94 -19.15
C LEU C 417 -31.94 33.16 -19.82
N LYS C 418 -31.55 32.49 -20.90
CA LYS C 418 -32.40 31.59 -21.69
C LYS C 418 -32.05 30.11 -21.42
N ALA C 419 -32.94 29.25 -21.88
CA ALA C 419 -32.79 27.81 -21.79
C ALA C 419 -31.43 27.28 -22.19
N GLU C 420 -30.95 27.74 -23.33
CA GLU C 420 -29.71 27.28 -23.90
C GLU C 420 -28.48 27.75 -23.07
N ASP C 421 -28.68 28.61 -22.06
CA ASP C 421 -27.58 29.00 -21.18
C ASP C 421 -27.36 28.02 -20.01
N PHE C 422 -28.30 27.09 -19.83
CA PHE C 422 -28.30 26.19 -18.70
C PHE C 422 -28.03 24.78 -19.17
N ILE C 423 -27.29 24.03 -18.33
CA ILE C 423 -27.18 22.56 -18.39
C ILE C 423 -27.73 22.00 -17.09
N VAL C 424 -28.56 20.98 -17.21
CA VAL C 424 -29.14 20.34 -16.04
C VAL C 424 -28.73 18.87 -16.17
N ASP C 425 -27.91 18.38 -15.23
CA ASP C 425 -27.38 16.99 -15.26
C ASP C 425 -28.07 16.20 -14.15
N VAL C 426 -28.82 15.16 -14.50
CA VAL C 426 -29.56 14.34 -13.54
C VAL C 426 -28.77 13.03 -13.25
N ILE C 427 -28.47 12.80 -12.03
CA ILE C 427 -27.66 11.61 -11.66
C ILE C 427 -28.43 10.65 -10.81
N ASN C 428 -28.53 9.43 -11.25
CA ASN C 428 -29.12 8.37 -10.46
C ASN C 428 -28.06 7.63 -9.61
N MET C 429 -28.19 7.79 -8.33
CA MET C 429 -27.31 7.08 -7.37
C MET C 429 -28.10 5.94 -6.74
N ASP C 430 -27.66 4.72 -6.91
CA ASP C 430 -28.38 3.59 -6.27
C ASP C 430 -27.47 2.38 -6.04
N TYR C 431 -28.05 1.33 -5.49
CA TYR C 431 -27.29 0.08 -5.17
C TYR C 431 -27.39 -0.94 -6.29
N GLY C 432 -27.66 -0.48 -7.51
CA GLY C 432 -27.56 -1.28 -8.71
C GLY C 432 -28.82 -2.00 -9.11
N MET C 433 -29.90 -1.86 -8.33
CA MET C 433 -31.17 -2.53 -8.62
C MET C 433 -32.32 -1.56 -8.43
N GLN C 434 -32.13 -0.33 -8.94
CA GLN C 434 -33.05 0.77 -8.76
C GLN C 434 -33.42 0.95 -7.26
N GLU C 435 -34.69 0.86 -6.88
CA GLU C 435 -35.10 1.10 -5.49
C GLU C 435 -34.84 -0.11 -4.59
N LYS C 436 -34.48 -1.26 -5.14
CA LYS C 436 -34.35 -2.46 -4.37
C LYS C 436 -33.01 -2.56 -3.60
N ASN C 437 -33.06 -3.28 -2.50
CA ASN C 437 -31.89 -3.60 -1.68
C ASN C 437 -31.30 -4.93 -2.26
N PRO C 438 -30.10 -4.86 -2.84
CA PRO C 438 -29.56 -6.02 -3.50
C PRO C 438 -29.28 -7.17 -2.53
N ILE C 439 -29.09 -6.85 -1.26
CA ILE C 439 -28.79 -7.85 -0.22
C ILE C 439 -30.05 -8.71 0.03
N ASP C 440 -31.25 -8.19 -0.30
CA ASP C 440 -32.46 -9.04 -0.32
C ASP C 440 -32.40 -10.08 -1.41
N HIS C 441 -31.46 -9.97 -2.34
CA HIS C 441 -31.29 -10.90 -3.44
C HIS C 441 -30.01 -11.73 -3.37
N VAL C 442 -29.46 -11.80 -2.15
CA VAL C 442 -28.30 -12.64 -1.84
C VAL C 442 -28.79 -13.77 -0.94
N SER C 443 -28.19 -14.93 -1.11
CA SER C 443 -28.42 -16.04 -0.21
C SER C 443 -27.16 -16.32 0.61
N PHE C 444 -27.34 -16.74 1.84
CA PHE C 444 -26.27 -16.96 2.78
C PHE C 444 -26.33 -18.39 3.30
N TYR C 445 -25.21 -18.85 3.88
CA TYR C 445 -25.16 -20.13 4.57
C TYR C 445 -24.47 -19.90 5.91
N CYS C 446 -24.80 -20.82 6.82
CA CYS C 446 -24.27 -20.82 8.18
C CYS C 446 -23.26 -21.92 8.33
N LYS C 447 -22.38 -21.69 9.29
CA LYS C 447 -21.29 -22.58 9.55
C LYS C 447 -21.87 -23.95 9.98
N THR C 448 -23.00 -23.99 10.69
CA THR C 448 -23.50 -25.30 11.13
C THR C 448 -24.20 -26.08 10.04
N ALA C 449 -24.52 -25.47 8.89
CA ALA C 449 -25.23 -26.13 7.77
C ALA C 449 -24.85 -25.49 6.43
N PRO C 450 -23.63 -25.78 5.97
CA PRO C 450 -23.10 -25.03 4.82
C PRO C 450 -23.80 -25.35 3.50
N ASN C 451 -24.65 -26.36 3.45
CA ASN C 451 -25.41 -26.58 2.21
C ASN C 451 -26.81 -26.01 2.22
N ARG C 452 -27.14 -25.32 3.30
CA ARG C 452 -28.47 -24.79 3.48
C ARG C 452 -28.55 -23.23 3.36
N ALA C 453 -29.10 -22.76 2.24
CA ALA C 453 -29.20 -21.37 1.95
C ALA C 453 -30.28 -20.71 2.75
N ILE C 454 -29.99 -19.57 3.34
CA ILE C 454 -30.98 -18.74 4.00
C ILE C 454 -30.97 -17.33 3.48
N ARG C 455 -31.99 -16.57 3.86
CA ARG C 455 -32.08 -15.15 3.65
C ARG C 455 -31.87 -14.41 4.96
N ILE C 456 -31.33 -13.21 4.82
CA ILE C 456 -31.08 -12.28 5.94
C ILE C 456 -31.67 -10.92 5.55
N THR C 457 -32.59 -10.42 6.39
CA THR C 457 -33.25 -9.09 6.18
C THR C 457 -32.44 -7.96 6.79
N LYS C 458 -32.69 -6.74 6.31
CA LYS C 458 -31.92 -5.57 6.75
C LYS C 458 -31.97 -5.34 8.27
N ASN C 459 -33.18 -5.48 8.84
CA ASN C 459 -33.37 -5.31 10.28
C ASN C 459 -32.69 -6.38 11.16
N GLN C 460 -32.41 -7.56 10.61
CA GLN C 460 -31.64 -8.56 11.30
C GLN C 460 -30.17 -8.18 11.35
N VAL C 461 -29.77 -7.19 10.55
CA VAL C 461 -28.33 -6.76 10.51
C VAL C 461 -27.91 -5.49 11.33
N SER C 462 -28.56 -4.37 11.10
CA SER C 462 -28.18 -3.19 11.76
C SER C 462 -29.23 -2.17 11.47
N GLN C 463 -29.50 -1.33 12.46
CA GLN C 463 -30.39 -0.18 12.31
C GLN C 463 -29.67 1.06 11.76
N LEU C 464 -28.36 0.95 11.55
CA LEU C 464 -27.54 2.05 11.02
C LEU C 464 -27.44 1.95 9.47
N LEU C 465 -28.14 1.01 8.81
CA LEU C 465 -28.03 0.86 7.36
C LEU C 465 -28.94 1.88 6.64
N PRO C 466 -28.73 2.07 5.36
CA PRO C 466 -29.60 2.98 4.60
C PRO C 466 -31.08 2.54 4.70
N GLU C 467 -31.96 3.53 4.79
CA GLU C 467 -33.41 3.26 4.68
C GLU C 467 -33.90 3.22 3.22
N LYS C 468 -33.15 3.80 2.30
CA LYS C 468 -33.48 3.80 0.88
C LYS C 468 -32.26 3.39 0.10
N PHE C 469 -32.44 2.91 -1.11
CA PHE C 469 -31.33 2.39 -1.92
C PHE C 469 -31.17 3.06 -3.26
N ALA C 470 -31.93 4.16 -3.47
CA ALA C 470 -31.82 4.95 -4.67
C ALA C 470 -32.14 6.42 -4.39
N GLU C 471 -31.49 7.33 -5.08
CA GLU C 471 -31.81 8.78 -5.00
C GLU C 471 -31.35 9.41 -6.31
N GLN C 472 -31.72 10.67 -6.50
CA GLN C 472 -31.26 11.45 -7.64
C GLN C 472 -30.63 12.74 -7.19
N LEU C 473 -29.55 13.06 -7.89
CA LEU C 473 -28.88 14.34 -7.74
C LEU C 473 -29.19 15.12 -9.04
N ILE C 474 -29.49 16.40 -8.86
CA ILE C 474 -29.65 17.31 -9.96
C ILE C 474 -28.61 18.42 -9.88
N ARG C 475 -27.72 18.52 -10.88
CA ARG C 475 -26.76 19.58 -10.92
C ARG C 475 -27.13 20.54 -12.04
N VAL C 476 -26.94 21.82 -11.76
CA VAL C 476 -27.18 22.86 -12.74
C VAL C 476 -25.90 23.63 -13.00
N TYR C 477 -25.64 23.90 -14.27
CA TYR C 477 -24.51 24.68 -14.69
C TYR C 477 -24.97 25.79 -15.64
N CYS C 478 -24.11 26.78 -15.79
CA CYS C 478 -24.40 27.91 -16.67
C CYS C 478 -23.28 28.02 -17.71
N LYS C 479 -23.69 28.20 -18.96
CA LYS C 479 -22.71 28.35 -20.03
C LYS C 479 -22.12 29.74 -20.12
N LYS C 480 -22.77 30.70 -19.48
CA LYS C 480 -22.21 32.06 -19.42
C LYS C 480 -21.54 32.20 -18.10
N VAL C 481 -20.28 32.58 -18.14
CA VAL C 481 -19.41 32.42 -16.97
C VAL C 481 -19.00 33.71 -16.30
N ASP C 482 -19.47 34.84 -16.82
CA ASP C 482 -19.21 36.10 -16.15
C ASP C 482 -20.01 36.17 -14.83
N ARG C 483 -19.56 37.09 -14.00
CA ARG C 483 -20.06 37.22 -12.62
C ARG C 483 -21.55 37.58 -12.58
N LYS C 484 -22.04 38.44 -13.47
CA LYS C 484 -23.45 38.81 -13.44
C LYS C 484 -24.34 37.67 -13.89
N SER C 485 -23.89 36.93 -14.88
CA SER C 485 -24.64 35.77 -15.37
C SER C 485 -24.72 34.66 -14.32
N LEU C 486 -23.59 34.44 -13.61
CA LEU C 486 -23.54 33.39 -12.60
C LEU C 486 -24.42 33.76 -11.41
N TYR C 487 -24.39 35.03 -11.02
CA TYR C 487 -25.31 35.51 -9.99
C TYR C 487 -26.77 35.24 -10.39
N ALA C 488 -27.16 35.63 -11.59
CA ALA C 488 -28.49 35.44 -12.08
C ALA C 488 -28.83 33.92 -12.10
N ALA C 489 -27.90 33.12 -12.64
CA ALA C 489 -28.14 31.66 -12.73
C ALA C 489 -28.44 31.04 -11.37
N ARG C 490 -27.73 31.52 -10.37
CA ARG C 490 -27.96 31.06 -9.01
C ARG C 490 -29.32 31.42 -8.46
N GLN C 491 -29.87 32.58 -8.83
CA GLN C 491 -31.20 32.97 -8.38
C GLN C 491 -32.25 32.11 -9.07
N TYR C 492 -32.17 31.92 -10.39
CA TYR C 492 -33.10 31.04 -11.10
C TYR C 492 -33.08 29.61 -10.48
N PHE C 493 -31.86 29.13 -10.28
CA PHE C 493 -31.71 27.80 -9.75
C PHE C 493 -32.37 27.60 -8.38
N VAL C 494 -32.05 28.47 -7.43
CA VAL C 494 -32.53 28.29 -6.06
C VAL C 494 -34.03 28.53 -6.03
N GLN C 495 -34.50 29.44 -6.87
CA GLN C 495 -35.97 29.66 -6.99
C GLN C 495 -36.68 28.40 -7.50
N TRP C 496 -36.12 27.79 -8.57
CA TRP C 496 -36.62 26.53 -9.09
C TRP C 496 -36.65 25.41 -8.02
N CYS C 497 -35.58 25.28 -7.25
CA CYS C 497 -35.54 24.32 -6.15
C CYS C 497 -36.71 24.58 -5.18
N ALA C 498 -36.90 25.85 -4.81
CA ALA C 498 -37.96 26.22 -3.86
C ALA C 498 -39.34 25.91 -4.48
N ASP C 499 -39.56 26.30 -5.75
CA ASP C 499 -40.79 25.99 -6.47
C ASP C 499 -41.08 24.52 -6.54
N ARG C 500 -40.05 23.69 -6.75
CA ARG C 500 -40.29 22.25 -6.94
C ARG C 500 -40.23 21.50 -5.59
N ASN C 501 -39.98 22.19 -4.49
CA ASN C 501 -39.82 21.56 -3.18
C ASN C 501 -38.66 20.54 -3.12
N PHE C 502 -37.59 20.84 -3.85
CA PHE C 502 -36.34 20.08 -3.83
C PHE C 502 -35.55 20.49 -2.59
N THR C 503 -34.48 19.77 -2.29
CA THR C 503 -33.72 20.06 -1.08
C THR C 503 -32.98 21.41 -1.24
N LYS C 504 -32.78 22.06 -0.10
CA LYS C 504 -32.02 23.28 -0.05
C LYS C 504 -30.60 23.03 -0.50
N PRO C 505 -30.14 23.77 -1.52
CA PRO C 505 -28.70 23.73 -1.80
C PRO C 505 -27.84 23.94 -0.64
N GLN C 506 -26.75 23.22 -0.50
CA GLN C 506 -25.89 23.28 0.72
C GLN C 506 -25.37 24.69 1.03
N ASP C 507 -25.07 25.41 -0.04
CA ASP C 507 -24.57 26.78 0.10
C ASP C 507 -25.65 27.80 -0.17
N GLY C 508 -26.92 27.40 -0.11
CA GLY C 508 -28.03 28.26 -0.52
C GLY C 508 -28.12 29.62 0.17
N ASP C 509 -27.84 29.65 1.46
CA ASP C 509 -27.85 30.93 2.18
C ASP C 509 -26.76 31.90 1.73
N VAL C 510 -25.67 31.35 1.20
CA VAL C 510 -24.58 32.15 0.72
C VAL C 510 -24.76 32.57 -0.72
N ILE C 511 -25.11 31.64 -1.60
CA ILE C 511 -25.30 31.97 -3.01
C ILE C 511 -26.62 32.78 -3.32
N ALA C 512 -27.65 32.62 -2.50
CA ALA C 512 -29.01 33.20 -2.82
C ALA C 512 -29.75 33.65 -1.57
N PRO C 513 -29.12 34.59 -0.81
CA PRO C 513 -29.62 34.92 0.54
C PRO C 513 -31.00 35.55 0.51
N LEU C 514 -31.38 36.11 -0.62
CA LEU C 514 -32.71 36.69 -0.77
C LEU C 514 -33.79 35.70 -1.16
N ILE C 515 -33.39 34.46 -1.52
CA ILE C 515 -34.35 33.43 -2.02
C ILE C 515 -34.63 32.40 -0.94
N THR C 516 -33.58 31.90 -0.25
CA THR C 516 -33.74 30.93 0.80
C THR C 516 -34.73 31.26 1.97
N PRO C 517 -34.91 32.55 2.38
CA PRO C 517 -35.92 32.86 3.43
C PRO C 517 -37.36 32.51 3.10
N GLN C 518 -37.76 32.49 1.82
CA GLN C 518 -39.14 32.13 1.43
C GLN C 518 -39.59 30.71 1.88
N LYS C 519 -38.65 29.77 1.96
CA LYS C 519 -38.93 28.38 2.25
C LYS C 519 -38.67 28.10 3.75
N LYS C 520 -39.73 28.02 4.56
CA LYS C 520 -39.55 27.82 6.02
C LYS C 520 -38.87 26.45 6.41
N GLU C 521 -39.05 25.43 5.58
CA GLU C 521 -38.37 24.12 5.78
C GLU C 521 -36.83 24.26 5.68
N TRP C 522 -36.38 25.27 4.91
CA TRP C 522 -34.97 25.62 4.75
C TRP C 522 -34.44 26.63 5.82
N ASN C 523 -35.36 27.14 6.67
CA ASN C 523 -35.24 28.30 7.58
C ASN C 523 -35.32 29.69 6.92
N ASP D 37 -13.10 -29.53 13.93
CA ASP D 37 -11.83 -29.41 13.16
C ASP D 37 -12.01 -29.30 11.62
N THR D 38 -12.58 -28.19 11.11
CA THR D 38 -12.33 -27.86 9.69
C THR D 38 -11.14 -26.88 9.63
N MET D 39 -10.82 -26.53 8.39
CA MET D 39 -9.84 -25.43 8.04
C MET D 39 -10.19 -24.08 8.78
N LYS D 40 -9.20 -23.33 9.20
CA LYS D 40 -9.48 -22.02 9.69
C LYS D 40 -8.89 -21.05 8.70
N VAL D 41 -9.51 -19.85 8.59
CA VAL D 41 -9.01 -18.75 7.78
C VAL D 41 -8.49 -17.69 8.75
N ILE D 42 -7.30 -17.20 8.51
CA ILE D 42 -6.73 -16.17 9.36
C ILE D 42 -6.30 -14.97 8.48
N ASN D 43 -6.64 -13.77 8.92
CA ASN D 43 -6.31 -12.57 8.14
C ASN D 43 -4.94 -12.04 8.69
N ASP D 44 -3.95 -12.01 7.80
CA ASP D 44 -2.62 -11.47 8.06
C ASP D 44 -2.39 -10.18 7.22
N PRO D 45 -1.85 -9.11 7.79
CA PRO D 45 -1.72 -7.89 7.04
C PRO D 45 -0.75 -8.01 5.87
N ILE D 46 0.21 -8.93 5.90
CA ILE D 46 1.12 -9.17 4.81
C ILE D 46 0.50 -10.05 3.72
N HIS D 47 0.00 -11.21 4.09
CA HIS D 47 -0.45 -12.21 3.14
C HIS D 47 -1.97 -12.23 2.86
N GLY D 48 -2.71 -11.50 3.65
CA GLY D 48 -4.14 -11.53 3.51
C GLY D 48 -4.74 -12.73 4.22
N HIS D 49 -5.77 -13.29 3.60
CA HIS D 49 -6.55 -14.41 4.16
C HIS D 49 -5.85 -15.78 3.88
N ILE D 50 -5.33 -16.39 4.90
CA ILE D 50 -4.54 -17.58 4.78
C ILE D 50 -5.32 -18.75 5.40
N GLU D 51 -5.31 -19.88 4.72
CA GLU D 51 -6.02 -21.09 5.21
C GLU D 51 -5.10 -21.96 5.97
N LEU D 52 -5.57 -22.40 7.11
CA LEU D 52 -4.81 -23.35 7.94
C LEU D 52 -5.56 -24.65 8.08
N HIS D 53 -4.96 -25.70 7.58
CA HIS D 53 -5.42 -27.10 7.78
C HIS D 53 -5.58 -27.36 9.27
N PRO D 54 -6.55 -28.20 9.63
CA PRO D 54 -6.78 -28.44 11.08
C PRO D 54 -5.59 -29.01 11.88
N LEU D 55 -4.72 -29.75 11.25
CA LEU D 55 -3.54 -30.25 11.95
C LEU D 55 -2.64 -29.09 12.32
N LEU D 56 -2.55 -28.11 11.43
CA LEU D 56 -1.72 -26.93 11.68
C LEU D 56 -2.32 -26.12 12.85
N VAL D 57 -3.65 -26.03 12.88
CA VAL D 57 -4.32 -25.33 13.97
C VAL D 57 -4.03 -26.00 15.30
N ARG D 58 -4.01 -27.35 15.28
CA ARG D 58 -3.74 -28.09 16.50
C ARG D 58 -2.32 -27.79 17.02
N ILE D 59 -1.38 -27.63 16.11
CA ILE D 59 0.00 -27.33 16.47
C ILE D 59 0.16 -25.92 16.98
N ILE D 60 -0.54 -24.98 16.35
CA ILE D 60 -0.52 -23.58 16.73
C ILE D 60 -1.13 -23.34 18.11
N ASP D 61 -2.22 -24.03 18.43
CA ASP D 61 -2.93 -23.83 19.67
C ASP D 61 -2.32 -24.63 20.84
N THR D 62 -1.06 -24.40 21.06
CA THR D 62 -0.31 -25.01 22.16
C THR D 62 0.47 -23.92 22.85
N PRO D 63 0.84 -24.11 24.14
CA PRO D 63 1.70 -23.18 24.87
C PRO D 63 3.06 -22.97 24.21
N GLN D 64 3.58 -24.00 23.54
CA GLN D 64 4.89 -23.94 22.93
C GLN D 64 4.91 -23.05 21.70
N PHE D 65 3.79 -23.03 20.97
CA PHE D 65 3.67 -22.19 19.80
C PHE D 65 3.24 -20.77 20.16
N GLN D 66 2.23 -20.67 21.01
CA GLN D 66 1.68 -19.41 21.46
C GLN D 66 2.70 -18.52 22.19
N ARG D 67 3.71 -19.14 22.78
CA ARG D 67 4.85 -18.47 23.35
C ARG D 67 5.44 -17.40 22.43
N LEU D 68 5.43 -17.67 21.14
CA LEU D 68 6.02 -16.78 20.17
C LEU D 68 5.29 -15.44 20.03
N ARG D 69 4.08 -15.33 20.59
CA ARG D 69 3.44 -14.07 20.72
C ARG D 69 4.17 -13.14 21.67
N TYR D 70 5.12 -13.62 22.45
CA TYR D 70 5.71 -12.83 23.52
C TYR D 70 7.19 -12.60 23.30
N ILE D 71 7.63 -12.78 22.04
CA ILE D 71 9.00 -12.62 21.60
C ILE D 71 9.03 -11.72 20.34
N LYS D 72 9.56 -10.50 20.52
CA LYS D 72 9.66 -9.56 19.43
C LYS D 72 10.59 -10.08 18.37
N GLN D 73 10.15 -9.96 17.13
CA GLN D 73 10.94 -10.35 15.98
C GLN D 73 12.28 -9.65 15.96
N LEU D 74 12.27 -8.34 16.15
CA LEU D 74 13.49 -7.55 16.01
C LEU D 74 14.07 -7.08 17.35
N GLY D 75 13.58 -7.62 18.46
CA GLY D 75 14.19 -7.33 19.79
C GLY D 75 14.26 -5.85 20.10
N GLY D 76 15.47 -5.40 20.39
CA GLY D 76 15.86 -4.01 20.64
C GLY D 76 15.52 -3.04 19.51
N GLY D 77 15.32 -3.56 18.30
CA GLY D 77 14.93 -2.71 17.18
C GLY D 77 13.62 -1.90 17.41
N TYR D 78 12.70 -2.41 18.22
CA TYR D 78 11.48 -1.67 18.56
C TYR D 78 11.75 -0.34 19.24
N TYR D 79 12.87 -0.29 20.00
CA TYR D 79 13.28 0.91 20.70
C TYR D 79 13.91 1.98 19.79
N VAL D 80 14.02 1.66 18.50
CA VAL D 80 14.48 2.60 17.44
C VAL D 80 13.42 2.88 16.36
N PHE D 81 12.71 1.80 15.98
CA PHE D 81 11.65 1.82 14.97
C PHE D 81 10.37 1.44 15.69
N PRO D 82 9.61 2.45 16.07
CA PRO D 82 8.41 2.15 16.89
C PRO D 82 7.34 1.34 16.21
N GLY D 83 7.36 1.17 14.89
CA GLY D 83 6.44 0.24 14.27
C GLY D 83 6.83 -1.19 14.45
N ALA D 84 8.03 -1.50 14.95
CA ALA D 84 8.55 -2.88 14.99
C ALA D 84 8.19 -3.62 16.26
N SER D 85 6.88 -3.68 16.51
CA SER D 85 6.21 -4.27 17.67
C SER D 85 5.90 -5.75 17.36
N HIS D 86 6.13 -6.18 16.12
CA HIS D 86 5.72 -7.53 15.68
C HIS D 86 6.55 -8.63 16.35
N ASN D 87 5.88 -9.77 16.56
CA ASN D 87 6.42 -10.90 17.24
C ASN D 87 6.68 -12.08 16.33
N ARG D 88 7.40 -13.04 16.89
CA ARG D 88 7.75 -14.23 16.15
C ARG D 88 6.55 -15.08 15.75
N PHE D 89 5.47 -14.96 16.46
CA PHE D 89 4.25 -15.75 16.16
C PHE D 89 3.74 -15.49 14.75
N GLU D 90 3.46 -14.20 14.46
CA GLU D 90 2.84 -13.84 13.17
C GLU D 90 3.83 -14.10 12.06
N HIS D 91 5.12 -13.91 12.30
CA HIS D 91 6.12 -14.29 11.31
C HIS D 91 6.05 -15.81 10.99
N SER D 92 5.89 -16.63 12.03
CA SER D 92 5.82 -18.09 11.83
C SER D 92 4.63 -18.47 11.01
N LEU D 93 3.46 -17.85 11.28
CA LEU D 93 2.27 -18.12 10.44
C LEU D 93 2.60 -17.81 8.99
N GLY D 94 3.26 -16.68 8.75
CA GLY D 94 3.59 -16.28 7.37
C GLY D 94 4.56 -17.23 6.69
N VAL D 95 5.55 -17.75 7.43
CA VAL D 95 6.50 -18.69 6.85
C VAL D 95 5.79 -19.99 6.50
N GLY D 96 4.91 -20.48 7.37
CA GLY D 96 4.10 -21.68 7.09
C GLY D 96 3.26 -21.50 5.86
N TYR D 97 2.63 -20.33 5.77
CA TYR D 97 1.88 -19.96 4.58
C TYR D 97 2.68 -20.02 3.31
N LEU D 98 3.81 -19.33 3.28
CA LEU D 98 4.60 -19.23 2.07
C LEU D 98 5.21 -20.60 1.71
N ALA D 99 5.57 -21.38 2.70
CA ALA D 99 6.07 -22.74 2.48
C ALA D 99 5.05 -23.57 1.71
N GLY D 100 3.80 -23.52 2.15
CA GLY D 100 2.67 -24.12 1.41
C GLY D 100 2.44 -23.57 -0.01
N CYS D 101 2.54 -22.24 -0.18
CA CYS D 101 2.46 -21.63 -1.51
C CYS D 101 3.52 -22.18 -2.47
N LEU D 102 4.75 -22.32 -2.02
CA LEU D 102 5.80 -22.74 -2.90
C LEU D 102 5.64 -24.23 -3.24
N VAL D 103 5.44 -25.06 -2.23
CA VAL D 103 5.29 -26.50 -2.52
C VAL D 103 4.05 -26.76 -3.38
N HIS D 104 2.94 -26.08 -3.12
CA HIS D 104 1.73 -26.19 -3.98
C HIS D 104 2.00 -25.77 -5.43
N ALA D 105 2.68 -24.63 -5.64
CA ALA D 105 2.96 -24.16 -6.98
C ALA D 105 3.80 -25.17 -7.76
N LEU D 106 4.82 -25.70 -7.12
CA LEU D 106 5.70 -26.68 -7.75
C LEU D 106 4.91 -27.92 -8.18
N GLY D 107 4.03 -28.37 -7.28
CA GLY D 107 3.21 -29.55 -7.51
C GLY D 107 2.24 -29.34 -8.63
N GLU D 108 1.65 -28.15 -8.68
CA GLU D 108 0.71 -27.84 -9.73
C GLU D 108 1.31 -27.76 -11.10
N LYS D 109 2.49 -27.15 -11.21
CA LYS D 109 3.16 -27.05 -12.53
C LYS D 109 3.81 -28.37 -12.94
N GLN D 110 4.24 -29.21 -12.00
CA GLN D 110 5.01 -30.45 -12.26
C GLN D 110 4.42 -31.63 -11.49
N PRO D 111 3.26 -32.12 -11.99
CA PRO D 111 2.65 -33.32 -11.39
C PRO D 111 3.60 -34.49 -11.33
N GLU D 112 4.57 -34.53 -12.24
CA GLU D 112 5.54 -35.63 -12.23
C GLU D 112 6.41 -35.70 -11.00
N LEU D 113 6.43 -34.65 -10.17
CA LEU D 113 7.24 -34.70 -8.97
C LEU D 113 6.59 -35.59 -7.88
N GLN D 114 5.29 -35.89 -8.04
CA GLN D 114 4.55 -36.74 -7.09
C GLN D 114 4.57 -36.17 -5.67
N ILE D 115 4.45 -34.84 -5.60
CA ILE D 115 4.34 -34.22 -4.31
C ILE D 115 2.98 -34.60 -3.77
N SER D 116 2.97 -35.17 -2.55
CA SER D 116 1.71 -35.65 -1.94
C SER D 116 1.15 -34.65 -0.92
N GLU D 117 -0.10 -34.86 -0.49
CA GLU D 117 -0.70 -33.99 0.52
C GLU D 117 0.07 -34.11 1.80
N ARG D 118 0.60 -35.30 2.06
CA ARG D 118 1.44 -35.50 3.20
C ARG D 118 2.75 -34.59 3.16
N ASP D 119 3.36 -34.54 1.98
CA ASP D 119 4.55 -33.72 1.75
C ASP D 119 4.20 -32.25 2.01
N VAL D 120 3.05 -31.81 1.49
CA VAL D 120 2.63 -30.42 1.64
C VAL D 120 2.44 -30.10 3.11
N LEU D 121 1.74 -30.94 3.84
CA LEU D 121 1.55 -30.71 5.29
C LEU D 121 2.86 -30.67 6.06
N CYS D 122 3.80 -31.59 5.74
CA CYS D 122 5.06 -31.60 6.43
C CYS D 122 5.90 -30.32 6.14
N VAL D 123 5.86 -29.85 4.92
CA VAL D 123 6.55 -28.61 4.57
C VAL D 123 5.91 -27.40 5.29
N GLN D 124 4.57 -27.36 5.31
CA GLN D 124 3.88 -26.29 6.04
C GLN D 124 4.22 -26.33 7.52
N ILE D 125 4.26 -27.54 8.11
CA ILE D 125 4.61 -27.67 9.53
C ILE D 125 6.00 -27.18 9.80
N ALA D 126 6.98 -27.56 8.98
CA ALA D 126 8.37 -27.11 9.18
C ALA D 126 8.43 -25.56 9.08
N GLY D 127 7.70 -25.02 8.08
CA GLY D 127 7.69 -23.55 7.92
C GLY D 127 7.12 -22.89 9.17
N LEU D 128 5.99 -23.43 9.66
CA LEU D 128 5.36 -22.91 10.86
C LEU D 128 6.22 -22.97 12.07
N CYS D 129 7.04 -24.02 12.18
CA CYS D 129 7.77 -24.32 13.41
C CYS D 129 9.23 -23.96 13.46
N ARG D 130 9.77 -23.44 12.37
CA ARG D 130 11.18 -23.12 12.36
C ARG D 130 11.60 -21.91 13.17
N ASN D 131 10.64 -21.19 13.79
CA ASN D 131 10.99 -20.11 14.72
C ASN D 131 10.77 -20.46 16.20
N LEU D 132 10.42 -21.73 16.50
CA LEU D 132 10.09 -22.12 17.87
C LEU D 132 11.22 -21.95 18.86
N GLY D 133 12.47 -21.90 18.37
CA GLY D 133 13.63 -21.92 19.28
C GLY D 133 14.13 -20.60 19.71
N HIS D 134 13.48 -19.53 19.17
CA HIS D 134 13.96 -18.18 19.52
C HIS D 134 13.68 -17.93 20.99
N GLY D 135 14.56 -17.12 21.59
CA GLY D 135 14.49 -16.74 22.96
C GLY D 135 14.13 -15.28 23.07
N PRO D 136 14.10 -14.77 24.28
CA PRO D 136 13.77 -13.38 24.53
C PRO D 136 14.52 -12.42 23.60
N PHE D 137 13.80 -11.49 22.97
CA PHE D 137 14.34 -10.50 22.07
C PHE D 137 15.10 -11.12 20.88
N SER D 138 14.70 -12.33 20.50
CA SER D 138 15.17 -13.04 19.33
C SER D 138 16.71 -13.08 19.26
N HIS D 139 17.31 -12.39 18.29
CA HIS D 139 18.78 -12.49 18.16
C HIS D 139 19.64 -12.00 19.33
N MET D 140 19.09 -11.18 20.18
CA MET D 140 19.77 -10.88 21.42
C MET D 140 20.12 -12.14 22.21
N PHE D 141 19.24 -13.11 22.22
CA PHE D 141 19.36 -14.27 23.10
C PHE D 141 20.46 -15.21 22.62
N ASP D 142 20.34 -15.64 21.36
CA ASP D 142 21.29 -16.59 20.78
C ASP D 142 22.54 -15.84 20.32
N GLY D 143 22.43 -14.59 19.94
CA GLY D 143 23.60 -13.84 19.46
C GLY D 143 24.46 -13.21 20.52
N ARG D 144 23.89 -12.80 21.64
CA ARG D 144 24.63 -11.99 22.66
C ARG D 144 24.57 -12.65 24.00
N PHE D 145 23.38 -13.05 24.48
CA PHE D 145 23.26 -13.50 25.87
C PHE D 145 23.83 -14.90 26.12
N ILE D 146 23.37 -15.88 25.35
CA ILE D 146 23.85 -17.25 25.56
C ILE D 146 25.39 -17.38 25.39
N PRO D 147 25.97 -16.78 24.36
CA PRO D 147 27.44 -16.82 24.23
C PRO D 147 28.17 -16.28 25.47
N LEU D 148 27.62 -15.30 26.16
CA LEU D 148 28.25 -14.76 27.35
C LEU D 148 27.88 -15.52 28.61
N ALA D 149 26.62 -15.92 28.74
CA ALA D 149 26.19 -16.66 29.91
C ALA D 149 26.66 -18.11 29.92
N ARG D 150 26.72 -18.73 28.77
CA ARG D 150 27.06 -20.16 28.68
C ARG D 150 28.06 -20.38 27.58
N PRO D 151 29.28 -19.85 27.77
CA PRO D 151 30.30 -19.88 26.69
C PRO D 151 30.74 -21.30 26.30
N GLU D 152 30.52 -22.28 27.17
CA GLU D 152 30.79 -23.68 26.89
C GLU D 152 29.74 -24.41 25.99
N VAL D 153 28.51 -23.90 25.90
CA VAL D 153 27.44 -24.61 25.23
C VAL D 153 27.43 -24.09 23.79
N LYS D 154 26.92 -24.91 22.86
CA LYS D 154 26.84 -24.52 21.45
C LYS D 154 25.36 -24.47 21.03
N TRP D 155 24.72 -23.35 21.32
CA TRP D 155 23.29 -23.16 21.09
C TRP D 155 23.01 -22.36 19.83
N THR D 156 22.05 -22.81 19.06
CA THR D 156 21.51 -22.09 17.92
C THR D 156 19.99 -22.09 18.04
N HIS D 157 19.35 -21.06 17.48
CA HIS D 157 17.90 -21.04 17.41
C HIS D 157 17.36 -22.24 16.61
N GLU D 158 18.12 -22.71 15.61
CA GLU D 158 17.71 -23.89 14.85
C GLU D 158 17.61 -25.14 15.72
N GLN D 159 18.63 -25.37 16.54
CA GLN D 159 18.61 -26.50 17.45
C GLN D 159 17.52 -26.34 18.47
N GLY D 160 17.37 -25.13 18.98
CA GLY D 160 16.25 -24.78 19.86
C GLY D 160 14.92 -25.08 19.23
N SER D 161 14.77 -24.74 17.93
CA SER D 161 13.48 -25.00 17.25
C SER D 161 13.15 -26.50 17.19
N VAL D 162 14.16 -27.32 16.93
CA VAL D 162 14.00 -28.78 16.96
C VAL D 162 13.65 -29.22 18.36
N MET D 163 14.31 -28.80 19.37
CA MET D 163 13.97 -29.22 20.73
C MET D 163 12.59 -28.77 21.16
N MET D 164 12.23 -27.53 20.78
CA MET D 164 10.88 -27.06 21.11
C MET D 164 9.78 -27.75 20.32
N PHE D 165 10.03 -28.11 19.08
CA PHE D 165 9.06 -28.83 18.24
C PHE D 165 8.77 -30.16 18.87
N GLU D 166 9.86 -30.85 19.25
CA GLU D 166 9.72 -32.18 19.89
C GLU D 166 8.93 -32.05 21.17
N HIS D 167 9.20 -31.02 21.97
CA HIS D 167 8.46 -30.72 23.18
C HIS D 167 6.99 -30.44 22.92
N LEU D 168 6.75 -29.64 21.88
CA LEU D 168 5.39 -29.35 21.48
C LEU D 168 4.60 -30.64 21.09
N ILE D 169 5.20 -31.44 20.21
CA ILE D 169 4.57 -32.69 19.74
C ILE D 169 4.25 -33.59 20.94
N ASN D 170 5.27 -33.81 21.78
CA ASN D 170 5.11 -34.78 22.91
C ASN D 170 4.23 -34.32 24.03
N SER D 171 4.21 -33.02 24.29
CA SER D 171 3.38 -32.46 25.35
C SER D 171 1.95 -32.29 24.97
N ASN D 172 1.62 -32.37 23.69
CA ASN D 172 0.25 -31.99 23.27
C ASN D 172 -0.47 -33.08 22.53
N GLY D 173 0.12 -34.29 22.52
CA GLY D 173 -0.54 -35.38 21.85
C GLY D 173 -0.74 -35.18 20.37
N ILE D 174 0.25 -34.61 19.68
CA ILE D 174 0.09 -34.32 18.28
C ILE D 174 0.29 -35.57 17.41
N LYS D 175 1.09 -36.51 17.86
CA LYS D 175 1.38 -37.67 16.99
C LYS D 175 0.11 -38.45 16.52
N PRO D 176 -0.81 -38.75 17.43
CA PRO D 176 -2.02 -39.45 16.98
C PRO D 176 -2.89 -38.60 16.07
N VAL D 177 -2.81 -37.28 16.23
CA VAL D 177 -3.39 -36.42 15.24
C VAL D 177 -2.65 -36.40 13.99
N MET D 178 -1.35 -36.43 13.91
CA MET D 178 -0.73 -36.55 12.60
C MET D 178 -1.23 -37.79 11.82
N GLU D 179 -1.34 -38.86 12.55
CA GLU D 179 -1.77 -40.16 12.03
C GLU D 179 -3.17 -40.12 11.50
N GLN D 180 -4.07 -39.53 12.26
CA GLN D 180 -5.41 -39.30 11.81
C GLN D 180 -5.47 -38.62 10.44
N TYR D 181 -4.49 -37.75 10.15
CA TYR D 181 -4.50 -37.04 8.86
C TYR D 181 -3.53 -37.60 7.85
N GLY D 182 -3.05 -38.82 8.09
CA GLY D 182 -2.32 -39.52 7.07
C GLY D 182 -0.82 -39.30 7.12
N LEU D 183 -0.32 -38.58 8.13
CA LEU D 183 1.12 -38.46 8.29
C LEU D 183 1.64 -39.74 8.96
N ILE D 184 2.90 -40.02 8.77
CA ILE D 184 3.56 -41.15 9.46
C ILE D 184 4.57 -40.55 10.35
N PRO D 185 4.25 -40.41 11.65
CA PRO D 185 5.14 -39.66 12.53
C PRO D 185 6.60 -39.97 12.58
N GLU D 186 6.99 -41.24 12.57
CA GLU D 186 8.36 -41.62 12.57
C GLU D 186 9.16 -40.85 11.40
N GLU D 187 8.71 -41.09 10.17
CA GLU D 187 9.39 -40.51 9.00
C GLU D 187 9.18 -38.99 8.93
N ASP D 188 7.97 -38.57 9.27
CA ASP D 188 7.56 -37.16 9.03
C ASP D 188 8.10 -36.24 10.08
N ILE D 189 8.24 -36.72 11.34
CA ILE D 189 8.86 -35.88 12.36
C ILE D 189 10.31 -35.62 12.02
N CYS D 190 10.97 -36.72 11.59
CA CYS D 190 12.34 -36.65 11.11
C CYS D 190 12.47 -35.61 9.94
N PHE D 191 11.58 -35.73 8.96
CA PHE D 191 11.57 -34.85 7.81
C PHE D 191 11.41 -33.36 8.24
N ILE D 192 10.47 -33.13 9.14
CA ILE D 192 10.22 -31.75 9.64
C ILE D 192 11.45 -31.20 10.35
N LYS D 193 12.07 -31.99 11.23
CA LYS D 193 13.23 -31.54 11.95
C LYS D 193 14.38 -31.26 11.00
N GLU D 194 14.54 -32.13 10.00
CA GLU D 194 15.62 -31.97 9.04
C GLU D 194 15.45 -30.68 8.20
N GLN D 195 14.19 -30.33 7.89
CA GLN D 195 13.93 -29.07 7.18
C GLN D 195 14.37 -27.86 8.04
N ILE D 196 14.22 -28.00 9.36
CA ILE D 196 14.56 -26.92 10.29
C ILE D 196 16.05 -26.76 10.54
N VAL D 197 16.72 -27.88 10.78
CA VAL D 197 18.10 -27.85 11.29
C VAL D 197 19.13 -28.49 10.31
N GLY D 198 18.62 -29.20 9.29
CA GLY D 198 19.48 -29.84 8.32
C GLY D 198 19.70 -31.29 8.75
N PRO D 199 20.65 -31.98 8.07
CA PRO D 199 20.88 -33.40 8.41
C PRO D 199 21.17 -33.56 9.91
N LEU D 200 20.49 -34.50 10.58
CA LEU D 200 20.63 -34.73 12.04
C LEU D 200 21.98 -35.44 12.42
N GLU D 201 22.70 -35.97 11.43
CA GLU D 201 24.08 -36.43 11.61
C GLU D 201 24.90 -35.51 12.55
N LEU D 208 26.88 -38.98 -0.76
CA LEU D 208 25.75 -39.65 -0.17
C LEU D 208 24.66 -38.63 0.18
N TRP D 209 23.42 -38.92 -0.20
CA TRP D 209 22.22 -38.21 0.26
C TRP D 209 22.12 -38.28 1.79
N PRO D 210 22.32 -37.13 2.49
CA PRO D 210 22.44 -37.17 3.97
C PRO D 210 21.15 -37.16 4.80
N TYR D 211 19.99 -37.10 4.12
CA TYR D 211 18.70 -36.97 4.81
C TYR D 211 18.03 -38.33 4.94
N LYS D 212 17.27 -38.48 6.02
CA LYS D 212 16.49 -39.70 6.29
C LYS D 212 14.97 -39.50 6.13
N GLY D 213 14.48 -38.26 6.21
CA GLY D 213 13.00 -38.08 6.25
C GLY D 213 12.32 -38.25 4.93
N ARG D 214 13.04 -37.90 3.88
CA ARG D 214 12.60 -38.12 2.50
C ARG D 214 13.80 -38.62 1.66
N PRO D 215 13.52 -39.35 0.56
CA PRO D 215 14.51 -39.75 -0.45
C PRO D 215 14.87 -38.61 -1.47
N GLU D 216 15.91 -38.89 -2.21
CA GLU D 216 16.54 -37.91 -3.09
C GLU D 216 15.61 -37.42 -4.21
N ASN D 217 14.64 -38.25 -4.54
CA ASN D 217 13.63 -37.83 -5.48
C ASN D 217 12.71 -36.71 -4.99
N LYS D 218 12.80 -36.41 -3.68
CA LYS D 218 12.10 -35.26 -3.08
C LYS D 218 13.10 -34.25 -2.45
N SER D 219 14.33 -34.26 -2.94
CA SER D 219 15.36 -33.33 -2.53
C SER D 219 14.96 -31.86 -2.47
N PHE D 220 14.28 -31.45 -3.53
CA PHE D 220 13.80 -30.10 -3.70
C PHE D 220 12.95 -29.61 -2.51
N LEU D 221 12.28 -30.53 -1.82
CA LEU D 221 11.46 -30.16 -0.67
C LEU D 221 12.28 -29.54 0.45
N TYR D 222 13.55 -29.91 0.58
CA TYR D 222 14.45 -29.36 1.57
C TYR D 222 14.95 -27.94 1.26
N GLU D 223 14.59 -27.42 0.10
CA GLU D 223 15.05 -26.06 -0.31
C GLU D 223 13.99 -24.99 -0.04
N ILE D 224 12.88 -25.35 0.60
CA ILE D 224 11.76 -24.45 0.80
C ILE D 224 11.83 -23.62 2.09
N VAL D 225 11.97 -24.31 3.24
CA VAL D 225 11.86 -23.65 4.55
C VAL D 225 13.14 -23.05 5.04
N SER D 226 14.22 -23.79 4.96
CA SER D 226 15.53 -23.29 5.31
C SER D 226 16.53 -23.87 4.33
N ASN D 227 16.93 -23.03 3.37
CA ASN D 227 17.66 -23.47 2.22
C ASN D 227 19.12 -23.37 2.58
N LYS D 228 19.75 -24.50 2.90
CA LYS D 228 21.15 -24.48 3.31
C LYS D 228 22.10 -24.45 2.11
N ARG D 229 21.59 -24.63 0.91
CA ARG D 229 22.44 -24.63 -0.31
C ARG D 229 22.79 -23.20 -0.74
N ASN D 230 21.80 -22.29 -0.77
CA ASN D 230 22.04 -20.93 -1.20
C ASN D 230 21.28 -19.84 -0.40
N GLY D 231 20.48 -20.23 0.58
CA GLY D 231 19.73 -19.27 1.40
C GLY D 231 18.46 -18.70 0.79
N ILE D 232 18.06 -19.18 -0.38
CA ILE D 232 16.83 -18.68 -0.99
C ILE D 232 15.64 -19.49 -0.45
N ASP D 233 14.98 -18.99 0.58
CA ASP D 233 13.89 -19.69 1.27
C ASP D 233 12.75 -18.77 1.67
N VAL D 234 11.63 -19.37 2.04
CA VAL D 234 10.39 -18.64 2.23
C VAL D 234 10.46 -17.85 3.55
N ASP D 235 11.37 -18.22 4.40
CA ASP D 235 11.55 -17.54 5.67
C ASP D 235 11.99 -16.06 5.47
N LYS D 236 12.96 -15.88 4.58
CA LYS D 236 13.45 -14.57 4.17
C LYS D 236 12.30 -13.82 3.53
N TRP D 237 11.54 -14.47 2.66
CA TRP D 237 10.49 -13.78 1.97
C TRP D 237 9.46 -13.18 2.91
N ASP D 238 9.08 -13.94 3.95
CA ASP D 238 8.12 -13.41 4.94
C ASP D 238 8.79 -12.25 5.69
N TYR D 239 10.02 -12.41 6.23
CA TYR D 239 10.54 -11.33 7.03
C TYR D 239 10.84 -10.09 6.26
N PHE D 240 11.21 -10.21 4.98
CA PHE D 240 11.40 -8.97 4.19
C PHE D 240 10.12 -8.15 4.18
N ALA D 241 9.03 -8.83 3.81
CA ALA D 241 7.75 -8.16 3.68
C ALA D 241 7.24 -7.66 5.05
N ARG D 242 7.33 -8.52 6.06
CA ARG D 242 6.74 -8.19 7.35
C ARG D 242 7.57 -7.12 8.09
N ASP D 243 8.90 -7.31 8.13
CA ASP D 243 9.72 -6.31 8.77
C ASP D 243 9.57 -4.92 8.08
N CYS D 244 9.55 -4.91 6.75
CA CYS D 244 9.37 -3.66 6.01
C CYS D 244 8.05 -2.99 6.36
N HIS D 245 6.98 -3.77 6.38
CA HIS D 245 5.66 -3.27 6.79
C HIS D 245 5.65 -2.55 8.17
N HIS D 246 6.36 -3.11 9.14
CA HIS D 246 6.45 -2.61 10.51
C HIS D 246 7.50 -1.54 10.73
N LEU D 247 8.65 -1.68 10.07
CA LEU D 247 9.71 -0.72 10.21
C LEU D 247 9.36 0.61 9.56
N GLY D 248 8.58 0.59 8.46
CA GLY D 248 8.40 1.79 7.65
C GLY D 248 9.46 1.98 6.61
N ILE D 249 9.99 0.87 6.07
CA ILE D 249 10.97 0.85 4.95
C ILE D 249 10.29 -0.05 3.91
N GLN D 250 10.49 0.21 2.62
CA GLN D 250 9.71 -0.47 1.61
C GLN D 250 10.56 -1.62 1.05
N ASN D 251 9.83 -2.75 0.81
CA ASN D 251 10.40 -4.02 0.31
C ASN D 251 10.44 -3.92 -1.26
N ASN D 252 11.59 -4.14 -1.81
CA ASN D 252 12.15 -4.22 -3.12
C ASN D 252 11.90 -5.70 -3.91
N PHE D 253 11.86 -6.71 -3.11
CA PHE D 253 11.89 -8.11 -3.62
C PHE D 253 10.48 -8.63 -3.85
N ASP D 254 10.24 -9.24 -5.02
CA ASP D 254 8.92 -9.81 -5.34
C ASP D 254 8.92 -11.34 -5.24
N TYR D 255 8.50 -11.88 -4.09
CA TYR D 255 8.53 -13.33 -3.89
C TYR D 255 7.54 -14.04 -4.77
N LYS D 256 6.38 -13.43 -5.02
CA LYS D 256 5.36 -14.07 -5.86
C LYS D 256 5.86 -14.30 -7.25
N ARG D 257 6.62 -13.36 -7.79
CA ARG D 257 7.29 -13.54 -9.10
C ARG D 257 8.22 -14.73 -9.06
N PHE D 258 9.05 -14.79 -8.01
CA PHE D 258 9.98 -15.89 -7.89
C PHE D 258 9.23 -17.27 -7.96
N ILE D 259 8.15 -17.37 -7.20
CA ILE D 259 7.38 -18.62 -7.17
C ILE D 259 6.87 -18.96 -8.54
N LYS D 260 6.37 -17.96 -9.25
CA LYS D 260 5.89 -18.16 -10.57
C LYS D 260 6.93 -18.70 -11.53
N PHE D 261 8.18 -18.34 -11.33
CA PHE D 261 9.20 -18.73 -12.24
C PHE D 261 10.01 -19.89 -11.72
N ALA D 262 9.60 -20.53 -10.62
CA ALA D 262 10.45 -21.56 -10.02
C ALA D 262 10.08 -22.89 -10.64
N ARG D 263 11.07 -23.78 -10.82
CA ARG D 263 10.84 -25.12 -11.38
C ARG D 263 11.79 -26.03 -10.74
N VAL D 264 11.49 -27.35 -10.77
CA VAL D 264 12.44 -28.35 -10.24
C VAL D 264 13.14 -29.04 -11.44
N CYS D 265 14.44 -29.09 -11.37
CA CYS D 265 15.26 -29.67 -12.45
C CYS D 265 16.30 -30.56 -11.82
N GLU D 266 16.78 -31.56 -12.59
CA GLU D 266 17.88 -32.35 -12.14
C GLU D 266 19.17 -31.59 -12.30
N VAL D 267 19.92 -31.49 -11.21
CA VAL D 267 21.26 -30.88 -11.19
C VAL D 267 22.18 -31.88 -10.44
N ASP D 268 23.26 -32.26 -11.11
CA ASP D 268 24.26 -33.27 -10.64
C ASP D 268 23.59 -34.41 -9.87
N ASN D 269 22.65 -35.08 -10.54
CA ASN D 269 21.91 -36.25 -9.99
C ASN D 269 20.94 -35.98 -8.84
N GLU D 270 20.55 -34.74 -8.65
CA GLU D 270 19.64 -34.41 -7.56
C GLU D 270 18.57 -33.45 -8.09
N LEU D 271 17.32 -33.58 -7.62
CA LEU D 271 16.21 -32.69 -8.05
C LEU D 271 16.24 -31.43 -7.16
N ARG D 272 16.50 -30.30 -7.79
CA ARG D 272 16.64 -28.97 -7.10
C ARG D 272 15.64 -27.97 -7.67
N ILE D 273 15.31 -26.99 -6.80
CA ILE D 273 14.51 -25.88 -7.27
C ILE D 273 15.42 -24.98 -8.08
N CYS D 274 15.00 -24.63 -9.30
CA CYS D 274 15.79 -23.79 -10.17
C CYS D 274 14.96 -22.53 -10.52
N ALA D 275 15.66 -21.45 -10.81
CA ALA D 275 14.98 -20.19 -11.21
C ALA D 275 15.11 -20.04 -12.74
N ARG D 276 14.22 -19.27 -13.32
CA ARG D 276 14.41 -18.88 -14.67
C ARG D 276 15.69 -18.04 -14.79
N ASP D 277 16.44 -18.31 -15.82
CA ASP D 277 17.70 -17.62 -16.13
C ASP D 277 17.60 -16.07 -16.00
N LYS D 278 16.58 -15.52 -16.63
CA LYS D 278 16.29 -14.10 -16.63
C LYS D 278 16.08 -13.50 -15.22
N GLU D 279 15.75 -14.31 -14.22
CA GLU D 279 15.55 -13.83 -12.89
C GLU D 279 16.86 -13.66 -12.10
N VAL D 280 18.02 -13.89 -12.71
CA VAL D 280 19.27 -13.87 -11.92
C VAL D 280 19.53 -12.48 -11.25
N GLY D 281 19.28 -11.41 -11.99
CA GLY D 281 19.38 -10.06 -11.46
C GLY D 281 18.50 -9.80 -10.25
N ASN D 282 17.31 -10.37 -10.27
CA ASN D 282 16.39 -10.27 -9.16
C ASN D 282 16.91 -10.98 -7.92
N LEU D 283 17.64 -12.09 -8.12
CA LEU D 283 18.25 -12.79 -7.02
C LEU D 283 19.46 -12.07 -6.40
N TYR D 284 20.34 -11.51 -7.24
CA TYR D 284 21.32 -10.61 -6.72
C TYR D 284 20.63 -9.48 -5.92
N ASP D 285 19.56 -8.92 -6.46
CA ASP D 285 18.82 -7.91 -5.73
C ASP D 285 18.16 -8.43 -4.46
N MET D 286 17.76 -9.67 -4.37
CA MET D 286 17.21 -10.22 -3.12
C MET D 286 18.22 -10.12 -1.95
N PHE D 287 19.45 -10.48 -2.24
CA PHE D 287 20.54 -10.39 -1.29
C PHE D 287 20.93 -8.99 -0.97
N HIS D 288 20.84 -8.10 -1.98
CA HIS D 288 21.14 -6.67 -1.74
C HIS D 288 20.05 -6.13 -0.74
N THR D 289 18.81 -6.56 -0.93
CA THR D 289 17.70 -6.18 -0.06
C THR D 289 17.96 -6.60 1.39
N ARG D 290 18.35 -7.86 1.56
CA ARG D 290 18.71 -8.36 2.85
C ARG D 290 19.83 -7.52 3.52
N ASN D 291 20.85 -7.20 2.75
CA ASN D 291 21.97 -6.42 3.30
C ASN D 291 21.52 -5.00 3.66
N SER D 292 20.65 -4.41 2.85
CA SER D 292 20.12 -3.06 3.13
C SER D 292 19.25 -3.06 4.37
N LEU D 293 18.47 -4.10 4.59
CA LEU D 293 17.68 -4.21 5.83
C LEU D 293 18.59 -4.35 7.09
N HIS D 294 19.66 -5.14 6.98
CA HIS D 294 20.66 -5.15 8.03
C HIS D 294 21.31 -3.79 8.29
N ARG D 295 21.69 -3.11 7.21
CA ARG D 295 22.32 -1.80 7.37
C ARG D 295 21.38 -0.76 7.97
N ARG D 296 20.17 -0.65 7.44
CA ARG D 296 19.26 0.39 7.91
C ARG D 296 18.67 0.10 9.28
N ALA D 297 18.35 -1.19 9.52
CA ALA D 297 17.51 -1.59 10.68
C ALA D 297 18.15 -2.56 11.64
N TYR D 298 18.50 -3.75 11.17
CA TYR D 298 18.84 -4.79 12.13
C TYR D 298 20.17 -4.51 12.85
N GLN D 299 21.08 -3.81 12.15
CA GLN D 299 22.33 -3.41 12.78
C GLN D 299 22.42 -1.94 13.10
N HIS D 300 21.26 -1.30 13.28
CA HIS D 300 21.23 0.07 13.66
C HIS D 300 22.08 0.18 14.98
N LYS D 301 22.97 1.17 15.01
CA LYS D 301 23.92 1.25 16.15
C LYS D 301 23.27 1.45 17.50
N VAL D 302 22.09 2.12 17.51
CA VAL D 302 21.33 2.29 18.75
C VAL D 302 20.54 1.05 19.13
N GLY D 303 19.94 0.40 18.10
CA GLY D 303 19.25 -0.84 18.40
C GLY D 303 20.24 -1.87 19.02
N ASN D 304 21.44 -1.88 18.47
CA ASN D 304 22.45 -2.82 18.94
C ASN D 304 22.88 -2.53 20.40
N ILE D 305 23.02 -1.26 20.74
CA ILE D 305 23.46 -0.95 22.07
C ILE D 305 22.35 -1.22 23.06
N ILE D 306 21.09 -1.05 22.63
CA ILE D 306 19.97 -1.42 23.48
C ILE D 306 19.93 -2.94 23.72
N ASP D 307 20.10 -3.75 22.66
CA ASP D 307 20.18 -5.19 22.84
C ASP D 307 21.37 -5.56 23.83
N THR D 308 22.47 -4.83 23.66
CA THR D 308 23.60 -4.99 24.55
C THR D 308 23.24 -4.61 25.97
N MET D 309 22.55 -3.57 26.24
CA MET D 309 22.17 -3.24 27.60
C MET D 309 21.23 -4.22 28.19
N ILE D 310 20.33 -4.76 27.38
CA ILE D 310 19.30 -5.66 27.89
C ILE D 310 20.07 -6.95 28.29
N THR D 311 20.99 -7.36 27.45
CA THR D 311 21.79 -8.54 27.69
C THR D 311 22.58 -8.42 29.04
N ASP D 312 23.14 -7.22 29.24
CA ASP D 312 23.85 -6.92 30.45
C ASP D 312 22.93 -7.03 31.67
N ALA D 313 21.71 -6.51 31.55
CA ALA D 313 20.71 -6.61 32.64
C ALA D 313 20.35 -8.08 32.90
N PHE D 314 20.17 -8.88 31.86
CA PHE D 314 19.85 -10.30 32.05
C PHE D 314 20.99 -11.03 32.76
N LEU D 315 22.21 -10.70 32.38
CA LEU D 315 23.38 -11.33 33.03
C LEU D 315 23.42 -10.98 34.51
N LYS D 316 23.18 -9.73 34.86
CA LYS D 316 23.14 -9.33 36.25
C LYS D 316 21.95 -9.88 37.05
N ALA D 317 20.88 -10.24 36.33
CA ALA D 317 19.69 -10.80 36.94
C ALA D 317 19.73 -12.30 37.03
N ASP D 318 20.66 -12.95 36.32
CA ASP D 318 20.57 -14.38 36.10
C ASP D 318 20.53 -15.27 37.36
N ASP D 319 21.21 -14.87 38.44
CA ASP D 319 21.14 -15.67 39.67
C ASP D 319 19.81 -15.56 40.38
N TYR D 320 18.97 -14.58 40.04
CA TYR D 320 17.79 -14.27 40.84
C TYR D 320 16.43 -14.56 40.19
N ILE D 321 16.37 -14.55 38.87
CA ILE D 321 15.08 -14.88 38.21
C ILE D 321 14.94 -16.37 38.19
N GLU D 322 13.79 -16.89 38.54
CA GLU D 322 13.59 -18.34 38.62
C GLU D 322 12.50 -18.75 37.62
N ILE D 323 12.78 -19.83 36.90
CA ILE D 323 11.84 -20.33 35.93
C ILE D 323 11.65 -21.80 36.26
N THR D 324 10.43 -22.16 36.54
CA THR D 324 10.13 -23.54 36.93
C THR D 324 9.98 -24.43 35.69
N GLY D 325 10.73 -25.52 35.70
CA GLY D 325 10.69 -26.55 34.67
C GLY D 325 10.10 -27.90 35.13
N ALA D 326 10.48 -28.93 34.41
CA ALA D 326 9.93 -30.26 34.60
C ALA D 326 10.26 -30.73 36.05
N GLY D 327 9.25 -31.33 36.70
CA GLY D 327 9.38 -31.87 38.05
C GLY D 327 9.62 -30.80 39.10
N GLY D 328 9.12 -29.60 38.85
CA GLY D 328 9.30 -28.48 39.78
C GLY D 328 10.74 -27.92 39.93
N LYS D 329 11.73 -28.48 39.22
CA LYS D 329 13.07 -27.93 39.19
C LYS D 329 13.09 -26.46 38.69
N LYS D 330 14.02 -25.68 39.28
CA LYS D 330 14.13 -24.26 38.99
C LYS D 330 15.32 -24.00 38.07
N TYR D 331 15.10 -23.13 37.11
CA TYR D 331 16.13 -22.80 36.16
C TYR D 331 16.30 -21.29 36.19
N ARG D 332 17.41 -20.85 35.61
CA ARG D 332 17.74 -19.45 35.47
C ARG D 332 17.47 -19.08 34.01
N ILE D 333 17.59 -17.79 33.71
CA ILE D 333 17.53 -17.34 32.33
C ILE D 333 18.54 -18.13 31.47
N SER D 334 19.76 -18.33 32.00
CA SER D 334 20.83 -18.97 31.24
C SER D 334 20.69 -20.48 31.19
N THR D 335 19.88 -21.07 32.06
CA THR D 335 19.74 -22.54 32.07
C THR D 335 18.40 -23.05 31.61
N ALA D 336 17.47 -22.14 31.29
CA ALA D 336 16.18 -22.57 30.78
C ALA D 336 16.32 -23.38 29.48
N ILE D 337 17.38 -23.15 28.74
CA ILE D 337 17.63 -23.90 27.52
C ILE D 337 17.86 -25.40 27.75
N ASP D 338 18.11 -25.76 28.98
CA ASP D 338 18.32 -27.15 29.39
C ASP D 338 17.04 -27.89 29.77
N ASP D 339 15.87 -27.23 29.71
CA ASP D 339 14.62 -27.88 30.00
C ASP D 339 13.47 -27.24 29.22
N MET D 340 12.92 -27.91 28.24
CA MET D 340 11.97 -27.20 27.36
C MET D 340 10.74 -26.73 28.09
N GLU D 341 10.38 -27.39 29.18
CA GLU D 341 9.28 -26.89 29.96
C GLU D 341 9.55 -25.50 30.57
N ALA D 342 10.75 -25.28 31.08
CA ALA D 342 11.18 -23.96 31.54
C ALA D 342 11.32 -22.96 30.32
N TYR D 343 11.97 -23.42 29.25
CA TYR D 343 12.17 -22.57 28.09
C TYR D 343 10.84 -22.06 27.49
N THR D 344 9.81 -22.88 27.59
CA THR D 344 8.48 -22.49 27.14
C THR D 344 8.03 -21.17 27.81
N LYS D 345 8.47 -20.95 29.04
CA LYS D 345 8.09 -19.82 29.83
C LYS D 345 9.13 -18.72 29.82
N LEU D 346 10.11 -18.80 28.92
CA LEU D 346 11.14 -17.80 28.84
C LEU D 346 10.94 -16.92 27.60
N THR D 347 10.45 -15.71 27.84
CA THR D 347 10.04 -14.81 26.76
C THR D 347 10.48 -13.39 27.10
N ASP D 348 10.04 -12.42 26.31
CA ASP D 348 10.39 -11.01 26.57
C ASP D 348 9.90 -10.50 27.93
N ASN D 349 8.96 -11.21 28.52
CA ASN D 349 8.46 -10.92 29.89
C ASN D 349 9.59 -10.73 30.94
N ILE D 350 10.70 -11.42 30.71
CA ILE D 350 11.84 -11.39 31.62
C ILE D 350 12.31 -9.93 31.80
N PHE D 351 12.26 -9.13 30.72
CA PHE D 351 12.63 -7.75 30.76
C PHE D 351 11.73 -7.02 31.78
N LEU D 352 10.42 -7.24 31.69
CA LEU D 352 9.50 -6.56 32.60
C LEU D 352 9.57 -7.08 34.03
N GLU D 353 9.83 -8.37 34.19
CA GLU D 353 10.01 -8.95 35.53
C GLU D 353 11.22 -8.23 36.24
N ILE D 354 12.31 -8.05 35.50
CA ILE D 354 13.43 -7.27 35.99
C ILE D 354 13.06 -5.81 36.24
N LEU D 355 12.42 -5.18 35.25
CA LEU D 355 12.13 -3.77 35.34
C LEU D 355 11.20 -3.48 36.52
N TYR D 356 10.24 -4.37 36.77
CA TYR D 356 9.24 -4.13 37.82
C TYR D 356 9.62 -4.70 39.18
N SER D 357 10.79 -5.34 39.28
CA SER D 357 11.26 -5.95 40.50
C SER D 357 11.50 -4.91 41.60
N THR D 358 11.41 -5.35 42.88
CA THR D 358 11.76 -4.45 44.03
C THR D 358 12.95 -5.01 44.89
N ASP D 359 13.26 -6.28 44.71
CA ASP D 359 14.33 -6.95 45.40
C ASP D 359 15.66 -6.23 45.19
N PRO D 360 16.34 -5.88 46.33
CA PRO D 360 17.64 -5.26 46.21
C PRO D 360 18.67 -6.10 45.45
N LYS D 361 18.55 -7.42 45.45
CA LYS D 361 19.49 -8.28 44.68
C LYS D 361 19.41 -8.00 43.14
N LEU D 362 18.25 -7.51 42.69
CA LEU D 362 17.99 -7.18 41.30
C LEU D 362 18.23 -5.70 40.94
N LYS D 363 18.73 -4.93 41.90
CA LYS D 363 18.88 -3.51 41.71
C LYS D 363 19.76 -3.12 40.53
N ASP D 364 20.93 -3.76 40.42
CA ASP D 364 21.82 -3.42 39.33
C ASP D 364 21.24 -3.75 37.95
N ALA D 365 20.59 -4.90 37.85
CA ALA D 365 19.91 -5.31 36.58
C ALA D 365 18.79 -4.33 36.27
N ARG D 366 17.92 -4.08 37.26
CA ARG D 366 16.84 -3.15 37.13
C ARG D 366 17.27 -1.73 36.74
N GLU D 367 18.34 -1.22 37.35
CA GLU D 367 18.88 0.06 36.98
C GLU D 367 19.34 0.18 35.53
N ILE D 368 19.87 -0.87 34.93
CA ILE D 368 20.28 -0.81 33.53
C ILE D 368 18.99 -0.58 32.66
N LEU D 369 17.94 -1.33 32.99
CA LEU D 369 16.70 -1.22 32.21
C LEU D 369 16.05 0.11 32.39
N LYS D 370 16.15 0.65 33.60
CA LYS D 370 15.73 2.02 33.87
C LYS D 370 16.48 3.03 33.05
N GLN D 371 17.77 2.87 32.92
CA GLN D 371 18.54 3.80 32.09
C GLN D 371 18.12 3.71 30.60
N ILE D 372 17.79 2.52 30.09
CA ILE D 372 17.21 2.40 28.76
C ILE D 372 15.96 3.33 28.65
N GLU D 373 15.05 3.25 29.63
CA GLU D 373 13.85 4.06 29.58
C GLU D 373 14.07 5.54 29.59
N TYR D 374 15.10 5.98 30.34
CA TYR D 374 15.52 7.38 30.32
C TYR D 374 16.37 7.76 29.11
N ARG D 375 16.70 6.77 28.28
CA ARG D 375 17.55 6.97 27.11
C ARG D 375 18.95 7.42 27.53
N ASN D 376 19.36 6.93 28.70
CA ASN D 376 20.75 7.08 29.13
C ASN D 376 21.58 5.87 28.69
N LEU D 377 21.92 5.85 27.41
CA LEU D 377 22.54 4.66 26.78
C LEU D 377 24.01 4.51 26.92
N PHE D 378 24.61 3.33 26.89
CA PHE D 378 26.08 3.24 26.74
C PHE D 378 26.46 4.00 25.41
N LYS D 379 27.60 4.66 25.44
CA LYS D 379 27.88 5.63 24.43
C LYS D 379 28.74 5.13 23.33
N TYR D 380 28.35 5.47 22.12
CA TYR D 380 29.07 5.08 20.91
C TYR D 380 30.39 5.80 20.81
N VAL D 381 31.44 5.05 20.73
CA VAL D 381 32.79 5.62 20.62
C VAL D 381 33.28 5.70 19.17
N GLY D 382 33.08 4.67 18.39
CA GLY D 382 33.50 4.69 17.00
C GLY D 382 33.42 3.36 16.34
N GLU D 383 33.79 3.31 15.09
CA GLU D 383 33.63 2.17 14.19
C GLU D 383 34.86 2.05 13.33
N THR D 384 35.24 0.83 13.00
CA THR D 384 36.34 0.54 12.14
C THR D 384 36.07 -0.78 11.44
N GLN D 385 36.90 -1.09 10.44
CA GLN D 385 36.80 -2.36 9.69
C GLN D 385 38.17 -3.02 9.54
N PRO D 386 38.21 -4.36 9.58
CA PRO D 386 39.43 -5.03 9.16
C PRO D 386 39.61 -4.81 7.63
N THR D 387 40.86 -4.89 7.18
CA THR D 387 41.24 -4.63 5.79
C THR D 387 41.36 -5.99 5.07
N GLY D 388 40.91 -6.03 3.83
CA GLY D 388 40.90 -7.26 3.06
C GLY D 388 39.80 -8.24 3.41
N GLN D 389 40.13 -9.52 3.33
CA GLN D 389 39.26 -10.60 3.76
C GLN D 389 39.45 -11.02 5.25
N ILE D 390 40.24 -10.28 5.98
CA ILE D 390 40.50 -10.45 7.41
C ILE D 390 39.21 -10.32 8.25
N LYS D 391 38.96 -11.33 9.08
CA LYS D 391 37.74 -11.43 9.86
C LYS D 391 38.03 -11.89 11.30
N ILE D 392 37.67 -11.04 12.27
CA ILE D 392 37.66 -11.44 13.68
C ILE D 392 36.62 -12.55 13.94
N LYS D 393 37.03 -13.62 14.62
CA LYS D 393 36.20 -14.80 14.82
C LYS D 393 35.49 -14.73 16.16
N ARG D 394 34.35 -15.43 16.20
CA ARG D 394 33.49 -15.46 17.40
C ARG D 394 34.27 -15.83 18.68
N GLU D 395 35.24 -16.75 18.60
CA GLU D 395 35.96 -17.19 19.80
C GLU D 395 36.86 -16.08 20.38
N ASP D 396 37.29 -15.14 19.55
CA ASP D 396 38.01 -13.95 20.05
C ASP D 396 37.14 -12.81 20.63
N TYR D 397 35.82 -12.88 20.50
CA TYR D 397 34.97 -11.71 20.88
C TYR D 397 35.21 -11.25 22.31
N GLU D 398 35.27 -12.21 23.23
CA GLU D 398 35.42 -11.86 24.65
C GLU D 398 36.78 -11.21 25.00
N SER D 399 37.84 -11.49 24.24
CA SER D 399 39.12 -10.84 24.46
C SER D 399 39.20 -9.37 24.01
N LEU D 400 38.19 -8.91 23.25
CA LEU D 400 38.35 -7.62 22.58
C LEU D 400 38.27 -6.43 23.53
N PRO D 401 37.29 -6.41 24.48
CA PRO D 401 37.26 -5.23 25.38
C PRO D 401 38.58 -5.07 26.17
N LYS D 402 39.16 -6.18 26.60
CA LYS D 402 40.51 -6.17 27.27
C LYS D 402 41.58 -5.60 26.38
N GLU D 403 41.56 -6.01 25.11
CA GLU D 403 42.51 -5.44 24.14
C GLU D 403 42.38 -3.93 24.05
N VAL D 404 41.14 -3.42 23.97
CA VAL D 404 40.97 -1.96 23.80
C VAL D 404 41.53 -1.22 25.01
N ALA D 405 41.16 -1.72 26.19
CA ALA D 405 41.58 -1.19 27.49
C ALA D 405 43.10 -1.26 27.71
N SER D 406 43.75 -2.21 27.03
CA SER D 406 45.24 -2.38 27.13
C SER D 406 46.02 -1.52 26.17
N ALA D 407 45.34 -0.83 25.26
CA ALA D 407 46.01 0.06 24.34
C ALA D 407 46.61 1.26 25.09
N LYS D 408 47.72 1.74 24.54
CA LYS D 408 48.57 2.73 25.18
C LYS D 408 48.66 3.96 24.28
N PRO D 409 47.58 4.75 24.24
CA PRO D 409 47.60 5.91 23.37
C PRO D 409 48.63 6.87 23.88
N LYS D 410 49.45 7.42 23.00
CA LYS D 410 50.41 8.50 23.39
C LYS D 410 49.73 9.87 23.33
N VAL D 411 48.83 10.08 24.28
CA VAL D 411 48.07 11.29 24.39
C VAL D 411 47.90 11.49 25.87
N LEU D 412 47.64 12.73 26.28
CA LEU D 412 47.38 13.03 27.66
C LEU D 412 45.97 12.57 27.97
N LEU D 413 45.86 11.66 28.95
CA LEU D 413 44.63 10.99 29.32
C LEU D 413 44.40 11.08 30.83
N ASP D 414 43.25 11.67 31.16
CA ASP D 414 42.85 11.93 32.54
C ASP D 414 42.42 10.58 33.16
N VAL D 415 41.28 10.07 32.74
CA VAL D 415 40.72 8.85 33.37
C VAL D 415 41.39 7.63 32.75
N LYS D 416 41.46 6.55 33.52
CA LYS D 416 41.80 5.24 33.00
C LYS D 416 40.59 4.32 33.05
N LEU D 417 40.45 3.53 32.00
CA LEU D 417 39.28 2.69 31.80
C LEU D 417 39.72 1.26 31.86
N LYS D 418 38.82 0.40 32.33
CA LYS D 418 39.00 -1.04 32.36
C LYS D 418 38.21 -1.77 31.26
N ALA D 419 38.57 -3.03 31.07
CA ALA D 419 37.92 -3.91 30.12
C ALA D 419 36.41 -3.89 30.18
N GLU D 420 35.88 -3.98 31.41
CA GLU D 420 34.46 -4.07 31.61
C GLU D 420 33.74 -2.74 31.27
N ASP D 421 34.50 -1.65 31.00
CA ASP D 421 33.88 -0.39 30.59
C ASP D 421 33.60 -0.30 29.07
N PHE D 422 34.13 -1.27 28.32
CA PHE D 422 34.04 -1.26 26.88
C PHE D 422 33.14 -2.37 26.42
N ILE D 423 32.36 -2.05 25.36
CA ILE D 423 31.65 -3.06 24.54
C ILE D 423 32.24 -2.97 23.13
N VAL D 424 32.54 -4.10 22.57
CA VAL D 424 33.09 -4.16 21.22
C VAL D 424 32.15 -5.10 20.49
N ASP D 425 31.43 -4.57 19.48
CA ASP D 425 30.36 -5.30 18.76
C ASP D 425 30.91 -5.57 17.36
N VAL D 426 31.06 -6.85 17.01
CA VAL D 426 31.58 -7.24 15.70
C VAL D 426 30.39 -7.63 14.80
N ILE D 427 30.24 -6.99 13.68
CA ILE D 427 29.05 -7.23 12.83
C ILE D 427 29.51 -7.78 11.51
N ASN D 428 29.01 -8.97 11.18
CA ASN D 428 29.27 -9.58 9.92
C ASN D 428 28.13 -9.21 8.93
N MET D 429 28.51 -8.49 7.91
CA MET D 429 27.56 -8.19 6.81
C MET D 429 27.95 -9.05 5.60
N ASP D 430 27.09 -9.98 5.18
CA ASP D 430 27.40 -10.85 4.08
C ASP D 430 26.15 -11.36 3.39
N TYR D 431 26.33 -12.15 2.34
CA TYR D 431 25.20 -12.68 1.55
C TYR D 431 24.78 -14.06 2.01
N GLY D 432 25.08 -14.41 3.26
CA GLY D 432 24.54 -15.58 3.91
C GLY D 432 25.37 -16.82 3.78
N MET D 433 26.51 -16.76 3.08
CA MET D 433 27.39 -17.91 2.87
C MET D 433 28.84 -17.49 3.08
N GLN D 434 29.05 -16.70 4.15
CA GLN D 434 30.33 -16.11 4.47
C GLN D 434 30.90 -15.37 3.24
N GLU D 435 32.11 -15.74 2.75
CA GLU D 435 32.71 -15.02 1.64
C GLU D 435 32.13 -15.42 0.27
N LYS D 436 31.32 -16.46 0.21
CA LYS D 436 30.84 -16.97 -1.05
C LYS D 436 29.70 -16.16 -1.66
N ASN D 437 29.59 -16.21 -2.97
CA ASN D 437 28.50 -15.62 -3.73
C ASN D 437 27.39 -16.71 -3.83
N PRO D 438 26.23 -16.46 -3.19
CA PRO D 438 25.23 -17.51 -3.12
C PRO D 438 24.65 -17.83 -4.50
N ILE D 439 24.73 -16.88 -5.43
CA ILE D 439 24.20 -17.04 -6.78
C ILE D 439 25.06 -18.06 -7.55
N ASP D 440 26.33 -18.28 -7.13
CA ASP D 440 27.11 -19.41 -7.65
C ASP D 440 26.55 -20.74 -7.22
N HIS D 441 25.61 -20.75 -6.25
CA HIS D 441 25.00 -21.97 -5.77
C HIS D 441 23.51 -22.10 -6.10
N VAL D 442 23.10 -21.34 -7.12
CA VAL D 442 21.76 -21.40 -7.69
C VAL D 442 21.84 -22.04 -9.07
N SER D 443 20.80 -22.78 -9.42
CA SER D 443 20.68 -23.34 -10.75
C SER D 443 19.52 -22.68 -11.46
N PHE D 444 19.64 -22.50 -12.77
CA PHE D 444 18.69 -21.79 -13.59
C PHE D 444 18.25 -22.68 -14.72
N TYR D 445 17.13 -22.32 -15.36
CA TYR D 445 16.66 -22.95 -16.59
C TYR D 445 16.29 -21.86 -17.57
N CYS D 446 16.33 -22.27 -18.84
CA CYS D 446 16.00 -21.38 -19.96
C CYS D 446 14.67 -21.78 -20.54
N LYS D 447 14.05 -20.80 -21.14
CA LYS D 447 12.76 -20.95 -21.72
C LYS D 447 12.82 -22.02 -22.84
N THR D 448 13.93 -22.12 -23.57
CA THR D 448 13.97 -23.08 -24.65
C THR D 448 14.20 -24.51 -24.19
N ALA D 449 14.58 -24.74 -22.93
CA ALA D 449 14.83 -26.09 -22.37
C ALA D 449 14.57 -26.13 -20.86
N PRO D 450 13.27 -26.12 -20.51
CA PRO D 450 12.93 -25.89 -19.08
C PRO D 450 13.29 -27.04 -18.16
N ASN D 451 13.69 -28.18 -18.69
CA ASN D 451 14.16 -29.25 -17.80
C ASN D 451 15.66 -29.35 -17.66
N ARG D 452 16.35 -28.41 -18.27
CA ARG D 452 17.80 -28.42 -18.29
C ARG D 452 18.44 -27.30 -17.41
N ALA D 453 19.02 -27.70 -16.30
CA ALA D 453 19.61 -26.80 -15.35
C ALA D 453 20.94 -26.28 -15.83
N ILE D 454 21.16 -24.98 -15.74
CA ILE D 454 22.45 -24.36 -16.01
C ILE D 454 22.92 -23.52 -14.86
N ARG D 455 24.17 -23.10 -14.90
CA ARG D 455 24.77 -22.14 -14.01
C ARG D 455 24.98 -20.82 -14.73
N ILE D 456 24.97 -19.75 -13.94
CA ILE D 456 25.21 -18.39 -14.44
C ILE D 456 26.24 -17.74 -13.50
N THR D 457 27.36 -17.27 -14.08
CA THR D 457 28.45 -16.58 -13.35
C THR D 457 28.20 -15.09 -13.23
N LYS D 458 28.89 -14.45 -12.28
CA LYS D 458 28.66 -13.03 -11.99
C LYS D 458 28.92 -12.10 -13.19
N ASN D 459 29.99 -12.39 -13.89
CA ASN D 459 30.36 -11.66 -15.14
C ASN D 459 29.37 -11.77 -16.30
N GLN D 460 28.58 -12.87 -16.34
CA GLN D 460 27.51 -13.00 -17.30
C GLN D 460 26.34 -12.11 -16.94
N VAL D 461 26.33 -11.55 -15.72
CA VAL D 461 25.19 -10.71 -15.26
C VAL D 461 25.29 -9.16 -15.31
N SER D 462 26.30 -8.62 -14.67
CA SER D 462 26.42 -7.19 -14.62
C SER D 462 27.75 -6.92 -14.02
N GLN D 463 28.45 -5.91 -14.56
CA GLN D 463 29.72 -5.45 -14.00
C GLN D 463 29.53 -4.44 -12.86
N LEU D 464 28.27 -4.08 -12.56
CA LEU D 464 27.95 -3.21 -11.45
C LEU D 464 27.70 -3.99 -10.14
N LEU D 465 27.89 -5.30 -10.09
CA LEU D 465 27.61 -6.08 -8.87
C LEU D 465 28.78 -5.99 -7.88
N PRO D 466 28.54 -6.36 -6.64
CA PRO D 466 29.63 -6.36 -5.65
C PRO D 466 30.79 -7.27 -6.12
N GLU D 467 31.99 -6.83 -5.80
CA GLU D 467 33.18 -7.68 -6.02
C GLU D 467 33.44 -8.65 -4.84
N LYS D 468 32.88 -8.37 -3.67
CA LYS D 468 33.04 -9.17 -2.49
C LYS D 468 31.67 -9.40 -1.88
N PHE D 469 31.51 -10.43 -1.06
CA PHE D 469 30.21 -10.81 -0.53
C PHE D 469 30.13 -10.88 0.97
N ALA D 470 31.20 -10.37 1.61
CA ALA D 470 31.27 -10.34 3.08
C ALA D 470 32.15 -9.16 3.53
N GLU D 471 31.81 -8.55 4.63
CA GLU D 471 32.68 -7.54 5.30
C GLU D 471 32.34 -7.55 6.77
N GLN D 472 33.18 -6.94 7.55
CA GLN D 472 32.99 -6.88 9.03
C GLN D 472 33.09 -5.46 9.49
N LEU D 473 32.18 -5.10 10.37
CA LEU D 473 32.18 -3.78 10.99
C LEU D 473 32.46 -4.06 12.48
N ILE D 474 33.29 -3.20 13.06
CA ILE D 474 33.57 -3.24 14.47
C ILE D 474 33.18 -1.95 15.15
N ARG D 475 32.20 -1.99 16.07
CA ARG D 475 31.77 -0.81 16.78
C ARG D 475 32.20 -0.93 18.22
N VAL D 476 32.64 0.19 18.78
CA VAL D 476 33.04 0.26 20.16
C VAL D 476 32.16 1.26 20.92
N TYR D 477 31.74 0.85 22.11
CA TYR D 477 31.00 1.70 23.00
C TYR D 477 31.62 1.72 24.38
N CYS D 478 31.25 2.71 25.16
CA CYS D 478 31.77 2.87 26.52
C CYS D 478 30.60 2.93 27.49
N LYS D 479 30.72 2.17 28.56
CA LYS D 479 29.68 2.20 29.60
C LYS D 479 29.80 3.40 30.52
N LYS D 480 30.93 4.08 30.51
CA LYS D 480 31.07 5.33 31.28
C LYS D 480 30.82 6.46 30.32
N VAL D 481 29.88 7.30 30.67
CA VAL D 481 29.29 8.23 29.72
C VAL D 481 29.62 9.68 29.97
N ASP D 482 30.41 9.98 30.98
CA ASP D 482 30.85 11.34 31.18
C ASP D 482 31.87 11.74 30.08
N ARG D 483 32.05 13.04 29.96
CA ARG D 483 32.82 13.60 28.88
C ARG D 483 34.31 13.20 28.93
N LYS D 484 34.90 13.12 30.11
CA LYS D 484 36.30 12.75 30.22
C LYS D 484 36.51 11.29 29.88
N SER D 485 35.58 10.44 30.31
CA SER D 485 35.67 9.00 30.01
C SER D 485 35.50 8.74 28.51
N LEU D 486 34.58 9.47 27.87
CA LEU D 486 34.31 9.28 26.45
C LEU D 486 35.50 9.74 25.62
N TYR D 487 36.10 10.88 26.02
CA TYR D 487 37.34 11.32 25.39
C TYR D 487 38.42 10.24 25.47
N ALA D 488 38.65 9.73 26.66
CA ALA D 488 39.65 8.70 26.88
C ALA D 488 39.32 7.46 26.05
N ALA D 489 38.05 7.02 26.08
CA ALA D 489 37.64 5.81 25.34
C ALA D 489 37.95 5.94 23.84
N ARG D 490 37.75 7.14 23.32
CA ARG D 490 38.09 7.41 21.93
C ARG D 490 39.61 7.25 21.62
N GLN D 491 40.45 7.66 22.56
CA GLN D 491 41.88 7.54 22.35
C GLN D 491 42.31 6.05 22.41
N TYR D 492 41.83 5.30 23.40
CA TYR D 492 42.11 3.86 23.46
C TYR D 492 41.64 3.16 22.16
N PHE D 493 40.42 3.52 21.73
CA PHE D 493 39.90 2.94 20.53
C PHE D 493 40.76 3.15 19.26
N VAL D 494 41.13 4.40 19.00
CA VAL D 494 41.89 4.74 17.81
C VAL D 494 43.29 4.08 17.91
N GLN D 495 43.85 4.07 19.13
CA GLN D 495 45.13 3.37 19.31
C GLN D 495 45.02 1.84 18.99
N TRP D 496 43.96 1.20 19.51
CA TRP D 496 43.66 -0.16 19.19
C TRP D 496 43.52 -0.42 17.66
N CYS D 497 42.80 0.44 16.96
CA CYS D 497 42.68 0.36 15.52
C CYS D 497 44.09 0.39 14.87
N ALA D 498 44.92 1.32 15.32
CA ALA D 498 46.29 1.46 14.77
C ALA D 498 47.11 0.18 15.08
N ASP D 499 47.06 -0.31 16.33
CA ASP D 499 47.70 -1.56 16.72
C ASP D 499 47.24 -2.76 15.89
N ARG D 500 45.96 -2.83 15.57
CA ARG D 500 45.46 -4.00 14.85
C ARG D 500 45.53 -3.80 13.31
N ASN D 501 45.98 -2.65 12.86
CA ASN D 501 45.99 -2.31 11.44
C ASN D 501 44.61 -2.31 10.78
N PHE D 502 43.59 -1.91 11.55
CA PHE D 502 42.21 -1.70 11.05
C PHE D 502 42.10 -0.44 10.32
N THR D 503 40.98 -0.13 9.70
CA THR D 503 40.86 1.18 9.02
C THR D 503 40.85 2.30 10.06
N LYS D 504 41.41 3.43 9.64
CA LYS D 504 41.38 4.65 10.44
C LYS D 504 39.90 5.02 10.67
N PRO D 505 39.51 5.16 11.96
CA PRO D 505 38.13 5.60 12.15
C PRO D 505 37.85 6.92 11.48
N GLN D 506 36.64 7.08 10.97
CA GLN D 506 36.16 8.42 10.55
C GLN D 506 36.07 9.45 11.64
N ASP D 507 35.89 10.72 11.25
CA ASP D 507 35.57 11.82 12.13
C ASP D 507 36.77 12.32 12.98
N GLY D 508 37.96 12.22 12.38
CA GLY D 508 39.18 12.64 13.02
C GLY D 508 39.09 14.07 13.56
O2A HDV E . -8.18 5.12 22.02
PA HDV E . -9.61 5.08 22.46
O1A HDV E . -9.54 4.91 23.87
O3A HDV E . -9.99 6.60 22.07
PB HDV E . -11.60 7.08 22.20
O1B HDV E . -12.29 6.59 23.39
O2B HDV E . -11.53 8.56 22.16
O3B HDV E . -12.18 6.57 20.79
PG HDV E . -13.46 7.19 19.98
O3G HDV E . -13.43 6.63 18.60
O2G HDV E . -13.30 8.66 19.97
O1G HDV E . -14.68 6.79 20.71
O5' HDV E . -10.40 4.05 21.50
C5' HDV E . -9.89 3.99 20.20
C4' HDV E . -8.93 2.84 19.99
C3' HDV E . -9.07 2.20 18.63
O3' HDV E . -7.76 1.76 18.28
C2' HDV E . -10.02 1.10 18.80
F2' HDV E . -11.27 1.71 18.73
C1' HDV E . -9.80 0.60 20.18
O4' HDV E . -9.25 1.76 20.92
N9 HDV E . -10.99 0.21 20.90
C4 HDV E . -11.29 -1.08 21.12
C5 HDV E . -12.55 -1.06 21.82
N7 HDV E . -12.93 0.28 21.95
C8 HDV E . -11.97 1.03 21.35
N3 HDV E . -10.66 -2.20 20.84
C2 HDV E . -11.17 -3.39 21.23
CL2 HDV E . -10.32 -4.61 20.83
N1 HDV E . -12.34 -3.38 21.96
C6 HDV E . -13.04 -2.30 22.27
N6 HDV E . -14.30 -2.25 22.97
PG GTP F . -14.23 -22.43 16.17
O1G GTP F . -14.20 -21.90 14.72
O2G GTP F . -13.13 -23.38 16.24
O3G GTP F . -15.68 -22.91 16.44
O3B GTP F . -13.96 -21.34 17.31
PB GTP F . -14.24 -19.79 17.38
O1B GTP F . -14.66 -19.26 16.03
O2B GTP F . -14.93 -19.38 18.59
O3A GTP F . -12.64 -19.31 17.56
PA GTP F . -11.47 -19.51 16.55
O1A GTP F . -11.93 -19.78 15.15
O2A GTP F . -10.42 -20.33 17.15
O5' GTP F . -10.82 -17.97 16.61
C5' GTP F . -11.31 -16.94 15.78
C4' GTP F . -10.31 -16.54 14.71
O4' GTP F . -9.12 -16.13 15.38
C3' GTP F . -9.86 -17.66 13.78
O3' GTP F . -10.76 -17.93 12.70
C2' GTP F . -8.48 -17.18 13.35
O2' GTP F . -8.58 -16.40 12.15
C1' GTP F . -8.03 -16.22 14.42
N9 GTP F . -6.81 -16.52 15.14
C8 GTP F . -5.78 -15.62 15.37
N7 GTP F . -4.81 -16.21 16.06
C5 GTP F . -5.23 -17.47 16.32
C6 GTP F . -4.59 -18.54 17.06
O6 GTP F . -3.47 -18.41 17.61
N1 GTP F . -5.31 -19.73 17.04
C2 GTP F . -6.53 -19.86 16.43
N2 GTP F . -7.23 -21.02 16.50
N3 GTP F . -7.22 -18.85 15.81
C4 GTP F . -6.52 -17.68 15.74
O2A HDV G . -13.67 18.49 -5.67
PA HDV G . -12.38 19.13 -5.43
O1A HDV G . -12.07 19.50 -4.03
O3A HDV G . -12.11 20.53 -6.22
PB HDV G . -13.14 21.41 -7.12
O1B HDV G . -14.05 20.57 -7.85
O2B HDV G . -12.16 22.18 -7.92
O3B HDV G . -14.03 22.14 -6.01
PG HDV G . -14.10 23.70 -5.66
O3G HDV G . -13.62 24.45 -6.83
O2G HDV G . -13.20 23.94 -4.55
O1G HDV G . -15.53 23.81 -5.29
O5' HDV G . -11.22 18.22 -6.10
C5' HDV G . -9.87 18.50 -5.99
C4' HDV G . -9.11 17.19 -6.19
C3' HDV G . -9.29 16.51 -7.48
O3' HDV G . -8.06 15.94 -7.89
C2' HDV G . -10.28 15.40 -7.23
F2' HDV G . -11.63 15.84 -7.44
C1' HDV G . -10.16 14.98 -5.79
O4' HDV G . -9.58 16.25 -5.14
N9 HDV G . -11.34 14.68 -4.97
C4 HDV G . -11.28 13.75 -4.01
C5 HDV G . -12.53 13.84 -3.34
N7 HDV G . -13.30 14.85 -4.04
C8 HDV G . -12.50 15.33 -5.00
N3 HDV G . -10.35 12.95 -3.58
C2 HDV G . -10.74 12.22 -2.51
CL2 HDV G . -9.76 11.31 -1.94
N1 HDV G . -11.88 12.23 -1.89
C6 HDV G . -12.78 13.05 -2.25
N6 HDV G . -14.04 13.09 -1.59
PG GTP H . 21.37 11.27 20.49
O1G GTP H . 20.69 11.58 19.19
O2G GTP H . 22.84 11.81 20.37
O3G GTP H . 20.57 11.72 21.72
O3B GTP H . 21.55 9.71 20.68
PB GTP H . 21.45 8.46 19.78
O1B GTP H . 21.32 8.91 18.35
O2B GTP H . 22.54 7.55 20.11
O3A GTP H . 20.01 7.75 20.26
PA GTP H . 18.56 8.30 20.02
O1A GTP H . 18.50 9.47 19.14
O2A GTP H . 17.91 8.58 21.32
O5' GTP H . 17.84 6.98 19.45
C5' GTP H . 17.89 6.66 18.06
C4' GTP H . 16.53 6.87 17.38
O4' GTP H . 15.61 6.01 18.04
C3' GTP H . 15.90 8.24 17.52
O3' GTP H . 16.40 9.09 16.51
C2' GTP H . 14.44 7.92 17.34
O2' GTP H . 14.03 7.98 15.97
C1' GTP H . 14.28 6.47 17.76
N9 GTP H . 13.38 6.18 18.84
C8 GTP H . 12.39 5.22 18.83
N7 GTP H . 11.75 5.18 20.00
C5 GTP H . 12.34 6.14 20.80
C6 GTP H . 12.18 6.54 22.18
O6 GTP H . 11.28 6.05 22.91
N1 GTP H . 13.01 7.58 22.61
C2 GTP H . 13.95 8.13 21.83
N2 GTP H . 14.73 9.09 22.36
N3 GTP H . 14.22 7.73 20.56
C4 GTP H . 13.43 6.71 20.07
MG MG I . -12.47 9.97 21.22
MG MG J . -6.53 6.97 21.19
NA NA K . -12.30 17.38 3.41
NA NA L . -17.99 10.72 0.27
NA NA M . -24.82 -18.56 15.90
NA NA N . -25.74 -0.07 28.10
NA NA O . -11.71 -21.92 31.59
NA NA P . -14.76 -23.75 32.51
N GLY Q . -25.59 22.04 20.90
CA GLY Q . -25.00 22.81 19.73
C GLY Q . -23.56 22.39 19.50
O GLY Q . -23.15 22.12 18.38
OXT GLY Q . -22.78 22.28 20.44
C1 SIN R . -13.43 -23.32 29.45
O1 SIN R . -12.49 -22.89 28.80
O2 SIN R . -13.47 -22.89 30.61
C2 SIN R . -14.49 -24.30 28.91
C3 SIN R . -13.91 -25.66 28.51
C4 SIN R . -14.09 -26.99 29.23
O3 SIN R . -15.22 -27.41 29.52
O4 SIN R . -13.07 -27.69 29.47
O2A HDV S . 13.74 12.20 -19.27
PA HDV S . 13.64 11.69 -17.93
O1A HDV S . 12.34 11.92 -17.29
O3A HDV S . 14.62 12.42 -16.86
PB HDV S . 16.21 12.33 -16.82
O1B HDV S . 16.67 13.55 -16.09
O2B HDV S . 16.78 12.28 -18.20
O3B HDV S . 16.43 11.01 -15.94
PG HDV S . 17.73 10.65 -15.04
O3G HDV S . 18.81 10.23 -15.94
O2G HDV S . 17.37 9.47 -14.22
O1G HDV S . 18.15 11.78 -14.28
O5' HDV S . 13.95 10.12 -17.75
C5' HDV S . 13.42 9.55 -16.57
C4' HDV S . 12.04 8.93 -16.79
C3' HDV S . 11.75 7.73 -15.93
O3' HDV S . 10.31 7.63 -15.74
C2' HDV S . 12.23 6.64 -16.74
F2' HDV S . 13.59 6.46 -16.42
C1' HDV S . 11.96 6.96 -18.15
O4' HDV S . 11.89 8.43 -18.15
N9 HDV S . 12.99 6.52 -19.05
C4 HDV S . 12.73 5.54 -19.91
C5 HDV S . 13.96 5.40 -20.62
N7 HDV S . 14.91 6.36 -20.06
C8 HDV S . 14.23 7.02 -19.14
N3 HDV S . 11.68 4.75 -20.13
C2 HDV S . 11.75 3.78 -21.05
CL2 HDV S . 10.50 2.88 -21.27
N1 HDV S . 12.89 3.66 -21.77
C6 HDV S . 13.99 4.42 -21.60
N6 HDV S . 15.25 4.31 -22.34
PG GTP T . 7.05 -14.97 -26.47
O1G GTP T . 5.69 -15.20 -26.96
O2G GTP T . 8.18 -15.72 -27.09
O3G GTP T . 6.96 -15.16 -24.98
O3B GTP T . 7.33 -13.45 -26.92
PB GTP T . 8.09 -12.27 -26.25
O1B GTP T . 9.07 -11.68 -27.23
O2B GTP T . 8.69 -12.76 -24.95
O3A GTP T . 6.91 -11.15 -26.01
PA GTP T . 5.64 -11.37 -25.11
O1A GTP T . 4.38 -11.33 -25.89
O2A GTP T . 5.82 -12.52 -24.25
O5' GTP T . 5.72 -9.89 -24.37
C5' GTP T . 6.47 -9.63 -23.15
C4' GTP T . 5.51 -9.52 -21.94
O4' GTP T . 4.60 -8.45 -22.16
C3' GTP T . 4.60 -10.67 -21.69
O3' GTP T . 5.19 -11.76 -21.02
C2' GTP T . 3.43 -10.08 -20.90
O2' GTP T . 3.79 -10.10 -19.50
C1' GTP T . 3.46 -8.65 -21.29
N9 GTP T . 2.31 -8.02 -21.95
C8 GTP T . 1.73 -6.85 -21.62
N7 GTP T . 0.71 -6.57 -22.46
C5 GTP T . 0.64 -7.63 -23.30
C6 GTP T . -0.24 -7.94 -24.45
O6 GTP T . -1.12 -7.13 -24.76
N1 GTP T . -0.01 -9.07 -25.08
C2 GTP T . 1.01 -9.92 -24.72
N2 GTP T . 1.20 -11.03 -25.43
N3 GTP T . 1.84 -9.69 -23.71
C4 GTP T . 1.67 -8.56 -22.99
MG MG U . -12.39 24.25 -8.49
O2A HDV V . 18.25 8.55 11.51
PA HDV V . 18.47 7.67 12.69
O1A HDV V . 19.38 6.56 12.44
O3A HDV V . 18.95 8.67 13.81
PB HDV V . 19.81 8.41 15.16
O1B HDV V . 19.10 9.23 16.14
O2B HDV V . 20.12 7.02 15.39
O3B HDV V . 21.17 9.13 14.74
PG HDV V . 21.62 10.72 14.94
O3G HDV V . 20.97 11.54 14.00
O2G HDV V . 23.09 10.62 14.65
O1G HDV V . 21.35 11.08 16.30
O5' HDV V . 17.04 7.13 13.25
C5' HDV V . 15.89 7.95 13.28
C4' HDV V . 14.75 7.09 12.86
C3' HDV V . 14.59 5.79 13.63
O3' HDV V . 13.14 5.63 13.79
C2' HDV V . 15.07 4.71 12.72
F2' HDV V . 16.43 4.45 12.94
C1' HDV V . 14.95 5.17 11.30
O4' HDV V . 14.99 6.67 11.45
N9 HDV V . 15.97 4.90 10.31
C4 HDV V . 15.68 4.69 9.03
C5 HDV V . 16.94 4.50 8.38
N7 HDV V . 17.94 4.65 9.35
C8 HDV V . 17.30 4.92 10.50
N3 HDV V . 14.56 4.62 8.34
C2 HDV V . 14.69 4.48 7.02
CL2 HDV V . 13.44 4.46 6.16
N1 HDV V . 15.80 4.33 6.37
C6 HDV V . 16.93 4.37 6.98
N6 HDV V . 18.13 4.26 6.26
MG MG W . 19.97 10.30 17.72
MG MG X . 17.99 13.83 -14.54
MG MG Y . 11.46 13.34 -15.71
NA NA Z . 18.61 10.02 2.86
NA NA AA . 21.03 1.99 3.07
NA NA BA . -2.37 29.38 -26.41
NA NA CA . 29.91 35.29 -8.38
N GLY DA . 6.06 -6.21 -40.31
CA GLY DA . 6.49 -6.32 -38.89
C GLY DA . 7.31 -7.58 -38.78
O GLY DA . 8.19 -7.82 -39.64
OXT GLY DA . 7.12 -8.39 -37.87
N GLY EA . -1.29 -11.73 -38.00
CA GLY EA . -2.70 -11.90 -38.47
C GLY EA . -2.95 -11.17 -39.77
O GLY EA . -3.96 -11.41 -40.47
OXT GLY EA . -2.12 -10.32 -40.16
P PO4 FA . 31.92 18.56 -8.08
O1 PO4 FA . 32.56 17.99 -9.32
O2 PO4 FA . 32.50 19.96 -7.93
O3 PO4 FA . 32.18 17.78 -6.82
O4 PO4 FA . 30.43 18.53 -8.29
O2A HDV GA . -14.03 -15.08 9.72
PA HDV GA . -13.68 -14.81 11.11
O1A HDV GA . -14.51 -13.85 11.75
O3A HDV GA . -13.53 -16.28 11.82
PB HDV GA . -14.24 -16.85 13.16
O1B HDV GA . -14.55 -15.83 14.14
O2B HDV GA . -13.40 -17.98 13.50
O3B HDV GA . -15.68 -17.24 12.59
PG HDV GA . -16.36 -18.72 12.36
O3G HDV GA . -16.15 -19.05 10.95
O2G HDV GA . -17.76 -18.45 12.59
O1G HDV GA . -15.66 -19.69 13.12
O5' HDV GA . -12.12 -14.33 11.34
C5' HDV GA . -11.14 -14.94 10.56
C4' HDV GA . -10.01 -13.93 10.34
C3' HDV GA . -9.46 -13.30 11.57
O3' HDV GA . -8.03 -13.14 11.42
C2' HDV GA . -10.08 -11.96 11.69
F2' HDV GA . -11.18 -12.04 12.53
C1' HDV GA . -10.48 -11.54 10.32
O4' HDV GA . -10.55 -12.82 9.55
N9 HDV GA . -11.72 -10.83 10.04
C4 HDV GA . -11.78 -9.95 9.06
C5 HDV GA . -13.15 -9.59 8.98
N7 HDV GA . -13.79 -10.26 9.99
C8 HDV GA . -12.90 -11.05 10.60
N3 HDV GA . -10.92 -9.44 8.23
C2 HDV GA . -11.43 -8.59 7.31
CL2 HDV GA . -10.52 -8.00 6.31
N1 HDV GA . -12.68 -8.18 7.22
C6 HDV GA . -13.57 -8.64 8.03
N6 HDV GA . -14.94 -8.28 7.94
O2A HDV HA . -19.51 -0.13 -17.40
PA HDV HA . -18.97 -0.47 -16.12
O1A HDV HA . -17.54 -0.90 -16.33
O3A HDV HA . -19.57 -1.78 -15.44
PB HDV HA . -21.08 -1.79 -15.00
O1B HDV HA . -21.39 -3.26 -14.88
O2B HDV HA . -22.10 -1.09 -15.80
O3B HDV HA . -20.94 -1.22 -13.50
PG HDV HA . -21.80 -1.55 -12.19
O3G HDV HA . -23.04 -0.76 -12.27
O2G HDV HA . -22.06 -2.96 -12.01
O1G HDV HA . -21.10 -1.08 -11.00
O5' HDV HA . -19.06 0.69 -15.00
C5' HDV HA . -18.03 0.60 -14.02
C4' HDV HA . -16.79 1.36 -14.33
C3' HDV HA . -16.13 1.86 -13.08
O3' HDV HA . -14.70 1.94 -13.27
C2' HDV HA . -16.72 3.19 -12.88
F2' HDV HA . -17.91 2.99 -12.17
C1' HDV HA . -16.95 3.72 -14.24
O4' HDV HA . -17.09 2.56 -15.14
N9 HDV HA . -18.16 4.49 -14.36
C4 HDV HA . -18.09 5.81 -14.56
C5 HDV HA . -19.44 6.20 -14.68
N7 HDV HA . -20.24 5.02 -14.58
C8 HDV HA . -19.40 3.98 -14.37
N3 HDV HA . -17.09 6.70 -14.65
C2 HDV HA . -17.32 8.00 -14.86
CL2 HDV HA . -16.13 8.98 -14.91
N1 HDV HA . -18.60 8.39 -14.99
C6 HDV HA . -19.63 7.55 -14.91
N6 HDV HA . -21.00 8.01 -15.02
PG GTP IA . -12.71 26.90 -10.18
O1G GTP IA . -11.50 27.47 -10.80
O2G GTP IA . -13.84 27.84 -9.93
O3G GTP IA . -12.22 26.28 -8.88
O3B GTP IA . -13.17 25.90 -11.34
PB GTP IA . -13.86 24.52 -11.25
O1B GTP IA . -15.15 24.48 -12.04
O2B GTP IA . -14.02 24.09 -9.80
O3A GTP IA . -12.78 23.61 -12.02
PA GTP IA . -11.30 23.31 -11.49
O1A GTP IA . -10.45 23.82 -12.57
O2A GTP IA . -11.11 23.77 -10.04
O5' GTP IA . -11.24 21.70 -11.72
C5' GTP IA . -11.67 20.75 -10.77
C4' GTP IA . -10.43 20.04 -10.13
O4' GTP IA . -9.75 19.41 -11.18
C3' GTP IA . -9.33 20.93 -9.58
O3' GTP IA . -9.65 21.37 -8.27
C2' GTP IA . -8.08 20.07 -9.69
O2' GTP IA . -7.90 19.27 -8.50
C1' GTP IA . -8.42 19.09 -10.81
N9 GTP IA . -7.57 19.05 -11.97
C8 GTP IA . -7.03 17.94 -12.50
N7 GTP IA . -6.30 18.27 -13.57
C5 GTP IA . -6.44 19.61 -13.76
C6 GTP IA . -5.93 20.57 -14.72
O6 GTP IA . -5.25 20.22 -15.69
N1 GTP IA . -6.25 21.84 -14.52
C2 GTP IA . -7.02 22.26 -13.53
N2 GTP IA . -7.28 23.56 -13.40
N3 GTP IA . -7.52 21.45 -12.57
C4 GTP IA . -7.21 20.13 -12.68
MG MG JA . -22.23 -4.49 -13.43
NA NA KA . -24.46 -13.10 -15.60
NA NA LA . -5.23 9.82 -31.49
NA NA MA . -22.78 -0.75 5.74
NA NA NA . -20.09 -11.96 13.30
N GLY OA . -19.66 -6.99 9.98
CA GLY OA . -18.84 -6.50 8.84
C GLY OA . -19.01 -5.04 8.46
O GLY OA . -18.43 -4.70 7.39
OXT GLY OA . -19.69 -4.19 9.15
C1 SIN PA . -17.15 26.85 -25.08
O1 SIN PA . -16.88 27.33 -26.22
O2 SIN PA . -17.92 25.87 -25.00
C2 SIN PA . -16.57 27.44 -23.79
C3 SIN PA . -17.63 28.01 -22.86
C4 SIN PA . -17.36 29.42 -22.33
O3 SIN PA . -16.71 30.27 -22.95
O4 SIN PA . -17.86 29.77 -21.25
MG MG QA . -13.88 -19.87 14.21
O2A HDV RA . 10.05 -10.41 -18.61
PA HDV RA . 8.90 -11.22 -18.39
O1A HDV RA . 8.98 -12.26 -17.37
O3A HDV RA . 8.31 -11.94 -19.72
PB HDV RA . 8.94 -12.03 -21.15
O1B HDV RA . 9.61 -10.80 -21.56
O2B HDV RA . 7.72 -12.40 -21.92
O3B HDV RA . 10.01 -13.16 -21.06
PG HDV RA . 10.00 -14.67 -21.69
O3G HDV RA . 9.11 -14.74 -22.89
O2G HDV RA . 9.50 -15.57 -20.69
O1G HDV RA . 11.46 -14.87 -21.95
O5' HDV RA . 7.66 -10.17 -18.21
C5' HDV RA . 6.46 -10.71 -17.68
C4' HDV RA . 5.75 -9.57 -16.91
C3' HDV RA . 5.60 -8.23 -17.60
O3' HDV RA . 4.31 -7.67 -17.21
C2' HDV RA . 6.69 -7.33 -17.11
F2' HDV RA . 7.87 -7.44 -17.93
C1' HDV RA . 7.00 -7.81 -15.74
O4' HDV RA . 6.67 -9.24 -15.81
N9 HDV RA . 8.37 -7.89 -15.27
C4 HDV RA . 8.68 -7.66 -13.99
C5 HDV RA . 10.08 -7.89 -13.88
N7 HDV RA . 10.61 -8.22 -15.17
C8 HDV RA . 9.52 -8.24 -15.97
N3 HDV RA . 8.00 -7.34 -12.92
C2 HDV RA . 8.76 -7.23 -11.80
CL2 HDV RA . 8.06 -6.88 -10.53
N1 HDV RA . 10.05 -7.43 -11.64
C6 HDV RA . 10.75 -7.77 -12.65
N6 HDV RA . 12.15 -7.99 -12.56
MG MG SA . 7.46 -13.72 -23.58
O2A HDV TA . 14.92 -15.18 11.66
PA HDV TA . 16.37 -15.45 11.64
O1A HDV TA . 16.55 -16.15 12.86
O3A HDV TA . 16.43 -16.36 10.36
PB HDV TA . 17.90 -16.72 9.72
O1B HDV TA . 18.93 -17.01 10.73
O2B HDV TA . 17.56 -17.88 8.89
O3B HDV TA . 18.15 -15.44 8.80
PG HDV TA . 18.88 -15.41 7.35
O3G HDV TA . 18.53 -16.54 6.53
O2G HDV TA . 20.36 -15.36 7.71
O1G HDV TA . 18.53 -14.17 6.66
O5' HDV TA . 16.97 -13.96 11.28
C5' HDV TA . 15.98 -13.24 10.47
C4' HDV TA . 15.06 -12.29 11.25
C3' HDV TA . 14.79 -11.02 10.49
O3' HDV TA . 13.49 -10.52 10.89
C2' HDV TA . 15.91 -10.14 10.89
F2' HDV TA . 16.98 -10.43 9.95
C1' HDV TA . 16.18 -10.46 12.30
O4' HDV TA . 15.75 -11.84 12.44
N9 HDV TA . 17.56 -10.40 12.68
C4 HDV TA . 17.96 -9.49 13.53
C5 HDV TA . 19.37 -9.74 13.60
N7 HDV TA . 19.64 -10.88 12.81
C8 HDV TA . 18.52 -11.25 12.22
N3 HDV TA . 17.37 -8.44 14.10
C2 HDV TA . 18.17 -7.64 14.89
CL2 HDV TA . 17.42 -6.44 15.58
N1 HDV TA . 19.48 -7.91 15.03
C6 HDV TA . 20.10 -8.92 14.44
N6 HDV TA . 21.53 -9.25 14.55
MG MG UA . 17.99 -18.48 6.89
NA NA VA . 16.50 -27.16 4.08
NA NA WA . 5.86 -9.88 31.53
NA NA XA . 7.20 -6.59 -8.51
NA NA YA . 11.08 -39.27 13.97
NA NA ZA . 26.46 -18.57 33.51
NA NA AB . 8.76 -14.39 34.01
NA NA BB . 7.96 -31.65 30.99
NA NA CB . 10.23 -15.85 35.77
NA NA DB . 6.80 -43.10 3.47
N GLY EB . 16.53 -6.78 -10.70
CA GLY EB . 17.60 -6.08 -11.50
C GLY EB . 17.82 -6.95 -12.69
O GLY EB . 18.91 -6.90 -13.30
OXT GLY EB . 16.83 -7.71 -12.98
N GLY FB . 19.64 -43.39 4.36
CA GLY FB . 18.62 -44.29 4.98
C GLY FB . 17.19 -43.86 4.67
O GLY FB . 16.39 -44.54 4.02
OXT GLY FB . 16.75 -42.80 5.07
N GLY GB . 4.63 -41.54 -0.91
CA GLY GB . 5.16 -41.04 0.39
C GLY GB . 4.98 -39.53 0.57
O GLY GB . 3.86 -39.07 0.36
OXT GLY GB . 5.92 -38.81 0.94
O16 TCE HB . 11.76 -42.98 -4.07
C14 TCE HB . 11.99 -43.82 -3.19
O15 TCE HB . 13.18 -44.21 -2.96
C5 TCE HB . 10.82 -44.35 -2.39
C2 TCE HB . 9.49 -43.63 -2.70
P TCE HB . 8.47 -43.59 -1.15
C3 TCE HB . 9.23 -42.80 0.37
C6 TCE HB . 9.87 -43.84 1.32
C8 TCE HB . 11.22 -43.39 1.87
O10 TCE HB . 12.22 -43.42 1.11
O9 TCE HB . 11.39 -43.01 3.06
C1 TCE HB . 6.74 -44.30 -1.11
C4 TCE HB . 6.30 -44.48 0.34
C11 TCE HB . 5.00 -45.24 0.59
O12 TCE HB . 5.03 -46.26 1.34
O13 TCE HB . 3.94 -44.81 0.07
#